data_1QPR
#
_entry.id   1QPR
#
_cell.length_a   100.448
_cell.length_b   100.448
_cell.length_c   145.792
_cell.angle_alpha   90.00
_cell.angle_beta   90.00
_cell.angle_gamma   120.00
#
_symmetry.space_group_name_H-M   'P 31'
#
loop_
_entity.id
_entity.type
_entity.pdbx_description
1 polymer 'QUINOLINIC ACID PHOSPHORIBOSYLTRANSFERASE'
2 non-polymer 'MANGANESE (II) ION'
3 non-polymer 'PHTHALIC ACID'
4 non-polymer 1-O-[(R)-hydroxy(phosphonomethyl)phosphoryl]-5-O-phosphono-alpha-D-ribofuranose
5 water water
#
_entity_poly.entity_id   1
_entity_poly.type   'polypeptide(L)'
_entity_poly.pdbx_seq_one_letter_code
;GLSDWELAAARAAIARGLDEDLRYGPDVTTLATVPASATTTASLVTREAGVVAGLDVALLTLNEVLGTNGYRVLDRVEDG
ARVPPGEALMTLEAQTRGLLTAERTMLNLVGHLSGIATATAAWVDAVRGTKAKIRDTRKTLPGLRALQKYAVRTGGGVNH
RLGLGDAALIKDNHVAAAGSVVDALRAVRNAAPDLPCEVEVDSLEQLDAVLPEKPELILLDNFAVWQTQTAVQRRDSRAP
TVMLESSGGLSLQTAATYAETGVDYLAVGALTHSVRVLDIGLDM
;
_entity_poly.pdbx_strand_id   A,B,C,D,E,F
#
# COMPACT_ATOMS: atom_id res chain seq x y z
N GLY A 1 31.40 -0.49 -29.88
CA GLY A 1 30.62 -0.13 -28.68
C GLY A 1 31.58 -0.05 -27.50
N LEU A 2 32.20 -1.17 -27.18
CA LEU A 2 33.14 -1.20 -26.10
C LEU A 2 34.46 -0.61 -26.56
N SER A 3 35.11 0.15 -25.67
CA SER A 3 36.40 0.74 -25.97
C SER A 3 37.44 -0.35 -25.72
N ASP A 4 38.70 0.02 -25.88
CA ASP A 4 39.82 -0.89 -25.71
C ASP A 4 39.96 -1.46 -24.31
N TRP A 5 39.89 -0.59 -23.29
CA TRP A 5 40.07 -1.08 -21.93
C TRP A 5 38.84 -1.79 -21.43
N GLU A 6 37.68 -1.39 -21.96
CA GLU A 6 36.44 -2.05 -21.62
C GLU A 6 36.46 -3.45 -22.23
N LEU A 7 36.98 -3.53 -23.45
CA LEU A 7 37.08 -4.80 -24.20
C LEU A 7 38.00 -5.77 -23.52
N ALA A 8 39.11 -5.25 -23.03
CA ALA A 8 40.09 -6.06 -22.34
C ALA A 8 39.53 -6.51 -21.01
N ALA A 9 38.67 -5.68 -20.43
CA ALA A 9 38.03 -5.96 -19.15
C ALA A 9 36.99 -7.04 -19.36
N ALA A 10 36.19 -6.91 -20.42
CA ALA A 10 35.17 -7.88 -20.74
C ALA A 10 35.85 -9.21 -20.97
N ARG A 11 36.90 -9.22 -21.77
CA ARG A 11 37.61 -10.47 -22.03
C ARG A 11 38.11 -11.13 -20.76
N ALA A 12 38.62 -10.33 -19.83
CA ALA A 12 39.12 -10.87 -18.58
C ALA A 12 37.97 -11.44 -17.76
N ALA A 13 36.82 -10.75 -17.79
CA ALA A 13 35.69 -11.21 -17.01
C ALA A 13 35.14 -12.51 -17.60
N ILE A 14 34.97 -12.55 -18.93
CA ILE A 14 34.43 -13.75 -19.54
C ILE A 14 35.34 -14.94 -19.28
N ALA A 15 36.65 -14.72 -19.32
CA ALA A 15 37.62 -15.78 -19.05
C ALA A 15 37.50 -16.29 -17.60
N ARG A 16 37.36 -15.38 -16.63
CA ARG A 16 37.21 -15.80 -15.23
C ARG A 16 35.87 -16.55 -15.11
N GLY A 17 34.86 -16.08 -15.82
CA GLY A 17 33.59 -16.77 -15.77
C GLY A 17 33.68 -18.21 -16.26
N LEU A 18 34.24 -18.41 -17.45
CA LEU A 18 34.38 -19.77 -18.03
C LEU A 18 35.25 -20.66 -17.17
N ASP A 19 36.30 -20.11 -16.60
CA ASP A 19 37.12 -20.92 -15.77
C ASP A 19 36.33 -21.43 -14.56
N GLU A 20 35.44 -20.65 -14.00
CA GLU A 20 34.66 -21.10 -12.84
C GLU A 20 33.77 -22.28 -13.19
N ASP A 21 33.24 -22.27 -14.41
CA ASP A 21 32.36 -23.35 -14.90
C ASP A 21 33.05 -24.63 -15.31
N LEU A 22 34.25 -24.47 -15.85
CA LEU A 22 35.04 -25.59 -16.37
C LEU A 22 36.11 -26.16 -15.48
N ARG A 23 36.37 -25.53 -14.35
CA ARG A 23 37.44 -26.04 -13.51
C ARG A 23 37.16 -27.38 -12.83
N TYR A 24 35.94 -27.90 -12.90
CA TYR A 24 35.65 -29.18 -12.25
C TYR A 24 35.54 -30.30 -13.24
N GLY A 25 35.74 -30.00 -14.51
CA GLY A 25 35.62 -31.03 -15.53
C GLY A 25 34.88 -30.41 -16.68
N PRO A 26 34.75 -31.09 -17.81
CA PRO A 26 34.03 -30.47 -18.93
C PRO A 26 32.52 -30.50 -18.72
N ASP A 27 31.79 -29.89 -19.65
CA ASP A 27 30.35 -29.85 -19.55
C ASP A 27 29.84 -31.24 -19.85
N VAL A 28 29.88 -32.11 -18.87
CA VAL A 28 29.46 -33.50 -19.06
C VAL A 28 28.05 -33.72 -19.62
N THR A 29 27.09 -32.93 -19.16
CA THR A 29 25.72 -33.13 -19.63
C THR A 29 25.52 -32.74 -21.11
N THR A 30 26.26 -31.75 -21.61
CA THR A 30 26.15 -31.32 -23.02
C THR A 30 26.82 -32.30 -23.97
N LEU A 31 28.01 -32.75 -23.57
CA LEU A 31 28.78 -33.70 -24.36
C LEU A 31 28.00 -34.98 -24.53
N ALA A 32 27.33 -35.38 -23.46
CA ALA A 32 26.52 -36.59 -23.50
C ALA A 32 25.19 -36.46 -24.29
N THR A 33 24.52 -35.32 -24.19
CA THR A 33 23.23 -35.13 -24.87
C THR A 33 23.23 -34.54 -26.30
N VAL A 34 24.22 -33.69 -26.62
CA VAL A 34 24.25 -33.11 -27.96
C VAL A 34 25.49 -33.43 -28.75
N PRO A 35 25.31 -33.85 -30.01
CA PRO A 35 26.40 -34.19 -30.92
C PRO A 35 27.25 -33.00 -31.36
N ALA A 36 28.48 -33.29 -31.74
CA ALA A 36 29.38 -32.24 -32.15
C ALA A 36 28.92 -31.50 -33.39
N SER A 37 28.18 -32.18 -34.24
CA SER A 37 27.73 -31.55 -35.48
C SER A 37 26.45 -30.77 -35.30
N ALA A 38 25.88 -30.80 -34.09
CA ALA A 38 24.64 -30.08 -33.84
C ALA A 38 24.79 -28.58 -34.04
N THR A 39 23.75 -27.97 -34.54
CA THR A 39 23.73 -26.56 -34.81
C THR A 39 22.30 -26.09 -34.63
N THR A 40 22.14 -24.93 -33.99
CA THR A 40 20.82 -24.38 -33.79
C THR A 40 20.84 -22.90 -34.00
N THR A 41 19.63 -22.38 -33.96
CA THR A 41 19.38 -20.97 -34.05
C THR A 41 18.87 -20.71 -32.65
N ALA A 42 19.44 -19.75 -31.96
CA ALA A 42 19.02 -19.46 -30.61
C ALA A 42 18.81 -17.96 -30.47
N SER A 43 18.05 -17.55 -29.47
CA SER A 43 17.84 -16.13 -29.26
C SER A 43 17.97 -15.80 -27.81
N LEU A 44 18.53 -14.62 -27.52
CA LEU A 44 18.64 -14.19 -26.13
C LEU A 44 17.36 -13.40 -26.05
N VAL A 45 16.43 -13.79 -25.18
CA VAL A 45 15.20 -13.02 -25.10
C VAL A 45 14.93 -12.61 -23.67
N THR A 46 14.46 -11.38 -23.48
CA THR A 46 14.14 -10.90 -22.12
C THR A 46 12.86 -11.45 -21.56
N ARG A 47 12.91 -11.84 -20.30
CA ARG A 47 11.74 -12.30 -19.62
C ARG A 47 11.05 -11.06 -19.03
N GLU A 48 11.74 -9.92 -19.06
CA GLU A 48 11.20 -8.68 -18.53
C GLU A 48 11.58 -7.45 -19.30
N ALA A 49 10.95 -6.31 -18.99
CA ALA A 49 11.23 -5.04 -19.71
C ALA A 49 12.42 -4.37 -19.12
N GLY A 50 13.13 -3.59 -19.93
CA GLY A 50 14.32 -2.93 -19.42
C GLY A 50 15.14 -2.38 -20.56
N VAL A 51 16.35 -1.92 -20.25
CA VAL A 51 17.26 -1.35 -21.22
C VAL A 51 18.37 -2.38 -21.37
N VAL A 52 18.76 -2.65 -22.61
CA VAL A 52 19.79 -3.64 -22.89
C VAL A 52 21.20 -3.05 -22.94
N ALA A 53 22.15 -3.78 -22.39
CA ALA A 53 23.53 -3.35 -22.37
C ALA A 53 24.39 -4.58 -22.20
N GLY A 54 25.50 -4.61 -22.91
CA GLY A 54 26.42 -5.73 -22.79
C GLY A 54 26.32 -6.79 -23.86
N LEU A 55 25.56 -6.53 -24.92
CA LEU A 55 25.43 -7.53 -26.00
C LEU A 55 26.76 -7.93 -26.63
N ASP A 56 27.70 -6.99 -26.74
CA ASP A 56 29.00 -7.30 -27.31
C ASP A 56 29.71 -8.30 -26.44
N VAL A 57 29.49 -8.22 -25.14
CA VAL A 57 30.12 -9.17 -24.23
C VAL A 57 29.65 -10.59 -24.54
N ALA A 58 28.42 -10.74 -25.04
CA ALA A 58 27.85 -12.04 -25.36
C ALA A 58 28.63 -12.57 -26.53
N LEU A 59 28.84 -11.71 -27.52
CA LEU A 59 29.61 -12.09 -28.68
C LEU A 59 31.03 -12.50 -28.26
N LEU A 60 31.66 -11.72 -27.38
CA LEU A 60 33.01 -12.04 -26.93
C LEU A 60 33.04 -13.37 -26.24
N THR A 61 31.94 -13.75 -25.59
CA THR A 61 31.89 -15.06 -24.91
C THR A 61 31.84 -16.20 -25.93
N LEU A 62 31.16 -15.97 -27.05
CA LEU A 62 31.06 -16.95 -28.10
C LEU A 62 32.40 -17.05 -28.83
N ASN A 63 33.05 -15.93 -29.09
CA ASN A 63 34.33 -15.96 -29.78
C ASN A 63 35.25 -16.83 -28.96
N GLU A 64 35.17 -16.67 -27.66
CA GLU A 64 36.02 -17.43 -26.78
C GLU A 64 35.69 -18.90 -26.76
N VAL A 65 34.41 -19.26 -26.83
CA VAL A 65 34.00 -20.67 -26.77
C VAL A 65 33.89 -21.40 -28.12
N LEU A 66 33.42 -20.69 -29.13
CA LEU A 66 33.25 -21.23 -30.48
C LEU A 66 34.23 -20.66 -31.52
N GLY A 67 34.90 -19.57 -31.20
CA GLY A 67 35.79 -18.96 -32.15
C GLY A 67 34.96 -18.08 -33.06
N THR A 68 35.58 -17.05 -33.60
CA THR A 68 34.91 -16.10 -34.47
C THR A 68 34.03 -16.72 -35.54
N ASN A 69 34.56 -17.74 -36.21
CA ASN A 69 33.83 -18.41 -37.29
C ASN A 69 33.00 -19.58 -36.77
N GLY A 70 32.66 -19.53 -35.50
CA GLY A 70 31.89 -20.61 -34.93
C GLY A 70 30.42 -20.32 -34.87
N TYR A 71 30.04 -19.11 -35.22
CA TYR A 71 28.64 -18.72 -35.16
C TYR A 71 28.29 -17.62 -36.13
N ARG A 72 27.00 -17.36 -36.26
CA ARG A 72 26.48 -16.34 -37.13
C ARG A 72 25.34 -15.62 -36.42
N VAL A 73 25.42 -14.29 -36.41
CA VAL A 73 24.40 -13.43 -35.81
C VAL A 73 23.39 -13.06 -36.90
N LEU A 74 22.20 -13.64 -36.84
CA LEU A 74 21.18 -13.34 -37.82
C LEU A 74 20.54 -11.97 -37.55
N ASP A 75 20.50 -11.59 -36.28
CA ASP A 75 19.89 -10.33 -35.88
C ASP A 75 20.26 -9.92 -34.46
N ARG A 76 20.30 -8.61 -34.23
CA ARG A 76 20.61 -8.07 -32.92
C ARG A 76 20.05 -6.68 -32.72
N VAL A 77 19.84 -6.36 -31.47
CA VAL A 77 19.31 -5.08 -31.07
C VAL A 77 20.56 -4.27 -30.68
N GLU A 78 20.43 -2.97 -30.57
CA GLU A 78 21.57 -2.15 -30.19
C GLU A 78 21.62 -1.97 -28.66
N ASP A 79 22.81 -1.83 -28.11
CA ASP A 79 22.95 -1.61 -26.69
C ASP A 79 22.27 -0.30 -26.37
N GLY A 80 21.49 -0.28 -25.29
CA GLY A 80 20.78 0.92 -24.91
C GLY A 80 19.33 0.96 -25.41
N ALA A 81 18.89 -0.13 -26.02
CA ALA A 81 17.55 -0.21 -26.53
C ALA A 81 16.60 -0.49 -25.39
N ARG A 82 15.49 0.22 -25.37
CA ARG A 82 14.44 0.03 -24.36
C ARG A 82 13.71 -1.19 -24.91
N VAL A 83 13.52 -2.19 -24.09
CA VAL A 83 12.97 -3.43 -24.58
C VAL A 83 11.85 -4.01 -23.71
N PRO A 84 10.82 -4.57 -24.33
CA PRO A 84 9.66 -5.19 -23.67
C PRO A 84 9.90 -6.67 -23.35
N PRO A 85 9.00 -7.29 -22.57
CA PRO A 85 9.17 -8.71 -22.22
C PRO A 85 9.02 -9.54 -23.49
N GLY A 86 9.82 -10.60 -23.61
CA GLY A 86 9.72 -11.44 -24.79
C GLY A 86 10.42 -10.95 -26.03
N GLU A 87 11.15 -9.86 -25.92
CA GLU A 87 11.89 -9.31 -27.08
C GLU A 87 13.14 -10.14 -27.31
N ALA A 88 13.49 -10.38 -28.57
CA ALA A 88 14.69 -11.17 -28.91
C ALA A 88 15.83 -10.17 -29.11
N LEU A 89 16.75 -10.14 -28.17
CA LEU A 89 17.87 -9.21 -28.19
C LEU A 89 18.88 -9.55 -29.27
N MET A 90 19.05 -10.83 -29.55
CA MET A 90 20.00 -11.24 -30.56
C MET A 90 19.65 -12.67 -30.97
N THR A 91 19.66 -12.93 -32.27
CA THR A 91 19.37 -14.26 -32.80
C THR A 91 20.64 -14.77 -33.46
N LEU A 92 21.13 -15.92 -33.01
CA LEU A 92 22.37 -16.52 -33.51
C LEU A 92 22.13 -17.87 -34.14
N GLU A 93 23.15 -18.38 -34.83
CA GLU A 93 23.09 -19.69 -35.43
C GLU A 93 24.46 -20.17 -35.04
N ALA A 94 24.53 -21.25 -34.28
CA ALA A 94 25.84 -21.71 -33.84
C ALA A 94 25.85 -23.17 -33.41
N GLN A 95 27.04 -23.71 -33.26
CA GLN A 95 27.19 -25.09 -32.82
C GLN A 95 26.50 -25.14 -31.48
N THR A 96 25.62 -26.11 -31.32
CA THR A 96 24.87 -26.26 -30.12
C THR A 96 25.74 -26.48 -28.91
N ARG A 97 26.72 -27.36 -29.00
CA ARG A 97 27.56 -27.62 -27.83
C ARG A 97 28.21 -26.35 -27.26
N GLY A 98 28.68 -25.50 -28.16
CA GLY A 98 29.33 -24.27 -27.76
C GLY A 98 28.41 -23.32 -27.06
N LEU A 99 27.17 -23.18 -27.57
CA LEU A 99 26.16 -22.31 -26.98
C LEU A 99 25.81 -22.73 -25.55
N LEU A 100 25.55 -24.00 -25.34
CA LEU A 100 25.14 -24.50 -24.03
C LEU A 100 26.19 -24.34 -22.95
N THR A 101 27.44 -24.36 -23.39
CA THR A 101 28.55 -24.20 -22.46
C THR A 101 28.77 -22.73 -22.15
N ALA A 102 28.65 -21.87 -23.16
CA ALA A 102 28.81 -20.42 -22.99
C ALA A 102 27.62 -19.76 -22.29
N GLU A 103 26.43 -20.27 -22.56
CA GLU A 103 25.16 -19.77 -22.04
C GLU A 103 25.16 -19.07 -20.67
N ARG A 104 25.51 -19.76 -19.60
CA ARG A 104 25.45 -19.15 -18.30
C ARG A 104 26.36 -17.96 -18.09
N THR A 105 27.60 -18.05 -18.59
CA THR A 105 28.57 -16.97 -18.44
C THR A 105 28.13 -15.73 -19.19
N MET A 106 27.59 -15.92 -20.39
CA MET A 106 27.20 -14.77 -21.16
C MET A 106 25.94 -14.16 -20.62
N LEU A 107 25.06 -15.01 -20.13
CA LEU A 107 23.79 -14.58 -19.60
C LEU A 107 23.93 -13.82 -18.30
N ASN A 108 24.85 -14.27 -17.45
CA ASN A 108 25.13 -13.62 -16.18
C ASN A 108 25.71 -12.23 -16.38
N LEU A 109 26.53 -12.04 -17.42
CA LEU A 109 27.11 -10.72 -17.68
C LEU A 109 26.06 -9.79 -18.27
N VAL A 110 25.45 -10.19 -19.39
CA VAL A 110 24.43 -9.38 -20.08
C VAL A 110 23.30 -9.00 -19.13
N GLY A 111 22.96 -9.92 -18.22
CA GLY A 111 21.88 -9.70 -17.29
C GLY A 111 22.30 -8.68 -16.30
N HIS A 112 23.55 -8.76 -15.85
CA HIS A 112 24.07 -7.82 -14.87
C HIS A 112 24.18 -6.43 -15.47
N LEU A 113 24.90 -6.32 -16.56
CA LEU A 113 25.04 -5.03 -17.21
C LEU A 113 23.68 -4.41 -17.62
N SER A 114 22.70 -5.22 -17.96
CA SER A 114 21.38 -4.70 -18.37
C SER A 114 20.59 -4.24 -17.16
N GLY A 115 20.76 -4.92 -16.05
CA GLY A 115 20.08 -4.56 -14.83
C GLY A 115 20.53 -3.18 -14.43
N ILE A 116 21.82 -2.92 -14.59
CA ILE A 116 22.44 -1.62 -14.26
C ILE A 116 21.90 -0.54 -15.21
N ALA A 117 21.97 -0.81 -16.52
CA ALA A 117 21.48 0.16 -17.49
C ALA A 117 19.98 0.40 -17.30
N THR A 118 19.23 -0.61 -16.87
CA THR A 118 17.79 -0.46 -16.64
C THR A 118 17.53 0.45 -15.42
N ALA A 119 18.27 0.24 -14.34
CA ALA A 119 18.13 1.06 -13.15
C ALA A 119 18.57 2.50 -13.43
N THR A 120 19.68 2.66 -14.13
CA THR A 120 20.18 3.98 -14.49
C THR A 120 19.17 4.79 -15.25
N ALA A 121 18.53 4.16 -16.22
CA ALA A 121 17.53 4.83 -17.03
C ALA A 121 16.31 5.28 -16.22
N ALA A 122 15.99 4.60 -15.13
CA ALA A 122 14.84 4.97 -14.29
C ALA A 122 15.17 6.27 -13.54
N TRP A 123 16.43 6.40 -13.13
CA TRP A 123 16.89 7.57 -12.44
C TRP A 123 16.94 8.72 -13.41
N VAL A 124 17.42 8.43 -14.61
CA VAL A 124 17.52 9.45 -15.65
C VAL A 124 16.14 10.01 -15.99
N ASP A 125 15.15 9.13 -16.13
CA ASP A 125 13.77 9.59 -16.44
C ASP A 125 13.21 10.39 -15.28
N ALA A 126 13.58 10.01 -14.06
CA ALA A 126 13.10 10.65 -12.86
C ALA A 126 13.50 12.12 -12.79
N VAL A 127 14.70 12.46 -13.24
CA VAL A 127 15.15 13.84 -13.14
C VAL A 127 15.01 14.58 -14.45
N ARG A 128 14.22 14.02 -15.34
CA ARG A 128 13.97 14.59 -16.64
C ARG A 128 13.34 15.98 -16.42
N GLY A 129 13.63 16.90 -17.35
CA GLY A 129 13.10 18.25 -17.22
C GLY A 129 13.83 19.10 -16.21
N THR A 130 15.01 18.62 -15.85
CA THR A 130 15.88 19.20 -14.86
C THR A 130 17.25 19.22 -15.54
N LYS A 131 18.25 19.88 -14.96
CA LYS A 131 19.57 19.89 -15.59
C LYS A 131 20.51 18.87 -14.97
N ALA A 132 20.07 18.19 -13.92
CA ALA A 132 20.87 17.19 -13.20
C ALA A 132 21.21 15.99 -14.04
N LYS A 133 22.44 15.47 -13.86
CA LYS A 133 22.92 14.27 -14.56
C LYS A 133 23.12 13.25 -13.47
N ILE A 134 22.90 11.99 -13.83
CA ILE A 134 23.02 10.90 -12.89
C ILE A 134 24.44 10.38 -13.02
N ARG A 135 25.12 10.19 -11.90
CA ARG A 135 26.47 9.73 -11.93
C ARG A 135 26.63 8.54 -11.06
N ASP A 136 27.70 7.80 -11.26
CA ASP A 136 27.97 6.63 -10.46
C ASP A 136 29.04 6.94 -9.39
N THR A 137 29.52 5.88 -8.74
CA THR A 137 30.51 5.97 -7.69
C THR A 137 31.61 4.89 -7.85
N ARG A 138 32.40 4.69 -6.80
CA ARG A 138 33.43 3.69 -6.79
C ARG A 138 32.91 2.49 -6.03
N LYS A 139 31.61 2.49 -5.75
CA LYS A 139 31.03 1.39 -5.07
C LYS A 139 30.66 0.38 -6.13
N THR A 140 31.69 -0.16 -6.78
CA THR A 140 31.61 -1.14 -7.85
C THR A 140 32.10 -2.53 -7.38
N LEU A 141 31.83 -3.58 -8.13
CA LEU A 141 32.30 -4.92 -7.72
C LEU A 141 33.70 -5.11 -8.29
N PRO A 142 34.58 -5.71 -7.50
CA PRO A 142 35.97 -5.97 -7.92
C PRO A 142 36.10 -6.79 -9.18
N GLY A 143 36.76 -6.20 -10.18
CA GLY A 143 36.96 -6.86 -11.45
C GLY A 143 35.91 -6.46 -12.45
N LEU A 144 34.91 -5.70 -12.02
CA LEU A 144 33.83 -5.31 -12.91
C LEU A 144 33.60 -3.83 -13.06
N ARG A 145 34.50 -3.02 -12.52
CA ARG A 145 34.31 -1.58 -12.62
C ARG A 145 34.13 -1.03 -14.04
N ALA A 146 34.98 -1.44 -14.97
CA ALA A 146 34.90 -0.89 -16.32
C ALA A 146 33.61 -1.25 -16.97
N LEU A 147 33.17 -2.47 -16.74
CA LEU A 147 31.92 -2.89 -17.33
C LEU A 147 30.70 -2.22 -16.66
N GLN A 148 30.71 -2.13 -15.33
CA GLN A 148 29.59 -1.49 -14.64
C GLN A 148 29.51 -0.03 -15.01
N LYS A 149 30.68 0.58 -15.15
CA LYS A 149 30.79 1.99 -15.51
C LYS A 149 30.26 2.17 -16.94
N TYR A 150 30.56 1.21 -17.81
CA TYR A 150 30.07 1.24 -19.18
C TYR A 150 28.53 1.16 -19.19
N ALA A 151 27.98 0.28 -18.36
CA ALA A 151 26.54 0.12 -18.29
C ALA A 151 25.76 1.35 -17.84
N VAL A 152 26.24 2.12 -16.86
CA VAL A 152 25.50 3.33 -16.42
C VAL A 152 25.49 4.37 -17.57
N ARG A 153 26.56 4.39 -18.33
CA ARG A 153 26.64 5.28 -19.46
C ARG A 153 25.58 4.85 -20.49
N THR A 154 25.46 3.54 -20.73
CA THR A 154 24.45 3.00 -21.68
C THR A 154 23.02 3.38 -21.24
N GLY A 155 22.81 3.42 -19.93
CA GLY A 155 21.54 3.81 -19.36
C GLY A 155 21.27 5.30 -19.38
N GLY A 156 22.29 6.11 -19.72
CA GLY A 156 22.12 7.55 -19.79
C GLY A 156 22.82 8.35 -18.69
N GLY A 157 23.54 7.65 -17.81
CA GLY A 157 24.24 8.31 -16.73
C GLY A 157 25.56 8.86 -17.21
N VAL A 158 26.29 9.52 -16.33
CA VAL A 158 27.58 10.07 -16.70
C VAL A 158 28.51 9.55 -15.62
N ASN A 159 29.64 9.00 -16.05
CA ASN A 159 30.62 8.42 -15.13
C ASN A 159 31.28 9.47 -14.25
N HIS A 160 31.60 9.06 -13.02
CA HIS A 160 32.31 9.89 -12.09
C HIS A 160 33.76 9.40 -12.29
N ARG A 161 34.60 9.52 -11.27
CA ARG A 161 35.99 9.09 -11.45
C ARG A 161 36.07 7.58 -11.49
N LEU A 162 37.07 7.08 -12.21
CA LEU A 162 37.29 5.66 -12.38
C LEU A 162 38.17 5.06 -11.32
N GLY A 163 38.96 5.91 -10.66
CA GLY A 163 39.84 5.42 -9.66
C GLY A 163 40.18 6.49 -8.66
N LEU A 164 41.27 6.25 -7.94
CA LEU A 164 41.77 7.15 -6.90
C LEU A 164 42.68 8.30 -7.38
N GLY A 165 43.45 8.08 -8.44
CA GLY A 165 44.35 9.13 -8.91
C GLY A 165 43.83 9.87 -10.11
N ASP A 166 42.60 9.51 -10.43
CA ASP A 166 41.82 10.03 -11.54
C ASP A 166 41.37 11.51 -11.34
N ALA A 167 40.91 11.76 -10.12
CA ALA A 167 40.44 13.07 -9.73
C ALA A 167 40.54 13.00 -8.24
N ALA A 168 40.61 14.15 -7.58
CA ALA A 168 40.71 14.23 -6.13
C ALA A 168 39.30 14.32 -5.52
N LEU A 169 39.09 13.72 -4.36
CA LEU A 169 37.82 13.80 -3.73
C LEU A 169 38.07 13.76 -2.25
N ILE A 170 37.92 14.90 -1.57
CA ILE A 170 38.16 14.96 -0.12
C ILE A 170 36.98 14.41 0.68
N LYS A 171 37.21 13.32 1.37
CA LYS A 171 36.19 12.64 2.12
C LYS A 171 36.26 12.89 3.63
N ASP A 172 35.25 12.43 4.36
CA ASP A 172 35.20 12.59 5.80
C ASP A 172 36.45 12.13 6.55
N ASN A 173 37.01 10.98 6.17
CA ASN A 173 38.20 10.44 6.80
C ASN A 173 39.44 11.28 6.53
N HIS A 174 39.47 11.98 5.40
CA HIS A 174 40.59 12.83 5.04
C HIS A 174 40.49 14.04 5.90
N VAL A 175 39.26 14.57 6.00
CA VAL A 175 38.99 15.77 6.80
C VAL A 175 39.40 15.49 8.25
N ALA A 176 39.02 14.30 8.74
CA ALA A 176 39.35 13.87 10.08
C ALA A 176 40.89 13.89 10.26
N ALA A 177 41.62 13.27 9.33
CA ALA A 177 43.08 13.24 9.38
C ALA A 177 43.73 14.63 9.23
N ALA A 178 43.21 15.47 8.32
CA ALA A 178 43.73 16.82 8.08
C ALA A 178 43.25 17.82 9.12
N GLY A 179 42.29 17.39 9.91
CA GLY A 179 41.75 18.25 10.95
C GLY A 179 40.71 19.26 10.49
N SER A 180 40.55 19.45 9.17
CA SER A 180 39.60 20.43 8.68
C SER A 180 39.41 20.33 7.17
N VAL A 181 38.21 20.68 6.69
CA VAL A 181 37.94 20.62 5.26
C VAL A 181 38.81 21.62 4.51
N VAL A 182 38.93 22.83 5.06
CA VAL A 182 39.73 23.87 4.40
C VAL A 182 41.20 23.49 4.40
N ASP A 183 41.66 22.87 5.48
CA ASP A 183 43.04 22.43 5.59
C ASP A 183 43.31 21.40 4.50
N ALA A 184 42.47 20.36 4.50
CA ALA A 184 42.55 19.27 3.54
C ALA A 184 42.51 19.80 2.10
N LEU A 185 41.61 20.74 1.82
CA LEU A 185 41.46 21.31 0.49
C LEU A 185 42.74 22.02 0.08
N ARG A 186 43.30 22.79 1.01
CA ARG A 186 44.53 23.53 0.76
C ARG A 186 45.65 22.54 0.45
N ALA A 187 45.75 21.50 1.26
CA ALA A 187 46.79 20.48 1.08
C ALA A 187 46.75 19.83 -0.29
N VAL A 188 45.57 19.44 -0.75
CA VAL A 188 45.43 18.79 -2.06
C VAL A 188 45.78 19.79 -3.15
N ARG A 189 45.37 21.06 -2.98
CA ARG A 189 45.64 22.10 -3.97
C ARG A 189 47.13 22.27 -4.18
N ASN A 190 47.89 22.09 -3.12
CA ASN A 190 49.33 22.23 -3.19
C ASN A 190 50.01 21.03 -3.81
N ALA A 191 49.52 19.86 -3.50
CA ALA A 191 50.08 18.64 -4.02
C ALA A 191 49.72 18.34 -5.49
N ALA A 192 48.46 18.50 -5.85
CA ALA A 192 48.05 18.22 -7.22
C ALA A 192 47.19 19.35 -7.76
N PRO A 193 47.82 20.52 -8.01
CA PRO A 193 47.16 21.74 -8.53
C PRO A 193 46.50 21.60 -9.91
N ASP A 194 46.93 20.61 -10.67
CA ASP A 194 46.37 20.38 -12.01
C ASP A 194 45.23 19.36 -12.02
N LEU A 195 44.97 18.77 -10.86
CA LEU A 195 43.95 17.74 -10.73
C LEU A 195 42.61 18.28 -10.29
N PRO A 196 41.51 17.79 -10.89
CA PRO A 196 40.15 18.23 -10.52
C PRO A 196 39.97 17.90 -9.05
N CYS A 197 39.36 18.81 -8.31
CA CYS A 197 39.16 18.62 -6.89
C CYS A 197 37.70 18.75 -6.45
N GLU A 198 37.24 17.73 -5.76
CA GLU A 198 35.90 17.64 -5.25
C GLU A 198 36.05 17.46 -3.76
N VAL A 199 35.26 18.21 -3.01
CA VAL A 199 35.32 18.11 -1.56
C VAL A 199 33.95 17.73 -1.06
N GLU A 200 33.92 16.85 -0.09
CA GLU A 200 32.70 16.36 0.49
C GLU A 200 32.36 17.10 1.81
N VAL A 201 31.16 17.69 1.87
CA VAL A 201 30.72 18.42 3.07
C VAL A 201 29.52 17.72 3.68
N ASP A 202 29.48 17.73 5.01
CA ASP A 202 28.41 17.11 5.77
C ASP A 202 27.43 18.13 6.32
N SER A 203 27.75 19.43 6.20
CA SER A 203 26.90 20.47 6.75
C SER A 203 26.96 21.78 6.03
N LEU A 204 25.91 22.56 6.22
CA LEU A 204 25.84 23.87 5.60
C LEU A 204 27.00 24.72 6.08
N GLU A 205 27.48 24.41 7.30
CA GLU A 205 28.63 25.11 7.91
C GLU A 205 29.89 24.82 7.12
N GLN A 206 30.15 23.55 6.83
CA GLN A 206 31.33 23.21 6.05
C GLN A 206 31.15 23.80 4.67
N LEU A 207 29.90 23.81 4.19
CA LEU A 207 29.64 24.34 2.87
C LEU A 207 30.13 25.77 2.78
N ASP A 208 29.75 26.59 3.76
CA ASP A 208 30.15 28.01 3.81
C ASP A 208 31.65 28.15 3.88
N ALA A 209 32.27 27.25 4.61
CA ALA A 209 33.68 27.29 4.77
C ALA A 209 34.42 26.98 3.46
N VAL A 210 33.91 26.05 2.66
CA VAL A 210 34.64 25.71 1.45
C VAL A 210 34.26 26.47 0.20
N LEU A 211 33.06 27.06 0.17
CA LEU A 211 32.64 27.80 -1.00
C LEU A 211 33.66 28.84 -1.43
N PRO A 212 34.18 29.66 -0.49
CA PRO A 212 35.17 30.68 -0.87
C PRO A 212 36.48 30.10 -1.46
N GLU A 213 36.82 28.87 -1.06
CA GLU A 213 38.05 28.23 -1.57
C GLU A 213 37.87 27.86 -3.04
N LYS A 214 36.61 27.89 -3.48
CA LYS A 214 36.22 27.56 -4.84
C LYS A 214 36.75 26.22 -5.39
N PRO A 215 36.32 25.11 -4.78
CA PRO A 215 36.78 23.82 -5.28
C PRO A 215 36.00 23.53 -6.57
N GLU A 216 36.41 22.54 -7.34
CA GLU A 216 35.72 22.21 -8.59
C GLU A 216 34.28 21.72 -8.35
N LEU A 217 34.15 20.86 -7.37
CA LEU A 217 32.86 20.27 -7.08
C LEU A 217 32.69 20.11 -5.58
N ILE A 218 31.46 20.20 -5.13
CA ILE A 218 31.21 19.98 -3.71
C ILE A 218 30.14 18.89 -3.67
N LEU A 219 30.44 17.85 -2.91
CA LEU A 219 29.54 16.73 -2.73
C LEU A 219 28.73 16.96 -1.46
N LEU A 220 27.45 17.26 -1.62
CA LEU A 220 26.58 17.47 -0.48
C LEU A 220 26.21 16.10 0.09
N ASP A 221 26.83 15.72 1.18
CA ASP A 221 26.59 14.43 1.77
C ASP A 221 25.43 14.32 2.72
N ASN A 222 24.42 13.57 2.28
CA ASN A 222 23.26 13.32 3.08
C ASN A 222 22.50 14.57 3.48
N PHE A 223 22.27 15.48 2.53
CA PHE A 223 21.52 16.70 2.82
C PHE A 223 20.05 16.44 2.57
N ALA A 224 19.22 17.10 3.34
CA ALA A 224 17.78 17.04 3.18
C ALA A 224 17.53 17.91 1.96
N VAL A 225 16.35 17.80 1.38
CA VAL A 225 16.05 18.62 0.21
C VAL A 225 16.12 20.10 0.54
N TRP A 226 15.64 20.49 1.71
CA TRP A 226 15.68 21.89 2.04
C TRP A 226 17.14 22.39 2.14
N GLN A 227 18.03 21.58 2.70
CA GLN A 227 19.44 21.96 2.82
C GLN A 227 20.10 22.01 1.49
N THR A 228 19.64 21.18 0.56
CA THR A 228 20.18 21.14 -0.81
C THR A 228 19.77 22.42 -1.55
N GLN A 229 18.54 22.86 -1.33
CA GLN A 229 18.04 24.06 -1.93
C GLN A 229 18.87 25.25 -1.47
N THR A 230 19.07 25.37 -0.15
CA THR A 230 19.87 26.43 0.48
C THR A 230 21.27 26.45 -0.15
N ALA A 231 21.94 25.30 -0.13
CA ALA A 231 23.27 25.15 -0.73
C ALA A 231 23.30 25.67 -2.17
N VAL A 232 22.30 25.36 -2.98
CA VAL A 232 22.24 25.83 -4.38
C VAL A 232 22.12 27.33 -4.37
N GLN A 233 21.35 27.89 -3.43
CA GLN A 233 21.20 29.34 -3.32
C GLN A 233 22.51 30.02 -2.90
N ARG A 234 23.25 29.41 -1.97
CA ARG A 234 24.54 29.98 -1.56
C ARG A 234 25.57 29.85 -2.66
N ARG A 235 25.63 28.71 -3.33
CA ARG A 235 26.58 28.51 -4.40
C ARG A 235 26.34 29.57 -5.45
N ASP A 236 25.09 29.67 -5.89
CA ASP A 236 24.72 30.63 -6.91
C ASP A 236 25.10 32.05 -6.61
N SER A 237 25.17 32.38 -5.34
CA SER A 237 25.48 33.75 -5.03
C SER A 237 26.94 33.96 -4.70
N ARG A 238 27.56 32.94 -4.11
CA ARG A 238 28.96 33.05 -3.70
C ARG A 238 30.04 32.45 -4.59
N ALA A 239 29.72 31.43 -5.37
CA ALA A 239 30.73 30.80 -6.19
C ALA A 239 30.04 30.09 -7.33
N PRO A 240 29.44 30.88 -8.22
CA PRO A 240 28.69 30.40 -9.38
C PRO A 240 29.37 29.29 -10.19
N THR A 241 30.68 29.20 -10.09
CA THR A 241 31.42 28.23 -10.84
C THR A 241 31.55 26.90 -10.17
N VAL A 242 31.26 26.84 -8.89
CA VAL A 242 31.33 25.59 -8.13
C VAL A 242 30.15 24.68 -8.44
N MET A 243 30.42 23.43 -8.84
CA MET A 243 29.38 22.48 -9.15
C MET A 243 29.06 21.70 -7.93
N LEU A 244 27.79 21.39 -7.80
CA LEU A 244 27.25 20.71 -6.64
C LEU A 244 26.77 19.32 -7.04
N GLU A 245 27.04 18.33 -6.19
CA GLU A 245 26.67 16.94 -6.43
C GLU A 245 26.04 16.32 -5.20
N SER A 246 24.80 15.85 -5.31
CA SER A 246 24.12 15.25 -4.16
C SER A 246 24.50 13.79 -4.05
N SER A 247 24.79 13.31 -2.84
CA SER A 247 25.10 11.91 -2.65
C SER A 247 24.76 11.53 -1.22
N GLY A 248 24.23 10.33 -1.02
CA GLY A 248 23.90 9.91 0.32
C GLY A 248 22.51 9.35 0.53
N GLY A 249 21.56 10.23 0.86
CA GLY A 249 20.20 9.80 1.13
C GLY A 249 19.25 9.88 -0.05
N LEU A 250 19.67 9.24 -1.14
CA LEU A 250 18.91 9.28 -2.38
C LEU A 250 18.13 8.03 -2.67
N SER A 251 16.85 8.21 -2.96
CA SER A 251 16.00 7.09 -3.35
C SER A 251 15.38 7.49 -4.67
N LEU A 252 15.07 6.53 -5.51
CA LEU A 252 14.46 6.82 -6.78
C LEU A 252 13.16 7.62 -6.58
N GLN A 253 12.51 7.47 -5.43
CA GLN A 253 11.25 8.19 -5.13
C GLN A 253 11.46 9.68 -4.93
N THR A 254 12.65 10.03 -4.41
CA THR A 254 13.01 11.42 -4.15
C THR A 254 13.88 12.08 -5.18
N ALA A 255 14.39 11.31 -6.13
CA ALA A 255 15.28 11.86 -7.11
C ALA A 255 14.89 13.20 -7.72
N ALA A 256 13.68 13.31 -8.21
CA ALA A 256 13.23 14.52 -8.88
C ALA A 256 13.18 15.70 -7.97
N THR A 257 12.79 15.47 -6.73
CA THR A 257 12.68 16.49 -5.69
C THR A 257 14.01 17.14 -5.41
N TYR A 258 15.05 16.34 -5.38
CA TYR A 258 16.38 16.87 -5.20
C TYR A 258 16.86 17.52 -6.49
N ALA A 259 16.55 16.94 -7.65
CA ALA A 259 16.98 17.51 -8.93
C ALA A 259 16.36 18.86 -9.13
N GLU A 260 15.13 18.99 -8.68
CA GLU A 260 14.47 20.26 -8.82
C GLU A 260 15.16 21.38 -8.06
N THR A 261 15.92 21.05 -7.03
CA THR A 261 16.63 22.07 -6.25
C THR A 261 17.69 22.80 -7.07
N GLY A 262 18.05 22.22 -8.22
CA GLY A 262 19.03 22.85 -9.08
C GLY A 262 20.44 22.30 -9.05
N VAL A 263 20.68 21.21 -8.30
CA VAL A 263 22.01 20.60 -8.26
C VAL A 263 22.38 20.07 -9.64
N ASP A 264 23.67 20.02 -9.89
CA ASP A 264 24.20 19.57 -11.15
C ASP A 264 24.24 18.05 -11.30
N TYR A 265 24.35 17.33 -10.21
CA TYR A 265 24.48 15.88 -10.30
C TYR A 265 23.92 15.17 -9.12
N LEU A 266 23.56 13.92 -9.35
CA LEU A 266 23.07 13.04 -8.31
C LEU A 266 24.05 11.89 -8.47
N ALA A 267 24.77 11.56 -7.41
CA ALA A 267 25.74 10.46 -7.38
C ALA A 267 25.05 9.28 -6.70
N VAL A 268 24.75 8.23 -7.48
CA VAL A 268 24.00 7.08 -6.99
C VAL A 268 24.78 5.79 -6.83
N GLY A 269 24.99 5.39 -5.60
CA GLY A 269 25.74 4.17 -5.35
C GLY A 269 24.98 2.91 -5.71
N ALA A 270 23.68 2.93 -5.49
CA ALA A 270 22.82 1.78 -5.77
C ALA A 270 22.92 1.30 -7.21
N LEU A 271 23.23 2.22 -8.11
CA LEU A 271 23.36 1.93 -9.51
C LEU A 271 24.37 0.81 -9.76
N THR A 272 25.34 0.64 -8.87
CA THR A 272 26.36 -0.38 -9.12
C THR A 272 26.58 -1.37 -7.96
N HIS A 273 26.09 -1.03 -6.77
CA HIS A 273 26.27 -1.95 -5.66
C HIS A 273 25.02 -2.76 -5.25
N SER A 274 23.85 -2.42 -5.77
CA SER A 274 22.66 -3.15 -5.41
C SER A 274 21.89 -3.33 -6.71
N VAL A 275 22.44 -4.09 -7.66
CA VAL A 275 21.78 -4.28 -8.95
C VAL A 275 20.89 -5.53 -9.00
N ARG A 276 19.70 -5.36 -9.61
CA ARG A 276 18.71 -6.44 -9.81
C ARG A 276 18.90 -6.86 -11.25
N VAL A 277 19.18 -8.12 -11.44
CA VAL A 277 19.43 -8.61 -12.78
C VAL A 277 18.26 -8.43 -13.74
N LEU A 278 18.55 -8.20 -15.02
CA LEU A 278 17.48 -8.16 -16.00
C LEU A 278 17.42 -9.65 -16.38
N ASP A 279 16.25 -10.25 -16.22
CA ASP A 279 16.10 -11.65 -16.53
C ASP A 279 16.10 -11.94 -18.03
N ILE A 280 17.12 -12.66 -18.48
CA ILE A 280 17.29 -12.98 -19.88
C ILE A 280 17.57 -14.47 -20.03
N GLY A 281 17.00 -15.07 -21.06
CA GLY A 281 17.18 -16.50 -21.29
C GLY A 281 17.61 -16.78 -22.71
N LEU A 282 18.26 -17.93 -22.90
CA LEU A 282 18.73 -18.35 -24.23
C LEU A 282 17.69 -19.35 -24.65
N ASP A 283 16.89 -18.99 -25.65
CA ASP A 283 15.85 -19.88 -26.12
C ASP A 283 16.16 -20.51 -27.43
N MET A 284 16.14 -21.83 -27.45
CA MET A 284 16.40 -22.63 -28.64
C MET A 284 15.07 -23.25 -29.05
N GLY B 1 38.28 -19.86 8.37
CA GLY B 1 36.93 -19.53 7.84
C GLY B 1 36.90 -19.90 6.38
N LEU B 2 37.64 -19.14 5.58
CA LEU B 2 37.72 -19.40 4.17
C LEU B 2 38.64 -20.59 3.96
N SER B 3 38.34 -21.38 2.94
CA SER B 3 39.13 -22.54 2.60
C SER B 3 40.22 -22.03 1.69
N ASP B 4 41.03 -22.94 1.18
CA ASP B 4 42.13 -22.61 0.29
C ASP B 4 41.72 -21.97 -1.01
N TRP B 5 40.76 -22.54 -1.72
CA TRP B 5 40.41 -21.93 -2.99
C TRP B 5 39.55 -20.70 -2.82
N GLU B 6 38.93 -20.55 -1.65
CA GLU B 6 38.11 -19.38 -1.34
C GLU B 6 39.07 -18.22 -1.06
N LEU B 7 40.10 -18.53 -0.29
CA LEU B 7 41.15 -17.58 0.11
C LEU B 7 41.88 -17.07 -1.11
N ALA B 8 42.16 -17.97 -2.04
CA ALA B 8 42.83 -17.64 -3.28
C ALA B 8 41.93 -16.79 -4.14
N ALA B 9 40.63 -17.07 -4.08
CA ALA B 9 39.60 -16.36 -4.82
C ALA B 9 39.52 -14.96 -4.28
N ALA B 10 39.52 -14.86 -2.95
CA ALA B 10 39.50 -13.57 -2.27
C ALA B 10 40.74 -12.75 -2.66
N ARG B 11 41.93 -13.32 -2.57
CA ARG B 11 43.15 -12.60 -2.95
C ARG B 11 43.11 -12.05 -4.38
N ALA B 12 42.62 -12.87 -5.30
CA ALA B 12 42.51 -12.44 -6.69
C ALA B 12 41.51 -11.30 -6.83
N ALA B 13 40.41 -11.35 -6.10
CA ALA B 13 39.42 -10.29 -6.17
C ALA B 13 39.95 -9.00 -5.56
N ILE B 14 40.57 -9.07 -4.39
CA ILE B 14 41.07 -7.83 -3.77
C ILE B 14 42.17 -7.19 -4.63
N ALA B 15 42.97 -8.03 -5.28
CA ALA B 15 44.03 -7.53 -6.15
C ALA B 15 43.41 -6.81 -7.36
N ARG B 16 42.35 -7.36 -7.94
CA ARG B 16 41.70 -6.73 -9.10
C ARG B 16 41.07 -5.43 -8.63
N GLY B 17 40.49 -5.46 -7.45
CA GLY B 17 39.88 -4.27 -6.88
C GLY B 17 40.88 -3.16 -6.71
N LEU B 18 41.99 -3.44 -6.02
CA LEU B 18 43.03 -2.42 -5.83
C LEU B 18 43.61 -1.92 -7.15
N ASP B 19 43.76 -2.83 -8.11
CA ASP B 19 44.28 -2.42 -9.39
C ASP B 19 43.32 -1.48 -10.08
N GLU B 20 42.02 -1.70 -9.92
CA GLU B 20 41.08 -0.77 -10.54
C GLU B 20 41.23 0.65 -9.94
N ASP B 21 41.45 0.70 -8.62
CA ASP B 21 41.65 1.96 -7.89
C ASP B 21 42.96 2.68 -8.20
N LEU B 22 44.05 1.90 -8.29
CA LEU B 22 45.36 2.44 -8.50
C LEU B 22 45.89 2.59 -9.90
N ARG B 23 45.20 2.08 -10.89
CA ARG B 23 45.74 2.20 -12.24
C ARG B 23 45.84 3.59 -12.85
N TYR B 24 45.24 4.59 -12.21
CA TYR B 24 45.29 5.94 -12.77
C TYR B 24 46.30 6.82 -12.04
N GLY B 25 47.02 6.22 -11.11
CA GLY B 25 47.97 6.97 -10.33
C GLY B 25 47.75 6.60 -8.88
N PRO B 26 48.56 7.14 -7.95
CA PRO B 26 48.37 6.78 -6.54
C PRO B 26 47.21 7.54 -5.91
N ASP B 27 46.92 7.23 -4.68
CA ASP B 27 45.84 7.90 -4.00
C ASP B 27 46.27 9.35 -3.66
N VAL B 28 46.22 10.23 -4.65
CA VAL B 28 46.66 11.60 -4.47
C VAL B 28 46.08 12.32 -3.25
N THR B 29 44.78 12.20 -3.03
CA THR B 29 44.19 12.89 -1.90
C THR B 29 44.67 12.40 -0.52
N THR B 30 44.88 11.10 -0.36
CA THR B 30 45.34 10.54 0.92
C THR B 30 46.78 10.92 1.14
N LEU B 31 47.58 10.80 0.10
CA LEU B 31 49.00 11.13 0.15
C LEU B 31 49.21 12.58 0.56
N ALA B 32 48.36 13.45 0.02
CA ALA B 32 48.43 14.89 0.28
C ALA B 32 47.91 15.34 1.63
N THR B 33 46.90 14.65 2.17
CA THR B 33 46.33 15.06 3.45
C THR B 33 46.84 14.33 4.69
N VAL B 34 47.34 13.11 4.53
CA VAL B 34 47.85 12.34 5.67
C VAL B 34 49.32 11.88 5.54
N PRO B 35 50.13 12.18 6.57
CA PRO B 35 51.55 11.82 6.61
C PRO B 35 51.75 10.32 6.70
N ALA B 36 52.87 9.86 6.20
CA ALA B 36 53.17 8.45 6.20
C ALA B 36 53.22 7.80 7.59
N SER B 37 53.61 8.57 8.60
CA SER B 37 53.71 8.04 9.97
C SER B 37 52.38 8.04 10.78
N ALA B 38 51.32 8.58 10.20
CA ALA B 38 50.01 8.62 10.85
C ALA B 38 49.51 7.23 11.16
N THR B 39 48.71 7.14 12.20
CA THR B 39 48.19 5.88 12.67
C THR B 39 46.87 6.17 13.36
N THR B 40 45.84 5.33 13.14
CA THR B 40 44.53 5.52 13.78
C THR B 40 43.94 4.21 14.17
N THR B 41 42.82 4.33 14.86
CA THR B 41 42.00 3.23 15.28
C THR B 41 40.75 3.51 14.46
N ALA B 42 40.29 2.52 13.71
CA ALA B 42 39.08 2.72 12.89
C ALA B 42 38.17 1.53 13.10
N SER B 43 36.90 1.69 12.79
CA SER B 43 35.98 0.59 12.94
C SER B 43 35.07 0.47 11.76
N LEU B 44 34.81 -0.76 11.34
CA LEU B 44 33.90 -1.01 10.23
C LEU B 44 32.56 -1.10 10.97
N VAL B 45 31.68 -0.13 10.77
CA VAL B 45 30.41 -0.19 11.47
C VAL B 45 29.22 -0.23 10.51
N THR B 46 28.24 -1.08 10.80
CA THR B 46 27.06 -1.16 9.94
C THR B 46 26.11 -0.05 10.11
N ARG B 47 25.68 0.50 8.99
CA ARG B 47 24.67 1.53 9.05
C ARG B 47 23.28 0.85 9.10
N GLU B 48 23.23 -0.48 9.02
CA GLU B 48 21.99 -1.21 9.04
C GLU B 48 22.13 -2.58 9.63
N ALA B 49 21.01 -3.28 9.83
CA ALA B 49 21.04 -4.61 10.43
C ALA B 49 21.17 -5.70 9.39
N GLY B 50 21.76 -6.81 9.77
CA GLY B 50 21.92 -7.87 8.78
C GLY B 50 22.81 -8.93 9.34
N VAL B 51 23.27 -9.83 8.49
CA VAL B 51 24.17 -10.91 8.87
C VAL B 51 25.49 -10.54 8.24
N VAL B 52 26.56 -10.68 9.00
CA VAL B 52 27.87 -10.31 8.53
C VAL B 52 28.61 -11.46 7.87
N ALA B 53 29.33 -11.16 6.78
CA ALA B 53 30.13 -12.17 6.09
C ALA B 53 31.27 -11.50 5.35
N GLY B 54 32.41 -12.21 5.28
CA GLY B 54 33.52 -11.65 4.55
C GLY B 54 34.50 -10.81 5.33
N LEU B 55 34.45 -10.89 6.66
CA LEU B 55 35.37 -10.13 7.51
C LEU B 55 36.86 -10.49 7.26
N ASP B 56 37.13 -11.76 6.98
CA ASP B 56 38.50 -12.20 6.69
C ASP B 56 38.96 -11.51 5.43
N VAL B 57 38.05 -11.25 4.49
CA VAL B 57 38.46 -10.55 3.27
C VAL B 57 38.94 -9.11 3.64
N ALA B 58 38.40 -8.55 4.69
CA ALA B 58 38.80 -7.22 5.10
C ALA B 58 40.24 -7.30 5.52
N LEU B 59 40.57 -8.34 6.30
CA LEU B 59 41.92 -8.59 6.77
C LEU B 59 42.90 -8.85 5.58
N LEU B 60 42.44 -9.57 4.54
CA LEU B 60 43.28 -9.84 3.37
C LEU B 60 43.51 -8.58 2.60
N THR B 61 42.55 -7.65 2.62
CA THR B 61 42.75 -6.40 1.88
C THR B 61 43.86 -5.54 2.53
N LEU B 62 43.91 -5.58 3.87
CA LEU B 62 44.90 -4.86 4.65
C LEU B 62 46.25 -5.52 4.49
N ASN B 63 46.30 -6.84 4.53
CA ASN B 63 47.55 -7.56 4.33
C ASN B 63 48.17 -7.11 3.00
N GLU B 64 47.31 -6.93 1.99
CA GLU B 64 47.79 -6.55 0.70
C GLU B 64 48.32 -5.14 0.66
N VAL B 65 47.63 -4.22 1.33
CA VAL B 65 48.03 -2.82 1.34
C VAL B 65 49.08 -2.43 2.39
N LEU B 66 48.93 -2.94 3.63
CA LEU B 66 49.82 -2.67 4.77
C LEU B 66 50.80 -3.78 5.12
N GLY B 67 50.54 -5.01 4.70
CA GLY B 67 51.42 -6.10 5.03
C GLY B 67 50.91 -6.68 6.33
N THR B 68 51.17 -7.96 6.56
CA THR B 68 50.70 -8.62 7.77
C THR B 68 50.97 -7.89 9.09
N ASN B 69 52.16 -7.32 9.20
CA ASN B 69 52.55 -6.60 10.41
C ASN B 69 52.26 -5.08 10.30
N GLY B 70 51.32 -4.67 9.45
CA GLY B 70 51.08 -3.25 9.30
C GLY B 70 49.86 -2.76 10.07
N TYR B 71 49.17 -3.69 10.70
CA TYR B 71 47.97 -3.34 11.42
C TYR B 71 47.70 -4.31 12.54
N ARG B 72 46.81 -3.90 13.44
CA ARG B 72 46.43 -4.67 14.59
C ARG B 72 44.91 -4.65 14.73
N VAL B 73 44.35 -5.84 14.96
CA VAL B 73 42.92 -6.00 15.16
C VAL B 73 42.64 -5.98 16.67
N LEU B 74 42.02 -4.90 17.15
CA LEU B 74 41.73 -4.78 18.55
C LEU B 74 40.49 -5.60 18.90
N ASP B 75 39.63 -5.82 17.92
CA ASP B 75 38.39 -6.55 18.15
C ASP B 75 37.67 -6.82 16.84
N ARG B 76 36.91 -7.90 16.84
CA ARG B 76 36.15 -8.29 15.66
C ARG B 76 34.99 -9.21 16.04
N VAL B 77 34.01 -9.24 15.15
CA VAL B 77 32.82 -10.06 15.29
C VAL B 77 33.09 -11.26 14.39
N GLU B 78 32.36 -12.34 14.60
CA GLU B 78 32.51 -13.52 13.79
C GLU B 78 31.59 -13.48 12.56
N ASP B 79 32.04 -14.08 11.46
CA ASP B 79 31.24 -14.15 10.23
C ASP B 79 29.96 -14.94 10.53
N GLY B 80 28.83 -14.42 10.08
CA GLY B 80 27.58 -15.09 10.31
C GLY B 80 26.84 -14.49 11.49
N ALA B 81 27.42 -13.46 12.10
CA ALA B 81 26.78 -12.83 13.23
C ALA B 81 25.64 -11.92 12.79
N ARG B 82 24.50 -12.03 13.47
CA ARG B 82 23.33 -11.22 13.17
C ARG B 82 23.70 -9.95 13.87
N VAL B 83 23.53 -8.84 13.18
CA VAL B 83 24.02 -7.58 13.70
C VAL B 83 23.07 -6.39 13.50
N PRO B 84 22.96 -5.53 14.53
CA PRO B 84 22.11 -4.34 14.50
C PRO B 84 22.85 -3.11 13.91
N PRO B 85 22.10 -2.03 13.61
CA PRO B 85 22.67 -0.81 13.06
C PRO B 85 23.65 -0.27 14.09
N GLY B 86 24.74 0.34 13.65
CA GLY B 86 25.72 0.90 14.58
C GLY B 86 26.68 -0.05 15.27
N GLU B 87 26.63 -1.33 14.94
CA GLU B 87 27.51 -2.33 15.52
C GLU B 87 28.91 -2.25 14.88
N ALA B 88 29.94 -2.29 15.70
CA ALA B 88 31.31 -2.27 15.20
C ALA B 88 31.71 -3.72 14.88
N LEU B 89 31.79 -4.04 13.60
CA LEU B 89 32.15 -5.40 13.16
C LEU B 89 33.63 -5.72 13.44
N MET B 90 34.47 -4.69 13.46
CA MET B 90 35.91 -4.89 13.65
C MET B 90 36.58 -3.57 13.97
N THR B 91 37.46 -3.58 14.97
CA THR B 91 38.20 -2.39 15.34
C THR B 91 39.67 -2.68 15.08
N LEU B 92 40.30 -1.80 14.29
CA LEU B 92 41.71 -1.91 13.89
C LEU B 92 42.56 -0.70 14.28
N GLU B 93 43.86 -0.88 14.20
CA GLU B 93 44.80 0.19 14.44
C GLU B 93 45.74 0.01 13.26
N ALA B 94 45.92 1.04 12.45
CA ALA B 94 46.78 0.85 11.29
C ALA B 94 47.19 2.16 10.73
N GLN B 95 48.19 2.12 9.86
CA GLN B 95 48.70 3.30 9.21
C GLN B 95 47.53 3.88 8.44
N THR B 96 47.26 5.14 8.70
CA THR B 96 46.15 5.83 8.08
C THR B 96 46.15 5.84 6.56
N ARG B 97 47.29 6.05 5.94
CA ARG B 97 47.32 6.05 4.48
C ARG B 97 46.82 4.73 3.92
N GLY B 98 47.28 3.63 4.53
CA GLY B 98 46.89 2.30 4.09
C GLY B 98 45.41 2.04 4.17
N LEU B 99 44.79 2.50 5.27
CA LEU B 99 43.35 2.36 5.47
C LEU B 99 42.55 3.16 4.44
N LEU B 100 42.91 4.41 4.19
CA LEU B 100 42.17 5.24 3.23
C LEU B 100 42.25 4.75 1.81
N THR B 101 43.34 4.09 1.47
CA THR B 101 43.52 3.56 0.13
C THR B 101 42.77 2.25 0.02
N ALA B 102 42.91 1.38 1.02
CA ALA B 102 42.21 0.08 1.05
C ALA B 102 40.69 0.15 1.31
N GLU B 103 40.26 1.21 1.99
CA GLU B 103 38.87 1.45 2.35
C GLU B 103 37.78 0.99 1.40
N ARG B 104 37.72 1.57 0.21
CA ARG B 104 36.68 1.23 -0.75
C ARG B 104 36.65 -0.23 -1.22
N THR B 105 37.78 -0.79 -1.62
CA THR B 105 37.86 -2.18 -2.05
C THR B 105 37.38 -3.13 -0.95
N MET B 106 37.86 -2.92 0.26
CA MET B 106 37.50 -3.79 1.36
C MET B 106 36.02 -3.64 1.73
N LEU B 107 35.51 -2.41 1.72
CA LEU B 107 34.13 -2.15 2.03
C LEU B 107 33.19 -2.70 0.95
N ASN B 108 33.60 -2.58 -0.31
CA ASN B 108 32.82 -3.14 -1.42
C ASN B 108 32.65 -4.68 -1.34
N LEU B 109 33.71 -5.39 -0.96
CA LEU B 109 33.64 -6.85 -0.82
C LEU B 109 32.77 -7.26 0.38
N VAL B 110 33.03 -6.66 1.54
CA VAL B 110 32.27 -6.98 2.74
C VAL B 110 30.76 -6.60 2.66
N GLY B 111 30.44 -5.53 1.95
CA GLY B 111 29.05 -5.16 1.84
C GLY B 111 28.33 -6.12 0.90
N HIS B 112 29.01 -6.55 -0.14
CA HIS B 112 28.41 -7.46 -1.10
C HIS B 112 28.19 -8.77 -0.38
N LEU B 113 29.24 -9.37 0.16
CA LEU B 113 29.06 -10.68 0.81
C LEU B 113 28.10 -10.69 1.98
N SER B 114 28.04 -9.58 2.70
CA SER B 114 27.14 -9.49 3.84
C SER B 114 25.74 -9.36 3.30
N GLY B 115 25.57 -8.68 2.18
CA GLY B 115 24.27 -8.52 1.59
C GLY B 115 23.67 -9.86 1.22
N ILE B 116 24.51 -10.77 0.75
CA ILE B 116 24.09 -12.13 0.34
C ILE B 116 23.74 -12.97 1.56
N ALA B 117 24.60 -12.94 2.56
CA ALA B 117 24.35 -13.70 3.77
C ALA B 117 23.11 -13.21 4.49
N THR B 118 22.85 -11.91 4.44
CA THR B 118 21.66 -11.31 5.06
C THR B 118 20.41 -11.77 4.30
N ALA B 119 20.46 -11.80 2.98
CA ALA B 119 19.33 -12.25 2.18
C ALA B 119 19.08 -13.72 2.43
N THR B 120 20.14 -14.50 2.31
CA THR B 120 20.08 -15.93 2.50
C THR B 120 19.37 -16.26 3.79
N ALA B 121 19.77 -15.59 4.86
CA ALA B 121 19.17 -15.81 6.16
C ALA B 121 17.70 -15.47 6.15
N ALA B 122 17.31 -14.46 5.39
CA ALA B 122 15.90 -14.12 5.35
C ALA B 122 15.16 -15.34 4.81
N TRP B 123 15.65 -15.89 3.71
CA TRP B 123 15.04 -17.06 3.10
C TRP B 123 15.00 -18.24 4.03
N VAL B 124 16.08 -18.44 4.77
CA VAL B 124 16.17 -19.55 5.71
C VAL B 124 15.17 -19.43 6.85
N ASP B 125 14.88 -18.21 7.27
CA ASP B 125 13.91 -17.99 8.33
C ASP B 125 12.52 -18.21 7.79
N ALA B 126 12.30 -17.78 6.54
CA ALA B 126 11.00 -17.94 5.91
C ALA B 126 10.50 -19.38 5.86
N VAL B 127 11.38 -20.33 5.56
CA VAL B 127 11.01 -21.73 5.47
C VAL B 127 11.33 -22.55 6.72
N ARG B 128 11.40 -21.88 7.87
CA ARG B 128 11.70 -22.54 9.14
C ARG B 128 10.51 -23.41 9.53
N GLY B 129 10.77 -24.51 10.24
CA GLY B 129 9.70 -25.41 10.64
C GLY B 129 9.23 -26.31 9.49
N THR B 130 10.06 -26.33 8.44
CA THR B 130 9.85 -27.07 7.19
C THR B 130 11.16 -27.87 7.03
N LYS B 131 11.22 -28.82 6.11
CA LYS B 131 12.45 -29.57 5.92
C LYS B 131 13.28 -29.01 4.75
N ALA B 132 12.74 -28.00 4.06
CA ALA B 132 13.41 -27.39 2.93
C ALA B 132 14.67 -26.60 3.24
N LYS B 133 15.70 -26.81 2.43
CA LYS B 133 16.97 -26.11 2.54
C LYS B 133 17.00 -25.12 1.37
N ILE B 134 17.65 -23.97 1.59
CA ILE B 134 17.76 -22.94 0.54
C ILE B 134 19.07 -23.16 -0.18
N ARG B 135 19.03 -23.17 -1.51
CA ARG B 135 20.24 -23.40 -2.29
C ARG B 135 20.44 -22.31 -3.28
N ASP B 136 21.68 -22.19 -3.75
CA ASP B 136 21.99 -21.16 -4.71
C ASP B 136 22.02 -21.75 -6.11
N THR B 137 22.54 -20.99 -7.06
CA THR B 137 22.62 -21.41 -8.43
C THR B 137 23.99 -21.05 -9.03
N ARG B 138 24.09 -21.11 -10.35
CA ARG B 138 25.33 -20.72 -11.03
C ARG B 138 25.12 -19.30 -11.59
N LYS B 139 24.03 -18.65 -11.19
CA LYS B 139 23.81 -17.27 -11.65
C LYS B 139 24.61 -16.36 -10.71
N THR B 140 25.94 -16.52 -10.74
CA THR B 140 26.90 -15.78 -9.92
C THR B 140 27.68 -14.76 -10.79
N LEU B 141 28.39 -13.81 -10.20
CA LEU B 141 29.11 -12.84 -11.02
C LEU B 141 30.48 -13.44 -11.32
N PRO B 142 30.98 -13.30 -12.56
CA PRO B 142 32.28 -13.83 -12.99
C PRO B 142 33.44 -13.37 -12.14
N GLY B 143 34.11 -14.33 -11.54
CA GLY B 143 35.24 -13.98 -10.69
C GLY B 143 34.87 -13.95 -9.24
N LEU B 144 33.58 -14.04 -8.92
CA LEU B 144 33.16 -13.98 -7.52
C LEU B 144 32.40 -15.19 -7.09
N ARG B 145 32.36 -16.24 -7.91
CA ARG B 145 31.60 -17.40 -7.51
C ARG B 145 31.99 -17.98 -6.18
N ALA B 146 33.27 -18.18 -5.91
CA ALA B 146 33.63 -18.79 -4.64
C ALA B 146 33.25 -17.94 -3.43
N LEU B 147 33.26 -16.63 -3.62
CA LEU B 147 32.94 -15.75 -2.53
C LEU B 147 31.44 -15.65 -2.30
N GLN B 148 30.67 -15.49 -3.37
CA GLN B 148 29.23 -15.41 -3.27
C GLN B 148 28.65 -16.70 -2.71
N LYS B 149 29.29 -17.79 -3.08
CA LYS B 149 28.89 -19.11 -2.63
C LYS B 149 29.18 -19.24 -1.13
N TYR B 150 30.33 -18.72 -0.73
CA TYR B 150 30.74 -18.77 0.66
C TYR B 150 29.73 -17.98 1.48
N ALA B 151 29.33 -16.82 0.96
CA ALA B 151 28.36 -15.98 1.65
C ALA B 151 26.99 -16.62 1.87
N VAL B 152 26.46 -17.34 0.87
CA VAL B 152 25.16 -17.98 1.11
C VAL B 152 25.27 -19.06 2.19
N ARG B 153 26.40 -19.73 2.27
CA ARG B 153 26.62 -20.74 3.29
C ARG B 153 26.63 -20.09 4.66
N THR B 154 27.23 -18.88 4.75
CA THR B 154 27.34 -18.15 6.01
C THR B 154 25.98 -17.75 6.56
N GLY B 155 25.07 -17.45 5.64
CA GLY B 155 23.70 -17.09 6.01
C GLY B 155 22.81 -18.31 6.25
N GLY B 156 23.34 -19.51 6.06
CA GLY B 156 22.54 -20.69 6.31
C GLY B 156 22.05 -21.52 5.13
N GLY B 157 22.30 -21.09 3.91
CA GLY B 157 21.88 -21.87 2.75
C GLY B 157 22.88 -22.97 2.47
N VAL B 158 22.66 -23.74 1.41
CA VAL B 158 23.58 -24.81 1.06
C VAL B 158 23.88 -24.67 -0.40
N ASN B 159 25.14 -24.73 -0.74
CA ASN B 159 25.59 -24.57 -2.12
C ASN B 159 25.09 -25.66 -3.03
N HIS B 160 24.88 -25.32 -4.29
CA HIS B 160 24.45 -26.29 -5.28
C HIS B 160 25.79 -26.57 -5.96
N ARG B 161 25.82 -26.91 -7.24
CA ARG B 161 27.07 -27.20 -7.91
C ARG B 161 27.85 -25.92 -8.17
N LEU B 162 29.17 -26.05 -8.16
CA LEU B 162 30.10 -24.95 -8.37
C LEU B 162 30.44 -24.75 -9.82
N GLY B 163 30.07 -25.73 -10.64
CA GLY B 163 30.35 -25.65 -12.05
C GLY B 163 29.60 -26.61 -12.93
N LEU B 164 30.09 -26.76 -14.14
CA LEU B 164 29.45 -27.61 -15.12
C LEU B 164 29.79 -29.11 -15.03
N GLY B 165 31.01 -29.43 -14.64
CA GLY B 165 31.44 -30.81 -14.57
C GLY B 165 31.35 -31.33 -13.17
N ASP B 166 30.87 -30.45 -12.32
CA ASP B 166 30.68 -30.72 -10.90
C ASP B 166 29.60 -31.78 -10.60
N ALA B 167 28.49 -31.70 -11.31
CA ALA B 167 27.37 -32.60 -11.14
C ALA B 167 26.60 -32.43 -12.43
N ALA B 168 25.75 -33.39 -12.78
CA ALA B 168 24.98 -33.28 -14.01
C ALA B 168 23.65 -32.57 -13.71
N LEU B 169 23.17 -31.75 -14.64
CA LEU B 169 21.91 -31.06 -14.47
C LEU B 169 21.31 -30.94 -15.84
N ILE B 170 20.42 -31.86 -16.17
CA ILE B 170 19.80 -31.85 -17.47
C ILE B 170 18.76 -30.74 -17.55
N LYS B 171 19.03 -29.76 -18.41
CA LYS B 171 18.15 -28.60 -18.62
C LYS B 171 17.25 -28.67 -19.84
N ASP B 172 16.33 -27.73 -19.97
CA ASP B 172 15.42 -27.70 -21.10
C ASP B 172 16.08 -27.76 -22.47
N ASN B 173 17.24 -27.12 -22.59
CA ASN B 173 17.99 -27.09 -23.85
C ASN B 173 18.62 -28.43 -24.19
N HIS B 174 18.88 -29.25 -23.16
CA HIS B 174 19.46 -30.58 -23.35
C HIS B 174 18.40 -31.52 -23.82
N VAL B 175 17.27 -31.48 -23.12
CA VAL B 175 16.09 -32.29 -23.39
C VAL B 175 15.69 -32.06 -24.85
N ALA B 176 15.70 -30.78 -25.27
CA ALA B 176 15.38 -30.36 -26.65
C ALA B 176 16.34 -31.07 -27.63
N ALA B 177 17.65 -30.98 -27.34
CA ALA B 177 18.68 -31.60 -28.14
C ALA B 177 18.63 -33.14 -28.09
N ALA B 178 18.35 -33.72 -26.92
CA ALA B 178 18.27 -35.18 -26.78
C ALA B 178 16.92 -35.73 -27.19
N GLY B 179 15.97 -34.82 -27.44
CA GLY B 179 14.64 -35.23 -27.84
C GLY B 179 13.68 -35.71 -26.77
N SER B 180 14.18 -36.05 -25.58
CA SER B 180 13.30 -36.51 -24.51
C SER B 180 14.03 -36.49 -23.19
N VAL B 181 13.31 -36.18 -22.10
CA VAL B 181 13.94 -36.16 -20.78
C VAL B 181 14.48 -37.50 -20.37
N VAL B 182 13.74 -38.57 -20.64
CA VAL B 182 14.22 -39.89 -20.27
C VAL B 182 15.43 -40.32 -21.10
N ASP B 183 15.47 -39.86 -22.37
CA ASP B 183 16.57 -40.17 -23.28
C ASP B 183 17.82 -39.52 -22.77
N ALA B 184 17.71 -38.21 -22.52
CA ALA B 184 18.80 -37.40 -21.97
C ALA B 184 19.32 -37.97 -20.63
N LEU B 185 18.41 -38.34 -19.74
CA LEU B 185 18.78 -38.91 -18.44
C LEU B 185 19.60 -40.15 -18.67
N ARG B 186 19.09 -41.01 -19.52
CA ARG B 186 19.76 -42.26 -19.82
C ARG B 186 21.18 -41.98 -20.34
N ALA B 187 21.27 -41.04 -21.27
CA ALA B 187 22.57 -40.67 -21.86
C ALA B 187 23.56 -40.22 -20.81
N VAL B 188 23.14 -39.32 -19.93
CA VAL B 188 24.00 -38.82 -18.88
C VAL B 188 24.41 -39.93 -17.94
N ARG B 189 23.48 -40.82 -17.60
CA ARG B 189 23.79 -41.95 -16.73
C ARG B 189 24.89 -42.88 -17.31
N ASN B 190 24.78 -43.15 -18.60
CA ASN B 190 25.73 -44.02 -19.26
C ASN B 190 27.11 -43.38 -19.36
N ALA B 191 27.13 -42.08 -19.65
CA ALA B 191 28.39 -41.35 -19.79
C ALA B 191 29.09 -41.03 -18.47
N ALA B 192 28.33 -40.68 -17.43
CA ALA B 192 28.92 -40.34 -16.15
C ALA B 192 28.11 -40.93 -15.02
N PRO B 193 28.11 -42.27 -14.92
CA PRO B 193 27.40 -43.05 -13.90
C PRO B 193 27.73 -42.73 -12.43
N ASP B 194 28.91 -42.17 -12.20
CA ASP B 194 29.37 -41.84 -10.86
C ASP B 194 29.03 -40.40 -10.46
N LEU B 195 28.51 -39.63 -11.40
CA LEU B 195 28.20 -38.23 -11.19
C LEU B 195 26.74 -37.99 -10.75
N PRO B 196 26.53 -37.08 -9.78
CA PRO B 196 25.18 -36.80 -9.31
C PRO B 196 24.37 -36.31 -10.50
N CYS B 197 23.11 -36.71 -10.55
CA CYS B 197 22.27 -36.33 -11.65
C CYS B 197 20.98 -35.65 -11.21
N GLU B 198 20.71 -34.49 -11.81
CA GLU B 198 19.56 -33.69 -11.53
C GLU B 198 18.90 -33.48 -12.87
N VAL B 199 17.61 -33.69 -12.93
CA VAL B 199 16.88 -33.47 -14.17
C VAL B 199 15.83 -32.42 -13.93
N GLU B 200 15.76 -31.46 -14.84
CA GLU B 200 14.84 -30.35 -14.79
C GLU B 200 13.55 -30.64 -15.59
N VAL B 201 12.40 -30.58 -14.92
CA VAL B 201 11.12 -30.82 -15.60
C VAL B 201 10.30 -29.53 -15.65
N ASP B 202 9.57 -29.38 -16.75
CA ASP B 202 8.76 -28.21 -16.97
C ASP B 202 7.27 -28.50 -16.77
N SER B 203 6.92 -29.77 -16.58
CA SER B 203 5.54 -30.12 -16.41
C SER B 203 5.32 -31.37 -15.57
N LEU B 204 4.09 -31.56 -15.14
CA LEU B 204 3.73 -32.76 -14.38
C LEU B 204 3.91 -34.02 -15.22
N GLU B 205 3.77 -33.87 -16.54
CA GLU B 205 3.92 -34.94 -17.50
C GLU B 205 5.35 -35.42 -17.51
N GLN B 206 6.29 -34.50 -17.68
CA GLN B 206 7.71 -34.86 -17.68
C GLN B 206 8.04 -35.43 -16.32
N LEU B 207 7.43 -34.86 -15.28
CA LEU B 207 7.66 -35.34 -13.94
C LEU B 207 7.34 -36.82 -13.84
N ASP B 208 6.20 -37.22 -14.40
CA ASP B 208 5.74 -38.62 -14.39
C ASP B 208 6.68 -39.48 -15.17
N ALA B 209 7.22 -38.95 -16.25
CA ALA B 209 8.14 -39.69 -17.08
C ALA B 209 9.51 -39.98 -16.46
N VAL B 210 10.03 -39.07 -15.63
CA VAL B 210 11.35 -39.30 -15.02
C VAL B 210 11.36 -39.96 -13.64
N LEU B 211 10.27 -39.88 -12.90
CA LEU B 211 10.24 -40.47 -11.56
C LEU B 211 10.67 -41.93 -11.54
N PRO B 212 10.18 -42.74 -12.49
CA PRO B 212 10.59 -44.14 -12.49
C PRO B 212 12.09 -44.34 -12.76
N GLU B 213 12.71 -43.42 -13.50
CA GLU B 213 14.16 -43.53 -13.78
C GLU B 213 14.98 -43.29 -12.51
N LYS B 214 14.34 -42.74 -11.49
CA LYS B 214 14.97 -42.43 -10.22
C LYS B 214 16.26 -41.62 -10.25
N PRO B 215 16.19 -40.37 -10.73
CA PRO B 215 17.37 -39.50 -10.79
C PRO B 215 17.59 -39.04 -9.36
N GLU B 216 18.77 -38.51 -9.06
CA GLU B 216 19.06 -38.08 -7.69
C GLU B 216 18.13 -36.98 -7.24
N LEU B 217 17.96 -35.99 -8.09
CA LEU B 217 17.18 -34.81 -7.79
C LEU B 217 16.36 -34.40 -9.01
N ILE B 218 15.18 -33.86 -8.77
CA ILE B 218 14.37 -33.37 -9.85
C ILE B 218 14.16 -31.90 -9.50
N LEU B 219 14.37 -31.04 -10.48
CA LEU B 219 14.18 -29.63 -10.31
C LEU B 219 12.83 -29.25 -10.95
N LEU B 220 11.89 -28.76 -10.14
CA LEU B 220 10.54 -28.40 -10.61
C LEU B 220 10.66 -27.00 -11.13
N ASP B 221 10.66 -26.85 -12.43
CA ASP B 221 10.86 -25.52 -12.99
C ASP B 221 9.62 -24.68 -13.24
N ASN B 222 9.44 -23.65 -12.41
CA ASN B 222 8.33 -22.75 -12.60
C ASN B 222 6.97 -23.38 -12.37
N PHE B 223 6.86 -24.22 -11.34
CA PHE B 223 5.62 -24.88 -10.95
C PHE B 223 4.79 -23.98 -10.03
N ALA B 224 3.48 -23.98 -10.22
CA ALA B 224 2.60 -23.24 -9.34
C ALA B 224 2.64 -24.03 -8.04
N VAL B 225 2.15 -23.46 -6.94
CA VAL B 225 2.17 -24.16 -5.68
C VAL B 225 1.33 -25.42 -5.76
N TRP B 226 0.19 -25.37 -6.44
CA TRP B 226 -0.65 -26.56 -6.51
C TRP B 226 0.09 -27.69 -7.25
N GLN B 227 0.84 -27.36 -8.30
CA GLN B 227 1.58 -28.35 -9.05
C GLN B 227 2.73 -28.92 -8.22
N THR B 228 3.28 -28.09 -7.33
CA THR B 228 4.39 -28.52 -6.49
C THR B 228 3.84 -29.50 -5.45
N GLN B 229 2.61 -29.27 -5.01
CA GLN B 229 1.98 -30.14 -4.04
C GLN B 229 1.77 -31.50 -4.64
N THR B 230 1.27 -31.55 -5.88
CA THR B 230 1.01 -32.80 -6.62
C THR B 230 2.32 -33.57 -6.82
N ALA B 231 3.32 -32.85 -7.30
CA ALA B 231 4.65 -33.38 -7.51
C ALA B 231 5.15 -34.10 -6.27
N VAL B 232 5.11 -33.43 -5.14
CA VAL B 232 5.58 -34.03 -3.89
C VAL B 232 4.72 -35.27 -3.58
N GLN B 233 3.42 -35.20 -3.86
CA GLN B 233 2.54 -36.31 -3.57
C GLN B 233 2.90 -37.47 -4.45
N ARG B 234 3.17 -37.22 -5.73
CA ARG B 234 3.57 -38.30 -6.61
C ARG B 234 4.93 -38.90 -6.25
N ARG B 235 5.90 -38.05 -5.95
CA ARG B 235 7.24 -38.48 -5.57
C ARG B 235 7.14 -39.36 -4.33
N ASP B 236 6.44 -38.89 -3.32
CA ASP B 236 6.30 -39.63 -2.09
C ASP B 236 5.71 -41.03 -2.25
N SER B 237 4.84 -41.20 -3.23
CA SER B 237 4.22 -42.49 -3.41
C SER B 237 4.96 -43.40 -4.38
N ARG B 238 5.58 -42.82 -5.40
CA ARG B 238 6.28 -43.59 -6.42
C ARG B 238 7.80 -43.74 -6.32
N ALA B 239 8.48 -42.71 -5.83
CA ALA B 239 9.93 -42.76 -5.75
C ALA B 239 10.40 -41.97 -4.56
N PRO B 240 10.16 -42.49 -3.36
CA PRO B 240 10.53 -41.88 -2.09
C PRO B 240 11.96 -41.39 -1.98
N THR B 241 12.87 -41.93 -2.78
CA THR B 241 14.28 -41.52 -2.73
C THR B 241 14.66 -40.32 -3.59
N VAL B 242 13.76 -39.90 -4.47
CA VAL B 242 14.05 -38.78 -5.36
C VAL B 242 13.79 -37.47 -4.64
N MET B 243 14.78 -36.59 -4.70
CA MET B 243 14.67 -35.31 -4.05
C MET B 243 14.13 -34.32 -5.02
N LEU B 244 13.36 -33.40 -4.48
CA LEU B 244 12.68 -32.41 -5.29
C LEU B 244 13.18 -31.03 -4.92
N GLU B 245 13.40 -30.18 -5.93
CA GLU B 245 13.90 -28.84 -5.71
C GLU B 245 13.10 -27.82 -6.51
N SER B 246 12.54 -26.80 -5.85
CA SER B 246 11.80 -25.80 -6.57
C SER B 246 12.70 -24.72 -7.11
N SER B 247 12.47 -24.31 -8.35
CA SER B 247 13.27 -23.23 -8.93
C SER B 247 12.47 -22.55 -10.00
N GLY B 248 12.55 -21.22 -10.02
CA GLY B 248 11.82 -20.48 -11.02
C GLY B 248 11.04 -19.31 -10.49
N GLY B 249 9.76 -19.56 -10.18
CA GLY B 249 8.90 -18.49 -9.70
C GLY B 249 8.94 -18.23 -8.20
N LEU B 250 10.16 -18.07 -7.67
CA LEU B 250 10.36 -17.89 -6.24
C LEU B 250 10.61 -16.48 -5.76
N SER B 251 9.76 -16.06 -4.82
CA SER B 251 9.87 -14.75 -4.21
C SER B 251 9.90 -15.03 -2.72
N LEU B 252 10.45 -14.10 -1.96
CA LEU B 252 10.52 -14.25 -0.52
C LEU B 252 9.11 -14.30 0.10
N GLN B 253 8.14 -13.70 -0.57
CA GLN B 253 6.78 -13.69 -0.06
C GLN B 253 6.11 -15.07 -0.16
N THR B 254 6.53 -15.88 -1.15
CA THR B 254 5.97 -17.21 -1.36
C THR B 254 6.82 -18.36 -0.88
N ALA B 255 8.05 -18.06 -0.45
CA ALA B 255 8.97 -19.08 0.01
C ALA B 255 8.33 -20.13 0.94
N ALA B 256 7.68 -19.70 2.02
CA ALA B 256 7.03 -20.64 2.96
C ALA B 256 5.95 -21.52 2.32
N THR B 257 5.16 -20.92 1.44
CA THR B 257 4.09 -21.58 0.72
C THR B 257 4.69 -22.77 -0.03
N TYR B 258 5.76 -22.54 -0.78
CA TYR B 258 6.39 -23.63 -1.51
C TYR B 258 7.02 -24.61 -0.55
N ALA B 259 7.64 -24.11 0.50
CA ALA B 259 8.31 -24.99 1.45
C ALA B 259 7.34 -25.91 2.16
N GLU B 260 6.15 -25.39 2.44
CA GLU B 260 5.10 -26.14 3.12
C GLU B 260 4.58 -27.32 2.30
N THR B 261 4.75 -27.29 0.98
CA THR B 261 4.31 -28.39 0.11
C THR B 261 5.16 -29.66 0.34
N GLY B 262 6.27 -29.51 1.05
CA GLY B 262 7.13 -30.64 1.35
C GLY B 262 8.36 -30.84 0.50
N VAL B 263 8.65 -29.91 -0.42
CA VAL B 263 9.86 -30.01 -1.26
C VAL B 263 11.12 -29.96 -0.37
N ASP B 264 12.21 -30.53 -0.87
CA ASP B 264 13.46 -30.65 -0.18
C ASP B 264 14.31 -29.41 -0.31
N TYR B 265 14.20 -28.70 -1.42
CA TYR B 265 15.01 -27.51 -1.60
C TYR B 265 14.32 -26.41 -2.35
N LEU B 266 14.77 -25.20 -2.15
CA LEU B 266 14.31 -24.07 -2.93
C LEU B 266 15.63 -23.55 -3.46
N ALA B 267 15.78 -23.48 -4.78
CA ALA B 267 16.98 -22.95 -5.42
C ALA B 267 16.69 -21.51 -5.77
N VAL B 268 17.41 -20.58 -5.13
CA VAL B 268 17.21 -19.13 -5.32
C VAL B 268 18.30 -18.37 -6.06
N GLY B 269 18.03 -18.00 -7.31
CA GLY B 269 19.00 -17.23 -8.05
C GLY B 269 19.25 -15.84 -7.47
N ALA B 270 18.17 -15.19 -7.05
CA ALA B 270 18.22 -13.86 -6.50
C ALA B 270 19.32 -13.70 -5.46
N LEU B 271 19.57 -14.74 -4.69
CA LEU B 271 20.58 -14.76 -3.64
C LEU B 271 21.94 -14.25 -4.11
N THR B 272 22.26 -14.44 -5.39
CA THR B 272 23.57 -14.04 -5.94
C THR B 272 23.51 -13.11 -7.12
N HIS B 273 22.39 -13.07 -7.85
CA HIS B 273 22.27 -12.13 -8.96
C HIS B 273 21.56 -10.79 -8.69
N SER B 274 20.90 -10.65 -7.55
CA SER B 274 20.22 -9.38 -7.27
C SER B 274 20.50 -9.02 -5.83
N VAL B 275 21.76 -8.83 -5.46
CA VAL B 275 22.06 -8.53 -4.08
C VAL B 275 22.04 -7.06 -3.70
N ARG B 276 21.48 -6.77 -2.52
CA ARG B 276 21.39 -5.41 -2.01
C ARG B 276 22.53 -5.37 -1.01
N VAL B 277 23.34 -4.34 -1.14
CA VAL B 277 24.52 -4.24 -0.31
C VAL B 277 24.17 -3.99 1.14
N LEU B 278 24.92 -4.56 2.07
CA LEU B 278 24.67 -4.24 3.46
C LEU B 278 25.52 -2.97 3.61
N ASP B 279 24.92 -1.87 4.03
CA ASP B 279 25.64 -0.62 4.17
C ASP B 279 26.62 -0.60 5.35
N ILE B 280 27.90 -0.52 5.02
CA ILE B 280 28.94 -0.52 6.04
C ILE B 280 29.87 0.67 5.77
N GLY B 281 30.37 1.29 6.83
CA GLY B 281 31.28 2.42 6.67
C GLY B 281 32.51 2.20 7.54
N LEU B 282 33.59 2.89 7.19
CA LEU B 282 34.84 2.82 7.94
C LEU B 282 34.83 4.12 8.73
N ASP B 283 34.76 3.99 10.05
CA ASP B 283 34.73 5.15 10.91
C ASP B 283 36.02 5.38 11.71
N MET B 284 36.52 6.60 11.59
CA MET B 284 37.73 7.04 12.27
C MET B 284 37.31 8.12 13.22
N GLY C 1 -2.25 43.48 4.86
CA GLY C 1 -2.73 42.07 4.69
C GLY C 1 -3.78 41.73 5.74
N LEU C 2 -3.37 41.75 6.99
CA LEU C 2 -4.30 41.46 8.04
C LEU C 2 -5.17 42.68 8.23
N SER C 3 -6.44 42.43 8.53
CA SER C 3 -7.38 43.50 8.76
C SER C 3 -7.21 43.88 10.22
N ASP C 4 -8.01 44.85 10.65
CA ASP C 4 -7.96 45.36 12.01
C ASP C 4 -8.20 44.33 13.12
N TRP C 5 -9.26 43.54 13.01
CA TRP C 5 -9.53 42.56 14.06
C TRP C 5 -8.57 41.36 13.99
N GLU C 6 -8.03 41.08 12.80
CA GLU C 6 -7.05 40.00 12.63
C GLU C 6 -5.71 40.48 13.26
N LEU C 7 -5.37 41.73 13.00
CA LEU C 7 -4.17 42.33 13.54
C LEU C 7 -4.19 42.31 15.06
N ALA C 8 -5.37 42.61 15.63
CA ALA C 8 -5.58 42.64 17.07
C ALA C 8 -5.52 41.24 17.66
N ALA C 9 -6.09 40.29 16.91
CA ALA C 9 -6.12 38.89 17.31
C ALA C 9 -4.68 38.43 17.29
N ALA C 10 -3.94 38.84 16.28
CA ALA C 10 -2.55 38.48 16.14
C ALA C 10 -1.79 39.05 17.31
N ARG C 11 -2.01 40.32 17.63
CA ARG C 11 -1.29 40.93 18.75
C ARG C 11 -1.59 40.25 20.05
N ALA C 12 -2.84 39.89 20.25
CA ALA C 12 -3.23 39.21 21.46
C ALA C 12 -2.54 37.84 21.57
N ALA C 13 -2.52 37.08 20.48
CA ALA C 13 -1.88 35.76 20.48
C ALA C 13 -0.35 35.84 20.64
N ILE C 14 0.33 36.78 19.95
CA ILE C 14 1.79 36.85 20.07
C ILE C 14 2.17 37.21 21.51
N ALA C 15 1.35 38.03 22.16
CA ALA C 15 1.58 38.42 23.55
C ALA C 15 1.38 37.24 24.51
N ARG C 16 0.33 36.43 24.29
CA ARG C 16 0.10 35.26 25.13
C ARG C 16 1.24 34.31 24.89
N GLY C 17 1.69 34.26 23.64
CA GLY C 17 2.81 33.39 23.32
C GLY C 17 4.08 33.76 24.07
N LEU C 18 4.49 35.02 23.96
CA LEU C 18 5.72 35.48 24.64
C LEU C 18 5.59 35.34 26.16
N ASP C 19 4.40 35.58 26.68
CA ASP C 19 4.25 35.43 28.11
C ASP C 19 4.49 33.99 28.54
N GLU C 20 4.07 33.01 27.74
CA GLU C 20 4.28 31.60 28.11
C GLU C 20 5.76 31.19 28.18
N ASP C 21 6.56 31.81 27.31
CA ASP C 21 7.99 31.59 27.24
C ASP C 21 8.79 32.28 28.35
N LEU C 22 8.39 33.51 28.64
CA LEU C 22 9.09 34.33 29.64
C LEU C 22 8.62 34.28 31.06
N ARG C 23 7.51 33.61 31.36
CA ARG C 23 7.02 33.62 32.73
C ARG C 23 7.83 32.89 33.79
N TYR C 24 8.84 32.14 33.39
CA TYR C 24 9.65 31.42 34.37
C TYR C 24 10.98 32.10 34.57
N GLY C 25 11.19 33.20 33.86
CA GLY C 25 12.43 33.92 33.95
C GLY C 25 12.84 34.32 32.54
N PRO C 26 13.95 35.05 32.40
CA PRO C 26 14.35 35.46 31.05
C PRO C 26 15.00 34.30 30.31
N ASP C 27 15.35 34.55 29.06
CA ASP C 27 15.98 33.53 28.22
C ASP C 27 17.42 33.32 28.65
N VAL C 28 17.63 32.59 29.75
CA VAL C 28 18.95 32.37 30.31
C VAL C 28 20.05 31.83 29.37
N THR C 29 19.68 30.90 28.49
CA THR C 29 20.67 30.34 27.60
C THR C 29 21.14 31.36 26.54
N THR C 30 20.26 32.27 26.16
CA THR C 30 20.62 33.28 25.17
C THR C 30 21.45 34.34 25.84
N LEU C 31 20.99 34.78 26.99
CA LEU C 31 21.68 35.79 27.74
C LEU C 31 23.10 35.38 28.01
N ALA C 32 23.27 34.11 28.35
CA ALA C 32 24.59 33.60 28.67
C ALA C 32 25.53 33.39 27.49
N THR C 33 24.99 33.10 26.30
CA THR C 33 25.84 32.84 25.15
C THR C 33 25.94 33.97 24.15
N VAL C 34 24.97 34.87 24.11
CA VAL C 34 25.06 35.92 23.13
C VAL C 34 25.04 37.33 23.74
N PRO C 35 26.01 38.16 23.34
CA PRO C 35 26.12 39.54 23.84
C PRO C 35 24.98 40.45 23.36
N ALA C 36 24.65 41.43 24.18
CA ALA C 36 23.60 42.36 23.90
C ALA C 36 23.81 43.09 22.60
N SER C 37 25.06 43.31 22.23
CA SER C 37 25.36 44.03 21.00
C SER C 37 25.34 43.21 19.75
N ALA C 38 25.17 41.90 19.90
CA ALA C 38 25.15 41.00 18.76
C ALA C 38 24.00 41.29 17.78
N THR C 39 24.31 41.14 16.49
CA THR C 39 23.39 41.38 15.39
C THR C 39 23.62 40.40 14.28
N THR C 40 22.55 39.95 13.64
CA THR C 40 22.65 38.99 12.55
C THR C 40 21.64 39.20 11.49
N THR C 41 21.84 38.43 10.45
CA THR C 41 20.94 38.38 9.34
C THR C 41 20.43 36.97 9.51
N ALA C 42 19.12 36.81 9.57
CA ALA C 42 18.54 35.49 9.73
C ALA C 42 17.43 35.32 8.70
N SER C 43 17.07 34.09 8.41
CA SER C 43 16.00 33.84 7.45
C SER C 43 15.03 32.83 8.00
N LEU C 44 13.76 32.97 7.63
CA LEU C 44 12.76 31.99 8.04
C LEU C 44 12.76 31.14 6.81
N VAL C 45 13.18 29.87 6.89
CA VAL C 45 13.18 29.05 5.68
C VAL C 45 12.36 27.80 5.85
N THR C 46 11.60 27.42 4.82
CA THR C 46 10.78 26.22 4.96
C THR C 46 11.58 24.94 4.77
N ARG C 47 11.28 23.95 5.61
CA ARG C 47 11.90 22.67 5.52
C ARG C 47 11.00 21.86 4.59
N GLU C 48 9.82 22.35 4.28
CA GLU C 48 8.93 21.61 3.41
C GLU C 48 8.13 22.53 2.51
N ALA C 49 7.51 21.96 1.46
CA ALA C 49 6.74 22.76 0.52
C ALA C 49 5.32 22.96 1.02
N GLY C 50 4.68 24.03 0.55
CA GLY C 50 3.32 24.27 0.99
C GLY C 50 2.99 25.69 0.65
N VAL C 51 1.89 26.19 1.18
CA VAL C 51 1.47 27.55 0.94
C VAL C 51 1.76 28.34 2.21
N VAL C 52 2.26 29.55 2.05
CA VAL C 52 2.63 30.37 3.19
C VAL C 52 1.52 31.34 3.66
N ALA C 53 1.39 31.48 4.96
CA ALA C 53 0.43 32.39 5.50
C ALA C 53 0.90 32.81 6.87
N GLY C 54 0.58 34.04 7.24
CA GLY C 54 0.95 34.52 8.56
C GLY C 54 2.26 35.27 8.71
N LEU C 55 2.91 35.61 7.60
CA LEU C 55 4.20 36.32 7.66
C LEU C 55 4.14 37.63 8.45
N ASP C 56 3.06 38.38 8.31
CA ASP C 56 2.91 39.62 9.04
C ASP C 56 2.94 39.33 10.53
N VAL C 57 2.44 38.16 10.95
CA VAL C 57 2.46 37.79 12.36
C VAL C 57 3.93 37.64 12.85
N ALA C 58 4.87 37.31 11.97
CA ALA C 58 6.27 37.18 12.38
C ALA C 58 6.80 38.60 12.60
N LEU C 59 6.37 39.52 11.76
CA LEU C 59 6.79 40.90 11.88
C LEU C 59 6.24 41.51 13.20
N LEU C 60 4.98 41.23 13.53
CA LEU C 60 4.39 41.74 14.76
C LEU C 60 5.07 41.16 16.02
N THR C 61 5.67 39.97 15.91
CA THR C 61 6.35 39.36 17.04
C THR C 61 7.66 40.07 17.31
N LEU C 62 8.31 40.54 16.25
CA LEU C 62 9.56 41.26 16.42
C LEU C 62 9.24 42.63 16.97
N ASN C 63 8.25 43.30 16.41
CA ASN C 63 7.84 44.62 16.90
C ASN C 63 7.67 44.56 18.41
N GLU C 64 7.03 43.51 18.87
CA GLU C 64 6.79 43.35 20.29
C GLU C 64 8.08 43.12 21.08
N VAL C 65 9.00 42.33 20.55
CA VAL C 65 10.25 42.02 21.27
C VAL C 65 11.40 43.00 21.08
N LEU C 66 11.56 43.50 19.86
CA LEU C 66 12.61 44.43 19.45
C LEU C 66 12.12 45.83 19.15
N GLY C 67 10.83 46.01 18.98
CA GLY C 67 10.32 47.34 18.66
C GLY C 67 10.43 47.57 17.18
N THR C 68 9.60 48.45 16.65
CA THR C 68 9.58 48.72 15.22
C THR C 68 10.91 49.04 14.56
N ASN C 69 11.75 49.77 15.27
CA ASN C 69 13.04 50.14 14.74
C ASN C 69 14.15 49.20 15.22
N GLY C 70 13.82 47.94 15.47
CA GLY C 70 14.85 47.02 15.95
C GLY C 70 15.33 46.00 14.94
N TYR C 71 14.78 46.09 13.72
CA TYR C 71 15.13 45.15 12.68
C TYR C 71 14.86 45.71 11.29
N ARG C 72 15.39 45.00 10.30
CA ARG C 72 15.21 45.39 8.93
C ARG C 72 14.94 44.13 8.10
N VAL C 73 13.91 44.24 7.27
CA VAL C 73 13.52 43.17 6.39
C VAL C 73 14.19 43.43 5.06
N LEU C 74 15.12 42.55 4.69
CA LEU C 74 15.85 42.69 3.42
C LEU C 74 15.03 42.13 2.29
N ASP C 75 14.21 41.13 2.62
CA ASP C 75 13.40 40.51 1.61
C ASP C 75 12.32 39.66 2.22
N ARG C 76 11.22 39.47 1.48
CA ARG C 76 10.11 38.65 1.93
C ARG C 76 9.25 38.21 0.79
N VAL C 77 8.57 37.11 1.02
CA VAL C 77 7.69 36.50 0.07
C VAL C 77 6.29 36.97 0.47
N GLU C 78 5.34 36.82 -0.44
CA GLU C 78 3.97 37.22 -0.16
C GLU C 78 3.19 36.07 0.43
N ASP C 79 2.23 36.40 1.30
CA ASP C 79 1.38 35.39 1.89
C ASP C 79 0.59 34.81 0.73
N GLY C 80 0.42 33.50 0.72
CA GLY C 80 -0.32 32.87 -0.35
C GLY C 80 0.56 32.29 -1.42
N ALA C 81 1.85 32.55 -1.33
CA ALA C 81 2.78 32.04 -2.31
C ALA C 81 2.97 30.54 -2.09
N ARG C 82 3.01 29.80 -3.20
CA ARG C 82 3.24 28.35 -3.16
C ARG C 82 4.75 28.28 -3.04
N VAL C 83 5.24 27.47 -2.15
CA VAL C 83 6.66 27.48 -1.90
C VAL C 83 7.32 26.10 -1.77
N PRO C 84 8.55 25.96 -2.27
CA PRO C 84 9.30 24.72 -2.21
C PRO C 84 10.14 24.60 -0.96
N PRO C 85 10.65 23.39 -0.68
CA PRO C 85 11.48 23.19 0.51
C PRO C 85 12.74 24.04 0.39
N GLY C 86 13.15 24.70 1.48
CA GLY C 86 14.37 25.48 1.45
C GLY C 86 14.20 26.89 0.98
N GLU C 87 12.97 27.33 0.79
CA GLU C 87 12.70 28.70 0.36
C GLU C 87 12.80 29.66 1.56
N ALA C 88 13.43 30.81 1.35
CA ALA C 88 13.56 31.80 2.41
C ALA C 88 12.34 32.68 2.29
N LEU C 89 11.45 32.55 3.28
CA LEU C 89 10.20 33.31 3.38
C LEU C 89 10.42 34.77 3.71
N MET C 90 11.46 35.03 4.48
CA MET C 90 11.77 36.37 4.90
C MET C 90 13.19 36.42 5.46
N THR C 91 13.93 37.44 5.05
CA THR C 91 15.30 37.67 5.50
C THR C 91 15.34 38.97 6.31
N LEU C 92 15.80 38.88 7.54
CA LEU C 92 15.87 40.05 8.43
C LEU C 92 17.29 40.29 8.88
N GLU C 93 17.47 41.42 9.55
CA GLU C 93 18.73 41.82 10.14
C GLU C 93 18.21 42.32 11.48
N ALA C 94 18.66 41.76 12.58
CA ALA C 94 18.15 42.20 13.88
C ALA C 94 19.08 41.82 15.01
N GLN C 95 18.84 42.37 16.17
CA GLN C 95 19.67 42.03 17.32
C GLN C 95 19.47 40.55 17.54
N THR C 96 20.57 39.84 17.66
CA THR C 96 20.54 38.41 17.85
C THR C 96 19.78 37.94 19.07
N ARG C 97 19.98 38.57 20.20
CA ARG C 97 19.26 38.13 21.37
C ARG C 97 17.74 38.16 21.11
N GLY C 98 17.25 39.23 20.48
CA GLY C 98 15.83 39.39 20.26
C GLY C 98 15.25 38.34 19.38
N LEU C 99 16.00 37.97 18.34
CA LEU C 99 15.56 36.93 17.43
C LEU C 99 15.39 35.60 18.13
N LEU C 100 16.34 35.26 18.96
CA LEU C 100 16.31 33.98 19.65
C LEU C 100 15.18 33.86 20.66
N THR C 101 14.73 34.99 21.19
CA THR C 101 13.63 34.98 22.16
C THR C 101 12.27 34.94 21.40
N ALA C 102 12.19 35.69 20.30
CA ALA C 102 11.02 35.73 19.48
C ALA C 102 10.81 34.46 18.68
N GLU C 103 11.89 33.84 18.23
CA GLU C 103 11.89 32.63 17.39
C GLU C 103 10.74 31.64 17.49
N ARG C 104 10.62 30.98 18.65
CA ARG C 104 9.59 29.98 18.82
C ARG C 104 8.15 30.49 18.67
N THR C 105 7.80 31.58 19.34
CA THR C 105 6.45 32.14 19.23
C THR C 105 6.07 32.45 17.78
N MET C 106 6.98 33.09 17.06
CA MET C 106 6.70 33.48 15.69
C MET C 106 6.68 32.28 14.76
N LEU C 107 7.53 31.30 15.02
CA LEU C 107 7.60 30.11 14.20
C LEU C 107 6.41 29.21 14.43
N ASN C 108 5.88 29.18 15.65
CA ASN C 108 4.68 28.39 15.97
C ASN C 108 3.42 28.94 15.29
N LEU C 109 3.33 30.26 15.18
CA LEU C 109 2.17 30.90 14.54
C LEU C 109 2.21 30.69 13.04
N VAL C 110 3.30 31.12 12.41
CA VAL C 110 3.47 30.99 10.96
C VAL C 110 3.33 29.54 10.48
N GLY C 111 3.83 28.60 11.25
CA GLY C 111 3.74 27.23 10.83
C GLY C 111 2.34 26.74 10.87
N HIS C 112 1.61 27.12 11.90
CA HIS C 112 0.21 26.72 12.09
C HIS C 112 -0.62 27.31 10.96
N LEU C 113 -0.58 28.62 10.82
CA LEU C 113 -1.32 29.27 9.75
C LEU C 113 -0.92 28.81 8.34
N SER C 114 0.35 28.45 8.14
CA SER C 114 0.79 27.97 6.83
C SER C 114 0.26 26.55 6.64
N GLY C 115 0.28 25.78 7.70
CA GLY C 115 -0.23 24.44 7.64
C GLY C 115 -1.66 24.45 7.16
N ILE C 116 -2.44 25.42 7.64
CA ILE C 116 -3.86 25.58 7.28
C ILE C 116 -4.02 26.03 5.85
N ALA C 117 -3.23 27.00 5.42
CA ALA C 117 -3.30 27.49 4.05
C ALA C 117 -2.88 26.39 3.07
N THR C 118 -1.94 25.53 3.47
CA THR C 118 -1.41 24.43 2.63
C THR C 118 -2.44 23.34 2.40
N ALA C 119 -3.10 22.92 3.46
CA ALA C 119 -4.15 21.95 3.40
C ALA C 119 -5.30 22.52 2.60
N THR C 120 -5.75 23.72 2.94
CA THR C 120 -6.85 24.36 2.22
C THR C 120 -6.63 24.37 0.70
N ALA C 121 -5.39 24.66 0.29
CA ALA C 121 -5.05 24.70 -1.12
C ALA C 121 -5.18 23.31 -1.77
N ALA C 122 -4.96 22.26 -1.01
CA ALA C 122 -5.05 20.92 -1.53
C ALA C 122 -6.49 20.65 -1.90
N TRP C 123 -7.38 20.99 -0.98
CA TRP C 123 -8.82 20.82 -1.13
C TRP C 123 -9.31 21.67 -2.28
N VAL C 124 -8.78 22.89 -2.37
CA VAL C 124 -9.18 23.81 -3.44
C VAL C 124 -8.83 23.25 -4.85
N ASP C 125 -7.66 22.61 -4.93
CA ASP C 125 -7.19 22.00 -6.18
C ASP C 125 -8.00 20.75 -6.50
N ALA C 126 -8.42 20.05 -5.44
CA ALA C 126 -9.19 18.82 -5.59
C ALA C 126 -10.52 19.02 -6.28
N VAL C 127 -11.17 20.15 -6.00
CA VAL C 127 -12.46 20.42 -6.57
C VAL C 127 -12.39 21.38 -7.72
N ARG C 128 -11.21 21.50 -8.33
CA ARG C 128 -11.01 22.41 -9.45
C ARG C 128 -11.88 21.97 -10.66
N GLY C 129 -12.34 22.94 -11.47
CA GLY C 129 -13.17 22.64 -12.64
C GLY C 129 -14.61 22.28 -12.28
N THR C 130 -14.90 22.40 -11.00
CA THR C 130 -16.19 22.12 -10.37
C THR C 130 -16.63 23.50 -9.89
N LYS C 131 -17.87 23.69 -9.48
CA LYS C 131 -18.26 25.03 -9.03
C LYS C 131 -18.15 25.19 -7.52
N ALA C 132 -17.90 24.09 -6.82
CA ALA C 132 -17.83 24.10 -5.37
C ALA C 132 -16.72 24.93 -4.75
N LYS C 133 -17.03 25.55 -3.61
CA LYS C 133 -16.07 26.34 -2.85
C LYS C 133 -15.81 25.62 -1.56
N ILE C 134 -14.62 25.76 -1.04
CA ILE C 134 -14.23 25.05 0.14
C ILE C 134 -14.41 26.05 1.23
N ARG C 135 -15.17 25.66 2.25
CA ARG C 135 -15.47 26.53 3.37
C ARG C 135 -15.04 25.89 4.68
N ASP C 136 -14.92 26.73 5.70
CA ASP C 136 -14.51 26.28 7.01
C ASP C 136 -15.72 26.13 7.96
N THR C 137 -15.44 25.98 9.25
CA THR C 137 -16.47 25.80 10.23
C THR C 137 -16.10 26.62 11.47
N ARG C 138 -16.82 26.42 12.58
CA ARG C 138 -16.46 27.11 13.83
C ARG C 138 -15.61 26.15 14.71
N LYS C 139 -15.06 25.09 14.09
CA LYS C 139 -14.23 24.13 14.82
C LYS C 139 -12.81 24.67 14.78
N THR C 140 -12.64 25.82 15.43
CA THR C 140 -11.41 26.56 15.51
C THR C 140 -10.83 26.52 16.93
N LEU C 141 -9.56 26.88 17.09
CA LEU C 141 -8.90 26.89 18.40
C LEU C 141 -9.18 28.24 19.09
N PRO C 142 -9.57 28.22 20.38
CA PRO C 142 -9.88 29.44 21.13
C PRO C 142 -8.78 30.48 21.12
N GLY C 143 -9.10 31.67 20.64
CA GLY C 143 -8.12 32.73 20.55
C GLY C 143 -7.49 32.84 19.18
N LEU C 144 -7.75 31.87 18.30
CA LEU C 144 -7.15 31.89 16.98
C LEU C 144 -8.14 31.86 15.81
N ARG C 145 -9.43 32.01 16.08
CA ARG C 145 -10.41 31.96 15.01
C ARG C 145 -10.17 32.92 13.87
N ALA C 146 -9.92 34.16 14.21
CA ALA C 146 -9.71 35.16 13.17
C ALA C 146 -8.50 34.81 12.28
N LEU C 147 -7.44 34.32 12.90
CA LEU C 147 -6.23 33.97 12.18
C LEU C 147 -6.42 32.72 11.34
N GLN C 148 -6.97 31.66 11.94
CA GLN C 148 -7.22 30.41 11.22
C GLN C 148 -8.14 30.65 10.04
N LYS C 149 -9.15 31.48 10.28
CA LYS C 149 -10.13 31.85 9.28
C LYS C 149 -9.41 32.60 8.15
N TYR C 150 -8.45 33.44 8.52
CA TYR C 150 -7.67 34.24 7.58
C TYR C 150 -6.84 33.28 6.72
N ALA C 151 -6.27 32.27 7.36
CA ALA C 151 -5.43 31.33 6.67
C ALA C 151 -6.19 30.51 5.63
N VAL C 152 -7.44 30.13 5.90
CA VAL C 152 -8.16 29.35 4.89
C VAL C 152 -8.46 30.18 3.66
N ARG C 153 -8.67 31.46 3.87
CA ARG C 153 -8.90 32.36 2.75
C ARG C 153 -7.60 32.48 1.90
N THR C 154 -6.43 32.46 2.56
CA THR C 154 -5.12 32.55 1.90
C THR C 154 -4.86 31.31 1.04
N GLY C 155 -5.41 30.19 1.46
CA GLY C 155 -5.27 28.97 0.69
C GLY C 155 -6.32 28.86 -0.41
N GLY C 156 -7.25 29.80 -0.48
CA GLY C 156 -8.27 29.74 -1.53
C GLY C 156 -9.69 29.35 -1.11
N GLY C 157 -9.88 29.04 0.17
CA GLY C 157 -11.19 28.71 0.68
C GLY C 157 -12.02 29.96 0.94
N VAL C 158 -13.29 29.79 1.30
CA VAL C 158 -14.13 30.92 1.59
C VAL C 158 -14.69 30.69 3.00
N ASN C 159 -14.64 31.73 3.82
CA ASN C 159 -15.11 31.63 5.20
C ASN C 159 -16.60 31.37 5.38
N HIS C 160 -16.93 30.52 6.35
CA HIS C 160 -18.30 30.28 6.65
C HIS C 160 -18.57 31.41 7.67
N ARG C 161 -19.53 31.23 8.57
CA ARG C 161 -19.79 32.26 9.55
C ARG C 161 -18.64 32.32 10.56
N LEU C 162 -18.39 33.50 11.12
CA LEU C 162 -17.34 33.75 12.09
C LEU C 162 -17.80 33.55 13.54
N GLY C 163 -19.11 33.57 13.76
CA GLY C 163 -19.64 33.39 15.09
C GLY C 163 -21.05 32.86 15.08
N LEU C 164 -21.74 32.98 16.21
CA LEU C 164 -23.10 32.50 16.42
C LEU C 164 -24.21 33.49 15.99
N GLY C 165 -23.95 34.80 16.03
CA GLY C 165 -24.98 35.77 15.68
C GLY C 165 -24.79 36.31 14.29
N ASP C 166 -23.78 35.75 13.68
CA ASP C 166 -23.32 36.10 12.36
C ASP C 166 -24.29 35.69 11.25
N ALA C 167 -24.77 34.45 11.36
CA ALA C 167 -25.71 33.88 10.43
C ALA C 167 -26.35 32.85 11.28
N ALA C 168 -27.56 32.42 10.90
CA ALA C 168 -28.27 31.39 11.65
C ALA C 168 -27.92 30.03 11.04
N LEU C 169 -27.83 28.99 11.89
CA LEU C 169 -27.53 27.64 11.42
C LEU C 169 -28.26 26.69 12.31
N ILE C 170 -29.34 26.11 11.82
CA ILE C 170 -30.14 25.18 12.61
C ILE C 170 -29.51 23.79 12.61
N LYS C 171 -29.08 23.36 13.78
CA LYS C 171 -28.40 22.08 13.95
C LYS C 171 -29.27 21.00 14.50
N ASP C 172 -28.76 19.77 14.54
CA ASP C 172 -29.50 18.64 15.08
C ASP C 172 -30.11 18.83 16.49
N ASN C 173 -29.36 19.47 17.39
CA ASN C 173 -29.79 19.73 18.76
C ASN C 173 -30.87 20.78 18.85
N HIS C 174 -30.96 21.67 17.85
CA HIS C 174 -32.00 22.69 17.83
C HIS C 174 -33.28 22.06 17.36
N VAL C 175 -33.16 21.25 16.32
CA VAL C 175 -34.28 20.53 15.73
C VAL C 175 -34.88 19.66 16.84
N ALA C 176 -34.01 19.04 17.62
CA ALA C 176 -34.42 18.20 18.72
C ALA C 176 -35.26 19.02 19.67
N ALA C 177 -34.74 20.18 20.08
CA ALA C 177 -35.43 21.08 20.99
C ALA C 177 -36.70 21.68 20.40
N ALA C 178 -36.66 22.09 19.14
CA ALA C 178 -37.81 22.66 18.47
C ALA C 178 -38.81 21.58 18.02
N GLY C 179 -38.36 20.33 18.03
CA GLY C 179 -39.20 19.22 17.61
C GLY C 179 -39.29 18.89 16.12
N SER C 180 -38.70 19.70 15.24
CA SER C 180 -38.76 19.47 13.78
C SER C 180 -37.98 20.54 12.99
N VAL C 181 -37.37 20.14 11.87
CA VAL C 181 -36.60 21.09 11.06
C VAL C 181 -37.44 22.22 10.54
N VAL C 182 -38.63 21.89 10.09
CA VAL C 182 -39.51 22.91 9.57
C VAL C 182 -39.90 23.82 10.67
N ASP C 183 -40.10 23.26 11.86
CA ASP C 183 -40.49 24.03 13.07
C ASP C 183 -39.43 25.03 13.45
N ALA C 184 -38.20 24.53 13.53
CA ALA C 184 -37.01 25.33 13.84
C ALA C 184 -36.78 26.43 12.80
N LEU C 185 -36.93 26.10 11.51
CA LEU C 185 -36.76 27.04 10.43
C LEU C 185 -37.77 28.17 10.53
N ARG C 186 -39.02 27.82 10.74
CA ARG C 186 -40.05 28.82 10.88
C ARG C 186 -39.70 29.74 12.05
N ALA C 187 -39.31 29.16 13.19
CA ALA C 187 -38.95 29.90 14.38
C ALA C 187 -37.82 30.89 14.14
N VAL C 188 -36.77 30.43 13.50
CA VAL C 188 -35.67 31.32 13.22
C VAL C 188 -36.11 32.45 12.29
N ARG C 189 -36.90 32.09 11.28
CA ARG C 189 -37.41 33.08 10.31
C ARG C 189 -38.21 34.20 10.99
N ASN C 190 -38.96 33.82 12.02
CA ASN C 190 -39.78 34.75 12.77
C ASN C 190 -38.92 35.67 13.62
N ALA C 191 -37.91 35.09 14.27
CA ALA C 191 -37.03 35.85 15.13
C ALA C 191 -36.01 36.70 14.39
N ALA C 192 -35.39 36.17 13.33
CA ALA C 192 -34.39 36.91 12.58
C ALA C 192 -34.64 36.77 11.08
N PRO C 193 -35.73 37.35 10.60
CA PRO C 193 -36.11 37.29 9.18
C PRO C 193 -35.11 37.86 8.17
N ASP C 194 -34.24 38.74 8.64
CA ASP C 194 -33.25 39.39 7.80
C ASP C 194 -31.91 38.67 7.79
N LEU C 195 -31.81 37.63 8.58
CA LEU C 195 -30.59 36.87 8.72
C LEU C 195 -30.52 35.63 7.81
N PRO C 196 -29.36 35.34 7.19
CA PRO C 196 -29.20 34.18 6.32
C PRO C 196 -29.44 32.98 7.20
N CYS C 197 -30.17 32.02 6.65
CA CYS C 197 -30.49 30.84 7.41
C CYS C 197 -30.06 29.58 6.68
N GLU C 198 -29.38 28.71 7.42
CA GLU C 198 -28.89 27.46 6.91
C GLU C 198 -29.48 26.42 7.84
N VAL C 199 -29.97 25.33 7.28
CA VAL C 199 -30.51 24.28 8.10
C VAL C 199 -29.75 23.03 7.78
N GLU C 200 -29.48 22.28 8.81
CA GLU C 200 -28.75 21.05 8.68
C GLU C 200 -29.73 19.87 8.62
N VAL C 201 -29.63 19.05 7.59
CA VAL C 201 -30.51 17.87 7.48
C VAL C 201 -29.69 16.59 7.56
N ASP C 202 -30.19 15.57 8.24
CA ASP C 202 -29.49 14.31 8.36
C ASP C 202 -30.01 13.24 7.41
N SER C 203 -31.04 13.55 6.62
CA SER C 203 -31.62 12.56 5.72
C SER C 203 -32.35 13.17 4.56
N LEU C 204 -32.61 12.34 3.56
CA LEU C 204 -33.32 12.77 2.37
C LEU C 204 -34.76 13.13 2.71
N GLU C 205 -35.24 12.57 3.82
CA GLU C 205 -36.60 12.83 4.32
C GLU C 205 -36.67 14.25 4.84
N GLN C 206 -35.75 14.63 5.74
CA GLN C 206 -35.71 16.00 6.25
C GLN C 206 -35.46 16.94 5.11
N LEU C 207 -34.61 16.54 4.17
CA LEU C 207 -34.31 17.40 3.02
C LEU C 207 -35.60 17.79 2.33
N ASP C 208 -36.46 16.81 2.07
CA ASP C 208 -37.72 17.03 1.37
C ASP C 208 -38.59 17.98 2.15
N ALA C 209 -38.62 17.78 3.46
CA ALA C 209 -39.43 18.60 4.34
C ALA C 209 -39.03 20.08 4.38
N VAL C 210 -37.74 20.38 4.23
CA VAL C 210 -37.31 21.79 4.28
C VAL C 210 -37.18 22.47 2.93
N LEU C 211 -36.93 21.71 1.86
CA LEU C 211 -36.80 22.30 0.54
C LEU C 211 -37.92 23.28 0.19
N PRO C 212 -39.19 22.89 0.44
CA PRO C 212 -40.26 23.85 0.11
C PRO C 212 -40.23 25.13 0.94
N GLU C 213 -39.63 25.10 2.12
CA GLU C 213 -39.55 26.29 2.98
C GLU C 213 -38.59 27.31 2.39
N LYS C 214 -37.74 26.82 1.50
CA LYS C 214 -36.74 27.61 0.82
C LYS C 214 -35.74 28.37 1.68
N PRO C 215 -34.98 27.65 2.55
CA PRO C 215 -33.97 28.31 3.38
C PRO C 215 -32.83 28.73 2.44
N GLU C 216 -31.91 29.57 2.91
CA GLU C 216 -30.80 30.00 2.06
C GLU C 216 -29.85 28.87 1.67
N LEU C 217 -29.53 28.04 2.64
CA LEU C 217 -28.58 26.95 2.46
C LEU C 217 -29.04 25.76 3.24
N ILE C 218 -28.71 24.56 2.76
CA ILE C 218 -29.05 23.33 3.45
C ILE C 218 -27.71 22.61 3.60
N LEU C 219 -27.40 22.16 4.81
CA LEU C 219 -26.17 21.45 5.06
C LEU C 219 -26.50 19.96 5.13
N LEU C 220 -25.97 19.19 4.16
CA LEU C 220 -26.18 17.75 4.03
C LEU C 220 -25.19 17.07 4.92
N ASP C 221 -25.65 16.69 6.09
CA ASP C 221 -24.83 16.07 7.10
C ASP C 221 -24.59 14.59 6.95
N ASN C 222 -23.36 14.27 6.61
CA ASN C 222 -22.92 12.90 6.46
C ASN C 222 -23.69 12.10 5.41
N PHE C 223 -23.84 12.69 4.22
CA PHE C 223 -24.52 12.01 3.14
C PHE C 223 -23.50 11.26 2.30
N ALA C 224 -23.89 10.09 1.80
CA ALA C 224 -23.06 9.30 0.93
C ALA C 224 -23.12 10.07 -0.36
N VAL C 225 -22.23 9.75 -1.30
CA VAL C 225 -22.23 10.47 -2.56
C VAL C 225 -23.54 10.28 -3.30
N TRP C 226 -24.13 9.08 -3.22
CA TRP C 226 -25.35 8.81 -3.94
C TRP C 226 -26.47 9.64 -3.38
N GLN C 227 -26.46 9.84 -2.07
CA GLN C 227 -27.47 10.66 -1.42
C GLN C 227 -27.30 12.13 -1.76
N THR C 228 -26.04 12.54 -1.96
CA THR C 228 -25.75 13.93 -2.28
C THR C 228 -26.27 14.22 -3.68
N GLN C 229 -26.09 13.27 -4.57
CA GLN C 229 -26.53 13.36 -5.97
C GLN C 229 -28.06 13.51 -6.05
N THR C 230 -28.79 12.74 -5.24
CA THR C 230 -30.25 12.81 -5.17
C THR C 230 -30.65 14.21 -4.68
N ALA C 231 -30.04 14.63 -3.55
CA ALA C 231 -30.27 15.92 -2.95
C ALA C 231 -30.10 17.00 -3.97
N VAL C 232 -28.99 16.98 -4.71
CA VAL C 232 -28.77 18.01 -5.75
C VAL C 232 -29.85 17.94 -6.83
N GLN C 233 -30.33 16.73 -7.12
CA GLN C 233 -31.37 16.53 -8.13
C GLN C 233 -32.70 17.08 -7.63
N ARG C 234 -33.01 16.86 -6.35
CA ARG C 234 -34.25 17.40 -5.77
C ARG C 234 -34.23 18.90 -5.64
N ARG C 235 -33.12 19.46 -5.15
CA ARG C 235 -32.96 20.90 -5.03
C ARG C 235 -33.16 21.53 -6.38
N ASP C 236 -32.42 21.03 -7.37
CA ASP C 236 -32.51 21.54 -8.72
C ASP C 236 -33.92 21.58 -9.30
N SER C 237 -34.73 20.59 -8.96
CA SER C 237 -36.08 20.56 -9.51
C SER C 237 -37.11 21.26 -8.66
N ARG C 238 -36.92 21.29 -7.34
CA ARG C 238 -37.86 21.93 -6.43
C ARG C 238 -37.54 23.31 -5.87
N ALA C 239 -36.27 23.61 -5.64
CA ALA C 239 -35.91 24.89 -5.04
C ALA C 239 -34.59 25.29 -5.58
N PRO C 240 -34.56 25.69 -6.83
CA PRO C 240 -33.36 26.11 -7.53
C PRO C 240 -32.49 27.16 -6.81
N THR C 241 -33.09 27.93 -5.92
CA THR C 241 -32.35 28.97 -5.22
C THR C 241 -31.64 28.53 -3.93
N VAL C 242 -32.00 27.37 -3.40
CA VAL C 242 -31.39 26.90 -2.17
C VAL C 242 -30.00 26.32 -2.45
N MET C 243 -29.02 26.79 -1.71
CA MET C 243 -27.70 26.27 -1.90
C MET C 243 -27.45 25.08 -0.98
N LEU C 244 -26.63 24.17 -1.47
CA LEU C 244 -26.34 22.95 -0.77
C LEU C 244 -24.88 22.89 -0.33
N GLU C 245 -24.63 22.39 0.87
CA GLU C 245 -23.29 22.30 1.39
C GLU C 245 -23.09 20.94 2.04
N SER C 246 -22.07 20.21 1.60
CA SER C 246 -21.79 18.91 2.17
C SER C 246 -20.89 19.07 3.38
N SER C 247 -21.18 18.34 4.45
CA SER C 247 -20.35 18.40 5.65
C SER C 247 -20.49 17.09 6.41
N GLY C 248 -19.42 16.58 6.97
CA GLY C 248 -19.54 15.34 7.70
C GLY C 248 -18.51 14.31 7.31
N GLY C 249 -18.86 13.40 6.41
CA GLY C 249 -17.91 12.35 6.02
C GLY C 249 -16.97 12.65 4.85
N LEU C 250 -16.28 13.79 4.93
CA LEU C 250 -15.40 14.26 3.86
C LEU C 250 -13.95 14.00 4.07
N SER C 251 -13.31 13.45 3.03
CA SER C 251 -11.88 13.18 3.04
C SER C 251 -11.34 13.82 1.78
N LEU C 252 -10.04 14.11 1.75
CA LEU C 252 -9.43 14.71 0.58
C LEU C 252 -9.47 13.75 -0.60
N GLN C 253 -9.60 12.45 -0.32
CA GLN C 253 -9.67 11.42 -1.36
C GLN C 253 -11.02 11.45 -2.08
N THR C 254 -12.08 11.79 -1.33
CA THR C 254 -13.45 11.88 -1.84
C THR C 254 -13.94 13.28 -2.22
N ALA C 255 -13.17 14.31 -1.91
CA ALA C 255 -13.55 15.68 -2.20
C ALA C 255 -14.13 15.91 -3.59
N ALA C 256 -13.40 15.52 -4.64
CA ALA C 256 -13.90 15.75 -5.99
C ALA C 256 -15.18 15.00 -6.31
N THR C 257 -15.31 13.81 -5.76
CA THR C 257 -16.47 12.96 -6.01
C THR C 257 -17.75 13.64 -5.56
N TYR C 258 -17.66 14.29 -4.41
CA TYR C 258 -18.76 15.03 -3.85
C TYR C 258 -18.96 16.31 -4.63
N ALA C 259 -17.89 16.97 -5.02
CA ALA C 259 -18.00 18.23 -5.74
C ALA C 259 -18.64 18.00 -7.07
N GLU C 260 -18.30 16.88 -7.68
CA GLU C 260 -18.83 16.53 -8.98
C GLU C 260 -20.33 16.39 -8.95
N THR C 261 -20.91 16.12 -7.79
CA THR C 261 -22.35 15.94 -7.69
C THR C 261 -23.09 17.25 -7.93
N GLY C 262 -22.37 18.37 -7.93
CA GLY C 262 -22.98 19.68 -8.16
C GLY C 262 -23.30 20.50 -6.92
N VAL C 263 -22.82 20.10 -5.74
CA VAL C 263 -23.04 20.88 -4.52
C VAL C 263 -22.28 22.17 -4.63
N ASP C 264 -22.76 23.17 -3.92
CA ASP C 264 -22.18 24.48 -3.94
C ASP C 264 -20.96 24.67 -3.03
N TYR C 265 -20.89 23.90 -1.96
CA TYR C 265 -19.83 24.05 -1.00
C TYR C 265 -19.52 22.74 -0.30
N LEU C 266 -18.29 22.67 0.23
CA LEU C 266 -17.86 21.54 1.03
C LEU C 266 -17.39 22.26 2.25
N ALA C 267 -17.90 21.93 3.41
CA ALA C 267 -17.50 22.55 4.69
C ALA C 267 -16.59 21.56 5.36
N VAL C 268 -15.33 21.95 5.53
CA VAL C 268 -14.33 21.04 6.08
C VAL C 268 -13.78 21.44 7.46
N GLY C 269 -14.13 20.69 8.48
CA GLY C 269 -13.68 21.02 9.80
C GLY C 269 -12.21 20.73 9.95
N ALA C 270 -11.69 19.76 9.21
CA ALA C 270 -10.28 19.40 9.31
C ALA C 270 -9.34 20.57 9.04
N LEU C 271 -9.75 21.45 8.14
CA LEU C 271 -8.94 22.59 7.79
C LEU C 271 -8.44 23.35 9.01
N THR C 272 -9.21 23.37 10.08
CA THR C 272 -8.83 24.13 11.26
C THR C 272 -8.67 23.31 12.55
N HIS C 273 -9.28 22.12 12.62
CA HIS C 273 -9.12 21.33 13.84
C HIS C 273 -8.09 20.20 13.82
N SER C 274 -7.55 19.90 12.66
CA SER C 274 -6.56 18.85 12.55
C SER C 274 -5.48 19.32 11.63
N VAL C 275 -4.78 20.37 12.01
CA VAL C 275 -3.72 20.91 11.16
C VAL C 275 -2.29 20.35 11.39
N ARG C 276 -1.58 20.12 10.30
CA ARG C 276 -0.22 19.63 10.34
C ARG C 276 0.61 20.90 10.11
N VAL C 277 1.55 21.14 10.98
CA VAL C 277 2.33 22.37 10.87
C VAL C 277 3.21 22.39 9.63
N LEU C 278 3.42 23.57 9.05
CA LEU C 278 4.36 23.63 7.94
C LEU C 278 5.67 23.87 8.66
N ASP C 279 6.61 22.96 8.50
CA ASP C 279 7.90 23.05 9.16
C ASP C 279 8.77 24.17 8.60
N ILE C 280 8.96 25.23 9.40
CA ILE C 280 9.76 26.43 9.07
C ILE C 280 10.80 26.62 10.15
N GLY C 281 11.99 27.11 9.80
CA GLY C 281 13.03 27.31 10.78
C GLY C 281 13.67 28.65 10.56
N LEU C 282 14.30 29.16 11.63
CA LEU C 282 14.98 30.45 11.61
C LEU C 282 16.42 30.07 11.47
N ASP C 283 16.99 30.42 10.32
CA ASP C 283 18.38 30.06 10.05
C ASP C 283 19.27 31.25 10.08
N MET C 284 20.28 31.16 10.95
CA MET C 284 21.30 32.18 11.13
C MET C 284 22.61 31.62 10.61
N GLY D 1 -7.86 18.21 39.24
CA GLY D 1 -7.16 17.70 38.04
C GLY D 1 -6.24 18.77 37.50
N LEU D 2 -6.82 19.90 37.13
CA LEU D 2 -6.04 21.00 36.62
C LEU D 2 -5.46 21.75 37.78
N SER D 3 -4.23 22.23 37.63
CA SER D 3 -3.56 22.98 38.68
C SER D 3 -4.04 24.42 38.59
N ASP D 4 -3.40 25.29 39.35
CA ASP D 4 -3.79 26.69 39.37
C ASP D 4 -3.54 27.44 38.11
N TRP D 5 -2.34 27.32 37.55
CA TRP D 5 -2.04 28.03 36.32
C TRP D 5 -2.74 27.39 35.11
N GLU D 6 -3.05 26.09 35.19
CA GLU D 6 -3.76 25.39 34.13
C GLU D 6 -5.23 25.85 34.11
N LEU D 7 -5.78 25.97 35.31
CA LEU D 7 -7.13 26.42 35.51
C LEU D 7 -7.29 27.83 35.02
N ALA D 8 -6.27 28.65 35.27
CA ALA D 8 -6.30 30.06 34.85
C ALA D 8 -6.16 30.13 33.34
N ALA D 9 -5.31 29.25 32.78
CA ALA D 9 -5.07 29.15 31.35
C ALA D 9 -6.39 28.73 30.70
N ALA D 10 -7.05 27.74 31.31
CA ALA D 10 -8.35 27.26 30.84
C ALA D 10 -9.39 28.40 30.84
N ARG D 11 -9.60 29.08 31.97
CA ARG D 11 -10.59 30.16 32.02
C ARG D 11 -10.37 31.22 30.94
N ALA D 12 -9.11 31.55 30.74
CA ALA D 12 -8.74 32.54 29.75
C ALA D 12 -9.10 32.06 28.34
N ALA D 13 -8.83 30.80 28.09
CA ALA D 13 -9.12 30.25 26.79
C ALA D 13 -10.62 30.17 26.54
N ILE D 14 -11.38 29.63 27.50
CA ILE D 14 -12.80 29.47 27.29
C ILE D 14 -13.42 30.81 27.09
N ALA D 15 -12.88 31.83 27.73
CA ALA D 15 -13.42 33.20 27.60
C ALA D 15 -13.11 33.80 26.20
N ARG D 16 -11.92 33.51 25.66
CA ARG D 16 -11.56 33.99 24.32
C ARG D 16 -12.46 33.28 23.32
N GLY D 17 -12.71 32.00 23.58
CA GLY D 17 -13.58 31.23 22.71
C GLY D 17 -15.00 31.77 22.67
N LEU D 18 -15.63 31.89 23.82
CA LEU D 18 -16.98 32.42 23.86
C LEU D 18 -17.05 33.77 23.21
N ASP D 19 -16.02 34.59 23.41
CA ASP D 19 -16.06 35.90 22.81
C ASP D 19 -16.05 35.84 21.29
N GLU D 20 -15.30 34.90 20.74
CA GLU D 20 -15.26 34.75 19.28
C GLU D 20 -16.64 34.40 18.73
N ASP D 21 -17.38 33.57 19.47
CA ASP D 21 -18.73 33.17 19.09
C ASP D 21 -19.79 34.27 19.25
N LEU D 22 -19.70 34.98 20.36
CA LEU D 22 -20.69 36.00 20.68
C LEU D 22 -20.44 37.40 20.24
N ARG D 23 -19.29 37.69 19.65
CA ARG D 23 -19.03 39.07 19.26
C ARG D 23 -19.88 39.68 18.12
N TYR D 24 -20.59 38.85 17.38
CA TYR D 24 -21.43 39.33 16.27
C TYR D 24 -22.91 39.40 16.64
N GLY D 25 -23.23 39.15 17.90
CA GLY D 25 -24.60 39.17 18.34
C GLY D 25 -24.85 37.94 19.15
N PRO D 26 -26.04 37.78 19.75
CA PRO D 26 -26.29 36.57 20.55
C PRO D 26 -26.57 35.39 19.65
N ASP D 27 -26.70 34.23 20.27
CA ASP D 27 -26.99 32.99 19.58
C ASP D 27 -28.43 33.02 19.09
N VAL D 28 -28.63 33.73 17.99
CA VAL D 28 -29.95 33.89 17.40
C VAL D 28 -30.74 32.60 17.14
N THR D 29 -30.08 31.56 16.67
CA THR D 29 -30.78 30.34 16.36
C THR D 29 -31.22 29.61 17.60
N THR D 30 -30.39 29.58 18.64
CA THR D 30 -30.78 28.93 19.89
C THR D 30 -31.94 29.67 20.55
N LEU D 31 -31.86 31.00 20.54
CA LEU D 31 -32.89 31.82 21.14
C LEU D 31 -34.20 31.61 20.42
N ALA D 32 -34.16 31.54 19.11
CA ALA D 32 -35.37 31.32 18.36
C ALA D 32 -35.94 29.89 18.51
N THR D 33 -35.08 28.88 18.58
CA THR D 33 -35.58 27.51 18.62
C THR D 33 -35.83 26.87 19.96
N VAL D 34 -35.15 27.33 20.99
CA VAL D 34 -35.34 26.72 22.29
C VAL D 34 -35.77 27.70 23.36
N PRO D 35 -36.86 27.37 24.09
CA PRO D 35 -37.36 28.24 25.14
C PRO D 35 -36.42 28.36 26.34
N ALA D 36 -36.55 29.47 27.04
CA ALA D 36 -35.73 29.74 28.18
C ALA D 36 -35.86 28.74 29.32
N SER D 37 -36.99 28.07 29.39
CA SER D 37 -37.26 27.13 30.46
C SER D 37 -36.86 25.71 30.15
N ALA D 38 -36.40 25.48 28.92
CA ALA D 38 -36.00 24.15 28.50
C ALA D 38 -34.77 23.69 29.30
N THR D 39 -34.72 22.39 29.54
CA THR D 39 -33.67 21.73 30.29
C THR D 39 -33.53 20.34 29.71
N THR D 40 -32.31 19.84 29.55
CA THR D 40 -32.11 18.49 29.00
C THR D 40 -31.02 17.81 29.73
N THR D 41 -30.84 16.55 29.33
CA THR D 41 -29.77 15.72 29.84
C THR D 41 -29.03 15.51 28.53
N ALA D 42 -27.74 15.82 28.54
CA ALA D 42 -26.91 15.66 27.36
C ALA D 42 -25.63 14.91 27.73
N SER D 43 -25.00 14.29 26.75
CA SER D 43 -23.79 13.57 26.99
C SER D 43 -22.74 13.93 25.98
N LEU D 44 -21.49 13.94 26.41
CA LEU D 44 -20.40 14.22 25.49
C LEU D 44 -20.02 12.80 25.12
N VAL D 45 -20.20 12.41 23.86
CA VAL D 45 -19.86 11.05 23.46
C VAL D 45 -18.86 10.99 22.33
N THR D 46 -17.93 10.05 22.42
CA THR D 46 -16.92 9.90 21.40
C THR D 46 -17.39 9.18 20.18
N ARG D 47 -17.05 9.74 19.03
CA ARG D 47 -17.35 9.10 17.78
C ARG D 47 -16.16 8.19 17.45
N GLU D 48 -15.10 8.23 18.27
CA GLU D 48 -13.95 7.39 18.04
C GLU D 48 -13.24 6.98 19.31
N ALA D 49 -12.31 6.05 19.20
CA ALA D 49 -11.59 5.57 20.37
C ALA D 49 -10.36 6.42 20.62
N GLY D 50 -9.96 6.51 21.88
CA GLY D 50 -8.79 7.30 22.25
C GLY D 50 -8.71 7.47 23.74
N VAL D 51 -7.88 8.39 24.19
CA VAL D 51 -7.68 8.67 25.59
C VAL D 51 -8.34 10.01 25.80
N VAL D 52 -9.05 10.16 26.90
CA VAL D 52 -9.74 11.42 27.14
C VAL D 52 -8.96 12.45 28.04
N ALA D 53 -8.98 13.73 27.66
CA ALA D 53 -8.33 14.77 28.45
C ALA D 53 -9.12 16.07 28.34
N GLY D 54 -9.10 16.88 29.38
CA GLY D 54 -9.79 18.14 29.31
C GLY D 54 -11.23 18.17 29.79
N LEU D 55 -11.72 17.10 30.41
CA LEU D 55 -13.10 17.08 30.89
C LEU D 55 -13.46 18.24 31.83
N ASP D 56 -12.51 18.67 32.65
CA ASP D 56 -12.73 19.79 33.55
C ASP D 56 -12.92 21.10 32.78
N VAL D 57 -12.34 21.15 31.58
CA VAL D 57 -12.45 22.35 30.76
C VAL D 57 -13.90 22.47 30.31
N ALA D 58 -14.52 21.31 30.11
CA ALA D 58 -15.91 21.24 29.70
C ALA D 58 -16.73 21.88 30.80
N LEU D 59 -16.47 21.51 32.04
CA LEU D 59 -17.16 22.06 33.19
C LEU D 59 -16.91 23.56 33.36
N LEU D 60 -15.65 23.99 33.21
CA LEU D 60 -15.33 25.42 33.32
C LEU D 60 -16.04 26.25 32.27
N THR D 61 -16.37 25.63 31.13
CA THR D 61 -17.09 26.31 30.03
C THR D 61 -18.56 26.50 30.44
N LEU D 62 -19.10 25.54 31.18
CA LEU D 62 -20.48 25.61 31.65
C LEU D 62 -20.59 26.64 32.77
N ASN D 63 -19.61 26.64 33.67
CA ASN D 63 -19.54 27.61 34.78
C ASN D 63 -19.56 29.00 34.22
N GLU D 64 -18.88 29.18 33.10
CA GLU D 64 -18.83 30.48 32.46
C GLU D 64 -20.15 30.85 31.79
N VAL D 65 -20.80 29.89 31.12
CA VAL D 65 -22.05 30.18 30.42
C VAL D 65 -23.31 30.09 31.28
N LEU D 66 -23.39 29.03 32.11
CA LEU D 66 -24.53 28.75 33.02
C LEU D 66 -24.35 29.12 34.51
N GLY D 67 -23.09 29.28 34.95
CA GLY D 67 -22.83 29.59 36.35
C GLY D 67 -22.72 28.26 37.05
N THR D 68 -22.03 28.25 38.17
CA THR D 68 -21.83 27.01 38.92
C THR D 68 -23.09 26.22 39.25
N ASN D 69 -24.15 26.94 39.60
CA ASN D 69 -25.41 26.31 39.96
C ASN D 69 -26.34 26.24 38.75
N GLY D 70 -25.77 26.16 37.55
CA GLY D 70 -26.59 26.13 36.37
C GLY D 70 -26.70 24.76 35.73
N TYR D 71 -25.99 23.78 36.29
CA TYR D 71 -26.00 22.45 35.71
C TYR D 71 -25.62 21.42 36.74
N ARG D 72 -25.85 20.15 36.40
CA ARG D 72 -25.55 19.03 37.26
C ARG D 72 -24.92 17.94 36.42
N VAL D 73 -23.84 17.37 36.93
CA VAL D 73 -23.13 16.30 36.28
C VAL D 73 -23.66 15.01 36.86
N LEU D 74 -24.38 14.26 36.06
CA LEU D 74 -24.93 12.98 36.54
C LEU D 74 -23.85 11.91 36.55
N ASP D 75 -22.89 12.02 35.63
CA ASP D 75 -21.83 11.03 35.54
C ASP D 75 -20.70 11.55 34.67
N ARG D 76 -19.50 11.02 34.90
CA ARG D 76 -18.35 11.44 34.12
C ARG D 76 -17.26 10.41 34.23
N VAL D 77 -16.41 10.38 33.23
CA VAL D 77 -15.32 9.44 33.13
C VAL D 77 -14.10 10.20 33.65
N GLU D 78 -13.03 9.51 33.95
CA GLU D 78 -11.84 10.21 34.41
C GLU D 78 -10.88 10.59 33.23
N ASP D 79 -10.17 11.70 33.36
CA ASP D 79 -9.20 12.08 32.34
C ASP D 79 -8.15 10.99 32.30
N GLY D 80 -7.76 10.57 31.11
CA GLY D 80 -6.72 9.57 31.01
C GLY D 80 -7.30 8.22 30.75
N ALA D 81 -8.62 8.15 30.74
CA ALA D 81 -9.30 6.89 30.48
C ALA D 81 -9.21 6.54 28.99
N ARG D 82 -8.90 5.27 28.72
CA ARG D 82 -8.82 4.75 27.35
C ARG D 82 -10.28 4.53 27.05
N VAL D 83 -10.72 5.02 25.92
CA VAL D 83 -12.13 4.97 25.66
C VAL D 83 -12.46 4.51 24.24
N PRO D 84 -13.57 3.75 24.07
CA PRO D 84 -14.03 3.22 22.80
C PRO D 84 -15.02 4.14 22.14
N PRO D 85 -15.32 3.90 20.86
CA PRO D 85 -16.28 4.71 20.11
C PRO D 85 -17.65 4.55 20.71
N GLY D 86 -18.34 5.66 20.95
CA GLY D 86 -19.68 5.58 21.50
C GLY D 86 -19.74 5.65 23.01
N GLU D 87 -18.60 5.85 23.63
CA GLU D 87 -18.53 5.95 25.09
C GLU D 87 -18.98 7.34 25.50
N ALA D 88 -19.81 7.44 26.54
CA ALA D 88 -20.29 8.73 27.07
C ALA D 88 -19.28 9.20 28.12
N LEU D 89 -18.58 10.28 27.80
CA LEU D 89 -17.53 10.83 28.66
C LEU D 89 -18.06 11.58 29.83
N MET D 90 -19.27 12.10 29.69
CA MET D 90 -19.91 12.87 30.76
C MET D 90 -21.40 13.09 30.45
N THR D 91 -22.24 12.90 31.45
CA THR D 91 -23.68 13.12 31.29
C THR D 91 -24.09 14.26 32.24
N LEU D 92 -24.67 15.31 31.66
CA LEU D 92 -25.08 16.51 32.41
C LEU D 92 -26.58 16.74 32.34
N GLU D 93 -27.02 17.66 33.18
CA GLU D 93 -28.39 18.06 33.19
C GLU D 93 -28.23 19.57 33.26
N ALA D 94 -28.75 20.28 32.27
CA ALA D 94 -28.58 21.71 32.26
C ALA D 94 -29.60 22.45 31.42
N GLN D 95 -29.61 23.77 31.58
CA GLN D 95 -30.54 24.58 30.82
C GLN D 95 -30.09 24.36 29.41
N THR D 96 -31.06 24.04 28.57
CA THR D 96 -30.77 23.75 27.19
C THR D 96 -30.12 24.91 26.45
N ARG D 97 -30.64 26.12 26.62
CA ARG D 97 -30.09 27.24 25.90
C ARG D 97 -28.61 27.40 26.21
N GLY D 98 -28.23 27.21 27.47
CA GLY D 98 -26.84 27.36 27.87
C GLY D 98 -25.91 26.32 27.29
N LEU D 99 -26.40 25.09 27.14
CA LEU D 99 -25.66 24.00 26.54
C LEU D 99 -25.35 24.23 25.02
N LEU D 100 -26.33 24.72 24.27
CA LEU D 100 -26.14 24.93 22.85
C LEU D 100 -25.17 26.02 22.54
N THR D 101 -25.16 27.05 23.37
CA THR D 101 -24.24 28.16 23.19
C THR D 101 -22.81 27.75 23.52
N ALA D 102 -22.64 26.99 24.61
CA ALA D 102 -21.33 26.51 25.09
C ALA D 102 -20.74 25.37 24.26
N GLU D 103 -21.63 24.54 23.71
CA GLU D 103 -21.27 23.38 22.91
C GLU D 103 -19.98 23.40 22.09
N ARG D 104 -19.90 24.25 21.09
CA ARG D 104 -18.71 24.31 20.24
C ARG D 104 -17.42 24.67 20.97
N THR D 105 -17.45 25.66 21.87
CA THR D 105 -16.26 26.04 22.61
C THR D 105 -15.75 24.89 23.46
N MET D 106 -16.66 24.25 24.17
CA MET D 106 -16.24 23.17 25.03
C MET D 106 -15.78 21.92 24.28
N LEU D 107 -16.40 21.69 23.13
CA LEU D 107 -16.10 20.53 22.29
C LEU D 107 -14.79 20.70 21.54
N ASN D 108 -14.49 21.95 21.16
CA ASN D 108 -13.23 22.27 20.49
C ASN D 108 -12.04 22.06 21.43
N LEU D 109 -12.18 22.43 22.70
CA LEU D 109 -11.11 22.24 23.69
C LEU D 109 -10.89 20.78 24.01
N VAL D 110 -11.93 20.11 24.50
CA VAL D 110 -11.83 18.69 24.86
C VAL D 110 -11.39 17.84 23.66
N GLY D 111 -11.85 18.18 22.47
CA GLY D 111 -11.46 17.41 21.32
C GLY D 111 -9.97 17.59 21.08
N HIS D 112 -9.49 18.83 21.21
CA HIS D 112 -8.07 19.16 21.00
C HIS D 112 -7.19 18.45 22.03
N LEU D 113 -7.44 18.72 23.30
CA LEU D 113 -6.68 18.09 24.34
C LEU D 113 -6.80 16.57 24.29
N SER D 114 -7.94 16.01 23.93
CA SER D 114 -8.05 14.54 23.89
C SER D 114 -7.26 14.01 22.71
N GLY D 115 -7.20 14.78 21.65
CA GLY D 115 -6.44 14.37 20.50
C GLY D 115 -4.97 14.26 20.85
N ILE D 116 -4.50 15.17 21.71
CA ILE D 116 -3.10 15.20 22.14
C ILE D 116 -2.77 14.02 23.03
N ALA D 117 -3.67 13.75 23.96
CA ALA D 117 -3.45 12.64 24.89
C ALA D 117 -3.49 11.34 24.13
N THR D 118 -4.31 11.28 23.08
CA THR D 118 -4.47 10.07 22.29
C THR D 118 -3.22 9.79 21.48
N ALA D 119 -2.65 10.80 20.83
CA ALA D 119 -1.42 10.62 20.08
C ALA D 119 -0.28 10.24 21.01
N THR D 120 -0.18 10.95 22.12
CA THR D 120 0.86 10.70 23.11
C THR D 120 0.83 9.25 23.47
N ALA D 121 -0.38 8.72 23.69
CA ALA D 121 -0.56 7.31 24.10
C ALA D 121 -0.09 6.33 23.04
N ALA D 122 -0.20 6.73 21.77
CA ALA D 122 0.22 5.89 20.67
C ALA D 122 1.73 5.76 20.77
N TRP D 123 2.41 6.88 20.99
CA TRP D 123 3.88 6.92 21.12
C TRP D 123 4.39 6.08 22.28
N VAL D 124 3.78 6.28 23.43
CA VAL D 124 4.09 5.53 24.65
C VAL D 124 3.91 4.02 24.40
N ASP D 125 2.86 3.62 23.69
CA ASP D 125 2.69 2.20 23.42
C ASP D 125 3.78 1.72 22.51
N ALA D 126 4.17 2.56 21.55
CA ALA D 126 5.20 2.24 20.57
C ALA D 126 6.55 1.86 21.19
N VAL D 127 6.91 2.60 22.22
CA VAL D 127 8.18 2.39 22.89
C VAL D 127 8.09 1.55 24.15
N ARG D 128 7.01 0.81 24.28
CA ARG D 128 6.78 -0.07 25.42
C ARG D 128 7.87 -1.14 25.40
N GLY D 129 8.28 -1.59 26.59
CA GLY D 129 9.32 -2.60 26.70
C GLY D 129 10.73 -2.05 26.47
N THR D 130 10.85 -0.73 26.66
CA THR D 130 12.06 0.04 26.44
C THR D 130 12.08 0.99 27.62
N LYS D 131 13.20 1.68 27.86
CA LYS D 131 13.21 2.61 28.99
C LYS D 131 12.86 4.05 28.63
N ALA D 132 12.74 4.33 27.34
CA ALA D 132 12.45 5.66 26.83
C ALA D 132 11.12 6.22 27.25
N LYS D 133 11.07 7.52 27.48
CA LYS D 133 9.84 8.22 27.84
C LYS D 133 9.63 9.17 26.70
N ILE D 134 8.37 9.50 26.48
CA ILE D 134 7.98 10.40 25.39
C ILE D 134 7.87 11.78 25.99
N ARG D 135 8.53 12.76 25.38
CA ARG D 135 8.51 14.14 25.88
C ARG D 135 8.02 15.10 24.84
N ASP D 136 7.54 16.24 25.28
CA ASP D 136 7.06 17.24 24.37
C ASP D 136 8.09 18.32 24.12
N THR D 137 7.66 19.42 23.53
CA THR D 137 8.53 20.51 23.18
C THR D 137 7.83 21.84 23.43
N ARG D 138 8.44 22.92 22.93
CA ARG D 138 7.89 24.25 23.03
C ARG D 138 7.16 24.60 21.74
N LYS D 139 6.91 23.59 20.89
CA LYS D 139 6.21 23.80 19.65
C LYS D 139 4.72 23.60 19.97
N THR D 140 4.18 24.55 20.75
CA THR D 140 2.82 24.60 21.26
C THR D 140 2.03 25.81 20.68
N LEU D 141 0.70 25.83 20.76
CA LEU D 141 -0.02 26.98 20.23
C LEU D 141 -0.10 28.06 21.28
N PRO D 142 0.06 29.32 20.87
CA PRO D 142 0.01 30.45 21.79
C PRO D 142 -1.28 30.57 22.58
N GLY D 143 -1.16 30.52 23.89
CA GLY D 143 -2.33 30.61 24.72
C GLY D 143 -2.77 29.24 25.17
N LEU D 144 -2.22 28.20 24.57
CA LEU D 144 -2.61 26.84 24.94
C LEU D 144 -1.51 25.93 25.51
N ARG D 145 -0.31 26.46 25.70
CA ARG D 145 0.77 25.61 26.23
C ARG D 145 0.45 24.84 27.50
N ALA D 146 -0.07 25.49 28.52
CA ALA D 146 -0.36 24.75 29.76
C ALA D 146 -1.31 23.57 29.54
N LEU D 147 -2.31 23.79 28.70
CA LEU D 147 -3.31 22.78 28.43
C LEU D 147 -2.74 21.69 27.56
N GLN D 148 -2.04 22.05 26.50
CA GLN D 148 -1.46 21.04 25.60
C GLN D 148 -0.45 20.18 26.37
N LYS D 149 0.26 20.82 27.28
CA LYS D 149 1.27 20.19 28.11
C LYS D 149 0.60 19.25 29.09
N TYR D 150 -0.51 19.70 29.64
CA TYR D 150 -1.30 18.92 30.57
C TYR D 150 -1.76 17.66 29.86
N ALA D 151 -2.30 17.84 28.67
CA ALA D 151 -2.78 16.71 27.88
C ALA D 151 -1.70 15.68 27.54
N VAL D 152 -0.44 16.09 27.27
CA VAL D 152 0.53 15.04 26.95
C VAL D 152 0.80 14.23 28.20
N ARG D 153 0.74 14.88 29.35
CA ARG D 153 0.94 14.16 30.59
C ARG D 153 -0.16 13.10 30.79
N THR D 154 -1.40 13.46 30.46
CA THR D 154 -2.59 12.60 30.60
C THR D 154 -2.46 11.36 29.71
N GLY D 155 -1.81 11.52 28.55
CA GLY D 155 -1.60 10.40 27.66
C GLY D 155 -0.41 9.54 28.06
N GLY D 156 0.37 10.01 29.02
CA GLY D 156 1.50 9.21 29.48
C GLY D 156 2.89 9.72 29.19
N GLY D 157 2.97 10.89 28.55
CA GLY D 157 4.26 11.45 28.25
C GLY D 157 4.74 12.24 29.48
N VAL D 158 5.96 12.75 29.43
CA VAL D 158 6.50 13.55 30.52
C VAL D 158 6.90 14.88 29.91
N ASN D 159 6.47 15.96 30.54
CA ASN D 159 6.76 17.29 30.03
C ASN D 159 8.23 17.66 29.99
N HIS D 160 8.58 18.51 29.03
CA HIS D 160 9.92 19.04 28.91
C HIS D 160 9.77 20.41 29.58
N ARG D 161 10.60 21.37 29.22
CA ARG D 161 10.50 22.66 29.85
C ARG D 161 9.28 23.41 29.35
N LEU D 162 8.72 24.24 30.21
CA LEU D 162 7.53 25.04 29.89
C LEU D 162 7.88 26.39 29.32
N GLY D 163 9.13 26.78 29.45
CA GLY D 163 9.52 28.08 28.95
C GLY D 163 10.99 28.18 28.67
N LEU D 164 11.41 29.42 28.46
CA LEU D 164 12.79 29.75 28.18
C LEU D 164 13.74 29.80 29.40
N GLY D 165 13.22 30.23 30.54
CA GLY D 165 14.05 30.39 31.72
C GLY D 165 13.88 29.29 32.69
N ASP D 166 13.10 28.34 32.24
CA ASP D 166 12.74 27.15 32.96
C ASP D 166 13.93 26.20 33.21
N ALA D 167 14.72 26.04 32.15
CA ALA D 167 15.89 25.16 32.10
C ALA D 167 16.66 25.68 30.90
N ALA D 168 17.93 25.34 30.82
CA ALA D 168 18.78 25.79 29.71
C ALA D 168 18.76 24.73 28.60
N LEU D 169 18.79 25.15 27.36
CA LEU D 169 18.81 24.20 26.27
C LEU D 169 19.63 24.90 25.23
N ILE D 170 20.88 24.48 25.10
CA ILE D 170 21.77 25.11 24.14
C ILE D 170 21.48 24.58 22.75
N LYS D 171 21.01 25.47 21.90
CA LYS D 171 20.66 25.14 20.52
C LYS D 171 21.72 25.52 19.52
N ASP D 172 21.51 25.16 18.25
CA ASP D 172 22.46 25.48 17.19
C ASP D 172 22.82 26.95 17.06
N ASN D 173 21.81 27.81 17.22
CA ASN D 173 22.03 29.26 17.13
C ASN D 173 22.83 29.84 18.28
N HIS D 174 22.86 29.15 19.42
CA HIS D 174 23.62 29.59 20.60
C HIS D 174 25.06 29.21 20.39
N VAL D 175 25.25 27.97 19.98
CA VAL D 175 26.57 27.43 19.70
C VAL D 175 27.22 28.33 18.63
N ALA D 176 26.45 28.71 17.61
CA ALA D 176 26.94 29.61 16.54
C ALA D 176 27.46 30.90 17.18
N ALA D 177 26.64 31.48 18.04
CA ALA D 177 26.97 32.71 18.75
C ALA D 177 28.13 32.54 19.73
N ALA D 178 28.14 31.45 20.47
CA ALA D 178 29.19 31.22 21.45
C ALA D 178 30.45 30.65 20.79
N GLY D 179 30.34 30.29 19.52
CA GLY D 179 31.47 29.73 18.78
C GLY D 179 31.83 28.25 18.96
N SER D 180 31.40 27.60 20.04
CA SER D 180 31.70 26.19 20.29
C SER D 180 30.71 25.62 21.33
N VAL D 181 30.30 24.36 21.16
CA VAL D 181 29.37 23.76 22.13
C VAL D 181 29.93 23.74 23.52
N VAL D 182 31.20 23.40 23.65
CA VAL D 182 31.81 23.36 24.98
C VAL D 182 31.89 24.76 25.60
N ASP D 183 32.21 25.75 24.79
CA ASP D 183 32.30 27.12 25.27
C ASP D 183 30.94 27.50 25.79
N ALA D 184 29.93 27.36 24.94
CA ALA D 184 28.53 27.68 25.28
C ALA D 184 28.08 26.97 26.58
N LEU D 185 28.36 25.67 26.68
CA LEU D 185 28.01 24.90 27.86
C LEU D 185 28.65 25.52 29.10
N ARG D 186 29.94 25.82 29.02
CA ARG D 186 30.65 26.39 30.13
C ARG D 186 30.03 27.70 30.55
N ALA D 187 29.71 28.52 29.56
CA ALA D 187 29.10 29.81 29.76
C ALA D 187 27.81 29.72 30.52
N VAL D 188 26.92 28.85 30.05
CA VAL D 188 25.64 28.68 30.70
C VAL D 188 25.85 28.16 32.10
N ARG D 189 26.80 27.27 32.28
CA ARG D 189 27.11 26.69 33.60
C ARG D 189 27.54 27.80 34.56
N ASN D 190 28.22 28.80 33.99
CA ASN D 190 28.70 29.92 34.77
C ASN D 190 27.57 30.85 35.09
N ALA D 191 26.68 31.03 34.13
CA ALA D 191 25.57 31.94 34.30
C ALA D 191 24.43 31.40 35.14
N ALA D 192 24.09 30.12 34.95
CA ALA D 192 22.99 29.51 35.70
C ALA D 192 23.40 28.10 36.13
N PRO D 193 24.33 28.02 37.09
CA PRO D 193 24.86 26.76 37.61
C PRO D 193 23.83 25.89 38.28
N ASP D 194 22.75 26.49 38.75
CA ASP D 194 21.70 25.75 39.43
C ASP D 194 20.58 25.28 38.50
N LEU D 195 20.69 25.65 37.21
CA LEU D 195 19.68 25.32 36.19
C LEU D 195 20.02 24.06 35.40
N PRO D 196 19.02 23.20 35.12
CA PRO D 196 19.25 21.97 34.36
C PRO D 196 19.75 22.38 32.99
N CYS D 197 20.72 21.66 32.48
CA CYS D 197 21.29 22.01 31.19
C CYS D 197 21.26 20.84 30.21
N GLU D 198 20.70 21.14 29.04
CA GLU D 198 20.57 20.19 27.97
C GLU D 198 21.33 20.83 26.83
N VAL D 199 22.15 20.06 26.13
CA VAL D 199 22.88 20.61 25.01
C VAL D 199 22.50 19.81 23.79
N GLU D 200 22.31 20.51 22.70
CA GLU D 200 21.91 19.93 21.45
C GLU D 200 23.10 19.67 20.55
N VAL D 201 23.32 18.43 20.14
CA VAL D 201 24.41 18.13 19.23
C VAL D 201 23.86 17.67 17.90
N ASP D 202 24.58 18.03 16.82
CA ASP D 202 24.19 17.70 15.44
C ASP D 202 25.02 16.58 14.86
N SER D 203 26.09 16.17 15.55
CA SER D 203 26.96 15.13 15.03
C SER D 203 27.63 14.34 16.13
N LEU D 204 28.20 13.20 15.76
CA LEU D 204 28.90 12.35 16.73
C LEU D 204 30.12 13.07 17.27
N GLU D 205 30.67 13.96 16.45
CA GLU D 205 31.85 14.80 16.79
C GLU D 205 31.50 15.73 17.96
N GLN D 206 30.43 16.50 17.83
CA GLN D 206 30.00 17.36 18.92
C GLN D 206 29.65 16.51 20.12
N LEU D 207 29.13 15.32 19.87
CA LEU D 207 28.75 14.44 20.95
C LEU D 207 29.97 14.12 21.76
N ASP D 208 31.07 13.83 21.08
CA ASP D 208 32.33 13.47 21.74
C ASP D 208 32.87 14.64 22.51
N ALA D 209 32.70 15.83 21.95
CA ALA D 209 33.19 17.03 22.57
C ALA D 209 32.50 17.39 23.88
N VAL D 210 31.19 17.11 24.01
CA VAL D 210 30.44 17.47 25.21
C VAL D 210 30.25 16.41 26.29
N LEU D 211 30.43 15.15 25.93
CA LEU D 211 30.28 14.08 26.90
C LEU D 211 31.19 14.27 28.11
N PRO D 212 32.46 14.62 27.89
CA PRO D 212 33.33 14.82 29.04
C PRO D 212 32.89 15.94 29.97
N GLU D 213 32.19 16.94 29.41
CA GLU D 213 31.70 18.08 30.21
C GLU D 213 30.59 17.62 31.13
N LYS D 214 30.05 16.45 30.84
CA LYS D 214 28.97 15.86 31.60
C LYS D 214 27.75 16.75 31.84
N PRO D 215 27.02 17.09 30.78
CA PRO D 215 25.81 17.91 30.93
C PRO D 215 24.70 16.98 31.42
N GLU D 216 23.60 17.52 31.91
CA GLU D 216 22.53 16.66 32.42
C GLU D 216 21.92 15.80 31.33
N LEU D 217 21.68 16.42 30.19
CA LEU D 217 21.03 15.76 29.09
C LEU D 217 21.64 16.19 27.77
N ILE D 218 21.63 15.30 26.80
CA ILE D 218 22.11 15.62 25.48
C ILE D 218 20.97 15.29 24.52
N LEU D 219 20.66 16.24 23.64
CA LEU D 219 19.62 16.07 22.65
C LEU D 219 20.27 15.73 21.30
N LEU D 220 20.01 14.53 20.79
CA LEU D 220 20.57 14.07 19.52
C LEU D 220 19.64 14.58 18.46
N ASP D 221 20.08 15.57 17.71
CA ASP D 221 19.23 16.15 16.69
C ASP D 221 19.43 15.56 15.28
N ASN D 222 18.37 14.90 14.82
CA ASN D 222 18.32 14.31 13.50
C ASN D 222 19.42 13.27 13.29
N PHE D 223 19.54 12.34 14.23
CA PHE D 223 20.53 11.28 14.13
C PHE D 223 19.87 10.09 13.48
N ALA D 224 20.61 9.38 12.64
CA ALA D 224 20.10 8.15 12.03
C ALA D 224 20.12 7.11 13.16
N VAL D 225 19.38 6.03 13.04
CA VAL D 225 19.37 5.04 14.10
C VAL D 225 20.76 4.51 14.41
N TRP D 226 21.61 4.36 13.40
CA TRP D 226 22.96 3.83 13.63
C TRP D 226 23.79 4.78 14.45
N GLN D 227 23.59 6.09 14.25
CA GLN D 227 24.29 7.12 15.00
C GLN D 227 23.76 7.24 16.42
N THR D 228 22.49 6.93 16.62
CA THR D 228 21.88 6.96 17.95
C THR D 228 22.47 5.80 18.77
N GLN D 229 22.63 4.67 18.12
CA GLN D 229 23.20 3.49 18.75
C GLN D 229 24.65 3.74 19.16
N THR D 230 25.46 4.33 18.26
CA THR D 230 26.85 4.66 18.57
C THR D 230 26.85 5.61 19.76
N ALA D 231 25.99 6.63 19.69
CA ALA D 231 25.84 7.61 20.76
C ALA D 231 25.56 6.94 22.10
N VAL D 232 24.59 6.06 22.12
CA VAL D 232 24.27 5.36 23.36
C VAL D 232 25.46 4.53 23.81
N GLN D 233 26.22 3.99 22.87
CA GLN D 233 27.41 3.20 23.20
C GLN D 233 28.49 4.09 23.78
N ARG D 234 28.71 5.26 23.20
CA ARG D 234 29.70 6.18 23.73
C ARG D 234 29.31 6.73 25.10
N ARG D 235 28.08 7.17 25.25
CA ARG D 235 27.59 7.70 26.52
C ARG D 235 27.82 6.67 27.63
N ASP D 236 27.35 5.44 27.40
CA ASP D 236 27.47 4.34 28.36
C ASP D 236 28.88 4.07 28.82
N SER D 237 29.84 4.25 27.93
CA SER D 237 31.22 4.00 28.33
C SER D 237 31.93 5.20 28.94
N ARG D 238 31.65 6.40 28.42
CA ARG D 238 32.30 7.62 28.87
C ARG D 238 31.64 8.51 29.91
N ALA D 239 30.31 8.56 29.91
CA ALA D 239 29.58 9.40 30.86
C ALA D 239 28.25 8.76 31.10
N PRO D 240 28.22 7.63 31.82
CA PRO D 240 27.04 6.86 32.16
C PRO D 240 25.91 7.66 32.77
N THR D 241 26.24 8.81 33.34
CA THR D 241 25.25 9.65 33.98
C THR D 241 24.54 10.65 33.04
N VAL D 242 25.05 10.81 31.83
CA VAL D 242 24.45 11.74 30.86
C VAL D 242 23.27 11.10 30.15
N MET D 243 22.12 11.74 30.24
CA MET D 243 20.95 11.20 29.60
C MET D 243 20.93 11.66 28.16
N LEU D 244 20.32 10.84 27.32
CA LEU D 244 20.25 11.08 25.89
C LEU D 244 18.79 11.20 25.47
N GLU D 245 18.50 12.14 24.58
CA GLU D 245 17.15 12.36 24.12
C GLU D 245 17.17 12.57 22.62
N SER D 246 16.45 11.73 21.87
CA SER D 246 16.41 11.88 20.43
C SER D 246 15.35 12.88 20.06
N SER D 247 15.60 13.67 19.04
CA SER D 247 14.62 14.61 18.60
C SER D 247 15.00 14.94 17.18
N GLY D 248 14.02 15.07 16.30
CA GLY D 248 14.33 15.41 14.94
C GLY D 248 13.58 14.60 13.93
N GLY D 249 14.21 13.54 13.42
CA GLY D 249 13.58 12.72 12.37
C GLY D 249 12.69 11.60 12.88
N LEU D 250 11.81 11.97 13.81
CA LEU D 250 10.91 11.03 14.50
C LEU D 250 9.50 10.86 13.98
N SER D 251 9.18 9.61 13.65
CA SER D 251 7.85 9.27 13.17
C SER D 251 7.37 8.15 14.05
N LEU D 252 6.06 8.01 14.17
CA LEU D 252 5.51 6.95 14.99
C LEU D 252 5.94 5.57 14.43
N GLN D 253 6.26 5.50 13.15
CA GLN D 253 6.70 4.22 12.55
C GLN D 253 8.12 3.82 13.00
N THR D 254 8.94 4.81 13.33
CA THR D 254 10.30 4.57 13.73
C THR D 254 10.57 4.67 15.23
N ALA D 255 9.58 5.14 15.98
CA ALA D 255 9.73 5.35 17.39
C ALA D 255 10.43 4.24 18.13
N ALA D 256 9.96 3.01 18.00
CA ALA D 256 10.57 1.89 18.71
C ALA D 256 12.00 1.59 18.26
N THR D 257 12.29 1.82 17.00
CA THR D 257 13.60 1.54 16.47
C THR D 257 14.62 2.43 17.16
N TYR D 258 14.26 3.69 17.40
CA TYR D 258 15.14 4.63 18.08
C TYR D 258 15.16 4.30 19.57
N ALA D 259 14.00 3.96 20.12
CA ALA D 259 13.91 3.64 21.53
C ALA D 259 14.73 2.45 21.87
N GLU D 260 14.69 1.45 20.99
CA GLU D 260 15.42 0.21 21.18
C GLU D 260 16.92 0.44 21.32
N THR D 261 17.41 1.55 20.78
CA THR D 261 18.84 1.86 20.85
C THR D 261 19.26 2.13 22.29
N GLY D 262 18.28 2.34 23.15
CA GLY D 262 18.54 2.59 24.58
C GLY D 262 18.47 4.03 25.06
N VAL D 263 18.06 4.98 24.21
CA VAL D 263 17.97 6.37 24.61
C VAL D 263 16.93 6.50 25.72
N ASP D 264 17.08 7.56 26.52
CA ASP D 264 16.21 7.82 27.64
C ASP D 264 14.92 8.51 27.26
N TYR D 265 14.94 9.33 26.22
CA TYR D 265 13.74 10.05 25.85
C TYR D 265 13.63 10.24 24.37
N LEU D 266 12.41 10.50 23.93
CA LEU D 266 12.11 10.79 22.55
C LEU D 266 11.30 12.06 22.73
N ALA D 267 11.79 13.15 22.15
CA ALA D 267 11.09 14.43 22.24
C ALA D 267 10.34 14.65 20.92
N VAL D 268 9.01 14.57 20.98
CA VAL D 268 8.16 14.70 19.80
C VAL D 268 7.35 15.99 19.68
N GLY D 269 7.73 16.80 18.70
CA GLY D 269 7.00 18.03 18.49
C GLY D 269 5.58 17.83 18.01
N ALA D 270 5.39 16.88 17.10
CA ALA D 270 4.07 16.55 16.51
C ALA D 270 2.96 16.39 17.54
N LEU D 271 3.33 16.00 18.75
CA LEU D 271 2.38 15.82 19.83
C LEU D 271 1.55 17.08 20.08
N THR D 272 2.13 18.24 19.80
CA THR D 272 1.45 19.50 20.08
C THR D 272 1.25 20.43 18.89
N HIS D 273 2.04 20.24 17.86
CA HIS D 273 1.89 21.10 16.70
C HIS D 273 1.14 20.50 15.51
N SER D 274 0.82 19.22 15.56
CA SER D 274 0.09 18.64 14.43
C SER D 274 -0.90 17.67 15.04
N VAL D 275 -1.87 18.19 15.79
CA VAL D 275 -2.80 17.29 16.47
C VAL D 275 -4.07 17.02 15.69
N ARG D 276 -4.54 15.78 15.78
CA ARG D 276 -5.78 15.36 15.12
C ARG D 276 -6.80 15.29 16.24
N VAL D 277 -7.87 16.05 16.09
CA VAL D 277 -8.91 16.13 17.08
C VAL D 277 -9.53 14.78 17.31
N LEU D 278 -9.92 14.52 18.55
CA LEU D 278 -10.64 13.29 18.89
C LEU D 278 -12.07 13.80 18.65
N ASP D 279 -12.82 13.09 17.80
CA ASP D 279 -14.17 13.49 17.46
C ASP D 279 -15.15 13.18 18.57
N ILE D 280 -15.72 14.25 19.16
CA ILE D 280 -16.63 14.15 20.29
C ILE D 280 -17.84 14.97 19.99
N GLY D 281 -19.02 14.50 20.41
CA GLY D 281 -20.25 15.23 20.16
C GLY D 281 -21.08 15.37 21.42
N LEU D 282 -21.99 16.34 21.42
CA LEU D 282 -22.89 16.59 22.55
C LEU D 282 -24.20 16.00 22.07
N ASP D 283 -24.63 14.93 22.70
CA ASP D 283 -25.86 14.27 22.29
C ASP D 283 -26.97 14.48 23.30
N MET D 284 -28.09 14.96 22.79
CA MET D 284 -29.28 15.19 23.58
C MET D 284 -30.31 14.20 23.10
N GLY E 1 -34.51 -5.12 -26.38
CA GLY E 1 -33.13 -5.29 -25.81
C GLY E 1 -32.76 -6.76 -25.77
N LEU E 2 -33.48 -7.51 -24.96
CA LEU E 2 -33.22 -8.93 -24.87
C LEU E 2 -33.79 -9.58 -26.09
N SER E 3 -33.12 -10.62 -26.57
CA SER E 3 -33.57 -11.38 -27.73
C SER E 3 -34.56 -12.41 -27.18
N ASP E 4 -35.00 -13.30 -28.06
CA ASP E 4 -35.97 -14.31 -27.71
C ASP E 4 -35.49 -15.34 -26.68
N TRP E 5 -34.30 -15.90 -26.87
CA TRP E 5 -33.87 -16.89 -25.89
C TRP E 5 -33.40 -16.27 -24.57
N GLU E 6 -33.00 -15.00 -24.62
CA GLU E 6 -32.55 -14.28 -23.44
C GLU E 6 -33.79 -13.96 -22.64
N LEU E 7 -34.84 -13.54 -23.34
CA LEU E 7 -36.15 -13.21 -22.72
C LEU E 7 -36.73 -14.43 -22.02
N ALA E 8 -36.63 -15.57 -22.68
CA ALA E 8 -37.13 -16.83 -22.16
C ALA E 8 -36.33 -17.18 -20.96
N ALA E 9 -35.03 -16.89 -21.05
CA ALA E 9 -34.09 -17.17 -19.99
C ALA E 9 -34.42 -16.31 -18.74
N ALA E 10 -34.68 -15.02 -18.98
CA ALA E 10 -35.02 -14.08 -17.92
C ALA E 10 -36.27 -14.54 -17.19
N ARG E 11 -37.32 -14.89 -17.94
CA ARG E 11 -38.59 -15.38 -17.34
C ARG E 11 -38.40 -16.60 -16.43
N ALA E 12 -37.57 -17.52 -16.87
CA ALA E 12 -37.31 -18.73 -16.09
C ALA E 12 -36.62 -18.37 -14.83
N ALA E 13 -35.70 -17.40 -14.90
CA ALA E 13 -34.95 -16.96 -13.74
C ALA E 13 -35.82 -16.20 -12.76
N ILE E 14 -36.59 -15.22 -13.25
CA ILE E 14 -37.43 -14.47 -12.32
C ILE E 14 -38.45 -15.37 -11.62
N ALA E 15 -38.89 -16.40 -12.32
CA ALA E 15 -39.84 -17.35 -11.78
C ALA E 15 -39.23 -18.21 -10.69
N ARG E 16 -37.96 -18.62 -10.85
CA ARG E 16 -37.27 -19.42 -9.84
C ARG E 16 -36.99 -18.50 -8.67
N GLY E 17 -36.71 -17.23 -8.99
CA GLY E 17 -36.50 -16.24 -7.95
C GLY E 17 -37.71 -16.04 -7.04
N LEU E 18 -38.89 -15.76 -7.60
CA LEU E 18 -40.13 -15.59 -6.82
C LEU E 18 -40.50 -16.89 -6.11
N ASP E 19 -40.28 -18.03 -6.76
CA ASP E 19 -40.61 -19.25 -6.06
C ASP E 19 -39.77 -19.41 -4.79
N GLU E 20 -38.51 -19.00 -4.81
CA GLU E 20 -37.67 -19.13 -3.61
C GLU E 20 -38.15 -18.24 -2.46
N ASP E 21 -38.67 -17.07 -2.78
CA ASP E 21 -39.16 -16.13 -1.76
C ASP E 21 -40.52 -16.51 -1.16
N LEU E 22 -41.42 -16.96 -2.05
CA LEU E 22 -42.80 -17.33 -1.70
C LEU E 22 -43.11 -18.75 -1.29
N ARG E 23 -42.14 -19.65 -1.42
CA ARG E 23 -42.42 -21.03 -1.08
C ARG E 23 -42.65 -21.36 0.39
N TYR E 24 -42.40 -20.43 1.30
CA TYR E 24 -42.64 -20.69 2.71
C TYR E 24 -43.92 -20.03 3.20
N GLY E 25 -44.63 -19.36 2.31
CA GLY E 25 -45.86 -18.67 2.67
C GLY E 25 -45.82 -17.31 2.00
N PRO E 26 -46.89 -16.51 2.08
CA PRO E 26 -46.86 -15.21 1.44
C PRO E 26 -46.03 -14.18 2.22
N ASP E 27 -45.87 -13.01 1.62
CA ASP E 27 -45.12 -11.93 2.25
C ASP E 27 -45.91 -11.40 3.47
N VAL E 28 -45.80 -12.10 4.59
CA VAL E 28 -46.53 -11.72 5.78
C VAL E 28 -46.28 -10.29 6.30
N THR E 29 -45.02 -9.87 6.35
CA THR E 29 -44.73 -8.55 6.84
C THR E 29 -45.32 -7.45 5.96
N THR E 30 -45.24 -7.65 4.65
CA THR E 30 -45.79 -6.65 3.74
C THR E 30 -47.29 -6.64 3.92
N LEU E 31 -47.84 -7.84 4.07
CA LEU E 31 -49.28 -7.99 4.20
C LEU E 31 -49.75 -7.29 5.45
N ALA E 32 -48.98 -7.45 6.51
CA ALA E 32 -49.36 -6.86 7.76
C ALA E 32 -49.13 -5.37 7.83
N THR E 33 -48.14 -4.85 7.09
CA THR E 33 -47.87 -3.42 7.21
C THR E 33 -48.44 -2.53 6.16
N VAL E 34 -48.63 -3.06 4.97
CA VAL E 34 -49.16 -2.21 3.92
C VAL E 34 -50.48 -2.74 3.37
N PRO E 35 -51.47 -1.83 3.23
CA PRO E 35 -52.79 -2.14 2.72
C PRO E 35 -52.79 -2.42 1.23
N ALA E 36 -53.69 -3.30 0.83
CA ALA E 36 -53.81 -3.70 -0.54
C ALA E 36 -54.05 -2.54 -1.49
N SER E 37 -54.60 -1.45 -0.98
CA SER E 37 -54.89 -0.31 -1.85
C SER E 37 -53.75 0.66 -2.00
N ALA E 38 -52.70 0.43 -1.21
CA ALA E 38 -51.52 1.29 -1.22
C ALA E 38 -50.84 1.32 -2.58
N THR E 39 -50.44 2.53 -2.99
CA THR E 39 -49.78 2.77 -4.26
C THR E 39 -48.61 3.75 -4.06
N THR E 40 -47.55 3.57 -4.86
CA THR E 40 -46.36 4.44 -4.80
C THR E 40 -45.64 4.63 -6.11
N THR E 41 -44.71 5.57 -6.04
CA THR E 41 -43.84 5.87 -7.14
C THR E 41 -42.53 5.41 -6.50
N ALA E 42 -41.79 4.55 -7.18
CA ALA E 42 -40.53 4.07 -6.64
C ALA E 42 -39.47 4.22 -7.72
N SER E 43 -38.21 4.28 -7.32
CA SER E 43 -37.12 4.40 -8.27
C SER E 43 -36.02 3.43 -7.93
N LEU E 44 -35.40 2.87 -8.98
CA LEU E 44 -34.28 1.95 -8.80
C LEU E 44 -33.13 2.91 -8.88
N VAL E 45 -32.40 3.11 -7.79
CA VAL E 45 -31.30 4.05 -7.87
C VAL E 45 -29.99 3.40 -7.49
N THR E 46 -28.93 3.77 -8.20
CA THR E 46 -27.60 3.21 -7.89
C THR E 46 -26.96 3.88 -6.71
N ARG E 47 -26.36 3.06 -5.86
CA ARG E 47 -25.62 3.54 -4.72
C ARG E 47 -24.16 3.75 -5.20
N GLU E 48 -23.82 3.21 -6.37
CA GLU E 48 -22.46 3.34 -6.91
C GLU E 48 -22.44 3.56 -8.41
N ALA E 49 -21.26 3.87 -8.93
CA ALA E 49 -21.13 4.14 -10.36
C ALA E 49 -20.87 2.84 -11.14
N GLY E 50 -21.27 2.78 -12.41
CA GLY E 50 -21.06 1.56 -13.16
C GLY E 50 -21.81 1.63 -14.46
N VAL E 51 -21.90 0.50 -15.14
CA VAL E 51 -22.59 0.39 -16.41
C VAL E 51 -23.84 -0.39 -16.07
N VAL E 52 -24.99 0.03 -16.60
CA VAL E 52 -26.25 -0.63 -16.27
C VAL E 52 -26.65 -1.70 -17.27
N ALA E 53 -27.10 -2.85 -16.77
CA ALA E 53 -27.53 -3.92 -17.62
C ALA E 53 -28.65 -4.68 -16.95
N GLY E 54 -29.59 -5.19 -17.74
CA GLY E 54 -30.68 -5.97 -17.19
C GLY E 54 -31.92 -5.24 -16.77
N LEU E 55 -32.11 -4.02 -17.24
CA LEU E 55 -33.29 -3.24 -16.88
C LEU E 55 -34.61 -3.92 -17.30
N ASP E 56 -34.61 -4.55 -18.46
CA ASP E 56 -35.80 -5.26 -18.94
C ASP E 56 -36.16 -6.37 -17.96
N VAL E 57 -35.17 -6.99 -17.33
CA VAL E 57 -35.41 -8.04 -16.35
C VAL E 57 -36.20 -7.46 -15.17
N ALA E 58 -36.05 -6.16 -14.92
CA ALA E 58 -36.78 -5.49 -13.83
C ALA E 58 -38.26 -5.43 -14.26
N LEU E 59 -38.51 -5.04 -15.49
CA LEU E 59 -39.85 -4.99 -16.01
C LEU E 59 -40.54 -6.38 -16.04
N LEU E 60 -39.84 -7.42 -16.48
CA LEU E 60 -40.40 -8.77 -16.53
C LEU E 60 -40.75 -9.28 -15.14
N THR E 61 -40.09 -8.74 -14.12
CA THR E 61 -40.36 -9.19 -12.74
C THR E 61 -41.66 -8.58 -12.27
N LEU E 62 -41.92 -7.34 -12.70
CA LEU E 62 -43.14 -6.65 -12.35
C LEU E 62 -44.27 -7.31 -13.13
N ASN E 63 -44.04 -7.59 -14.40
CA ASN E 63 -45.06 -8.27 -15.19
C ASN E 63 -45.50 -9.53 -14.46
N GLU E 64 -44.54 -10.26 -13.95
CA GLU E 64 -44.88 -11.48 -13.27
C GLU E 64 -45.61 -11.23 -11.95
N VAL E 65 -45.23 -10.20 -11.22
CA VAL E 65 -45.86 -9.95 -9.93
C VAL E 65 -47.15 -9.13 -9.97
N LEU E 66 -47.14 -8.06 -10.76
CA LEU E 66 -48.28 -7.13 -10.90
C LEU E 66 -49.07 -7.28 -12.18
N GLY E 67 -48.46 -7.90 -13.20
CA GLY E 67 -49.10 -8.06 -14.49
C GLY E 67 -48.79 -6.84 -15.32
N THR E 68 -48.82 -7.01 -16.63
CA THR E 68 -48.51 -5.93 -17.55
C THR E 68 -49.18 -4.60 -17.22
N ASN E 69 -50.48 -4.65 -16.93
CA ASN E 69 -51.24 -3.44 -16.63
C ASN E 69 -51.22 -3.14 -15.13
N GLY E 70 -50.20 -3.64 -14.45
CA GLY E 70 -50.14 -3.40 -13.03
C GLY E 70 -49.25 -2.26 -12.66
N TYR E 71 -48.54 -1.70 -13.63
CA TYR E 71 -47.60 -0.62 -13.33
C TYR E 71 -47.31 0.30 -14.49
N ARG E 72 -46.69 1.43 -14.19
CA ARG E 72 -46.36 2.40 -15.20
C ARG E 72 -44.93 2.89 -15.01
N VAL E 73 -44.17 2.87 -16.10
CA VAL E 73 -42.79 3.28 -16.07
C VAL E 73 -42.81 4.73 -16.45
N LEU E 74 -42.51 5.61 -15.51
CA LEU E 74 -42.50 7.03 -15.83
C LEU E 74 -41.20 7.41 -16.52
N ASP E 75 -40.15 6.64 -16.25
CA ASP E 75 -38.83 6.92 -16.81
C ASP E 75 -37.83 5.78 -16.58
N ARG E 76 -36.87 5.66 -17.48
CA ARG E 76 -35.87 4.62 -17.40
C ARG E 76 -34.65 5.01 -18.22
N VAL E 77 -33.53 4.41 -17.86
CA VAL E 77 -32.27 4.66 -18.49
C VAL E 77 -32.10 3.49 -19.46
N GLU E 78 -31.17 3.59 -20.39
CA GLU E 78 -30.94 2.48 -21.32
C GLU E 78 -29.86 1.53 -20.80
N ASP E 79 -29.96 0.24 -21.14
CA ASP E 79 -28.94 -0.73 -20.75
C ASP E 79 -27.62 -0.30 -21.44
N GLY E 80 -26.51 -0.35 -20.74
CA GLY E 80 -25.25 0.02 -21.36
C GLY E 80 -24.84 1.45 -21.03
N ALA E 81 -25.66 2.15 -20.26
CA ALA E 81 -25.35 3.52 -19.90
C ALA E 81 -24.35 3.54 -18.74
N ARG E 82 -23.36 4.42 -18.86
CA ARG E 82 -22.37 4.60 -17.81
C ARG E 82 -23.12 5.48 -16.83
N VAL E 83 -23.15 5.09 -15.58
CA VAL E 83 -23.96 5.82 -14.64
C VAL E 83 -23.23 6.16 -13.33
N PRO E 84 -23.49 7.33 -12.79
CA PRO E 84 -22.91 7.82 -11.54
C PRO E 84 -23.69 7.42 -10.30
N PRO E 85 -23.12 7.63 -9.11
CA PRO E 85 -23.83 7.28 -7.90
C PRO E 85 -25.05 8.17 -7.74
N GLY E 86 -26.17 7.58 -7.34
CA GLY E 86 -27.39 8.35 -7.11
C GLY E 86 -28.26 8.57 -8.32
N GLU E 87 -27.90 7.91 -9.43
CA GLU E 87 -28.64 8.02 -10.67
C GLU E 87 -29.90 7.15 -10.61
N ALA E 88 -31.03 7.67 -11.10
CA ALA E 88 -32.28 6.91 -11.11
C ALA E 88 -32.35 6.14 -12.43
N LEU E 89 -32.21 4.82 -12.34
CA LEU E 89 -32.23 3.93 -13.49
C LEU E 89 -33.63 3.77 -14.12
N MET E 90 -34.66 3.84 -13.28
CA MET E 90 -36.05 3.71 -13.69
C MET E 90 -37.00 4.16 -12.58
N THR E 91 -38.00 4.96 -12.94
CA THR E 91 -39.00 5.44 -11.98
C THR E 91 -40.34 4.84 -12.38
N LEU E 92 -40.99 4.18 -11.42
CA LEU E 92 -42.27 3.51 -11.67
C LEU E 92 -43.37 4.05 -10.77
N GLU E 93 -44.56 3.58 -11.04
CA GLU E 93 -45.70 3.90 -10.24
C GLU E 93 -46.38 2.54 -10.19
N ALA E 94 -46.62 2.00 -9.00
CA ALA E 94 -47.22 0.69 -8.91
C ALA E 94 -47.83 0.39 -7.56
N GLN E 95 -48.61 -0.67 -7.50
CA GLN E 95 -49.18 -1.10 -6.25
C GLN E 95 -47.97 -1.41 -5.34
N THR E 96 -47.95 -0.76 -4.18
CA THR E 96 -46.90 -0.93 -3.21
C THR E 96 -46.63 -2.39 -2.81
N ARG E 97 -47.69 -3.15 -2.50
CA ARG E 97 -47.46 -4.53 -2.08
C ARG E 97 -46.68 -5.30 -3.13
N GLY E 98 -47.05 -5.10 -4.39
CA GLY E 98 -46.39 -5.77 -5.49
C GLY E 98 -44.93 -5.43 -5.59
N LEU E 99 -44.58 -4.16 -5.37
CA LEU E 99 -43.19 -3.71 -5.43
C LEU E 99 -42.35 -4.34 -4.34
N LEU E 100 -42.87 -4.36 -3.13
CA LEU E 100 -42.13 -4.92 -2.03
C LEU E 100 -41.85 -6.42 -2.17
N THR E 101 -42.77 -7.14 -2.80
CA THR E 101 -42.60 -8.56 -2.98
C THR E 101 -41.63 -8.80 -4.12
N ALA E 102 -41.79 -8.06 -5.20
CA ALA E 102 -40.91 -8.19 -6.35
C ALA E 102 -39.47 -7.71 -6.13
N GLU E 103 -39.33 -6.70 -5.27
CA GLU E 103 -38.06 -6.00 -4.95
C GLU E 103 -36.74 -6.77 -4.97
N ARG E 104 -36.63 -7.78 -4.13
CA ARG E 104 -35.43 -8.56 -4.04
C ARG E 104 -35.10 -9.37 -5.30
N THR E 105 -36.09 -10.02 -5.87
CA THR E 105 -35.83 -10.77 -7.10
C THR E 105 -35.31 -9.88 -8.26
N MET E 106 -35.95 -8.74 -8.44
CA MET E 106 -35.54 -7.85 -9.51
C MET E 106 -34.21 -7.14 -9.27
N LEU E 107 -33.95 -6.78 -8.02
CA LEU E 107 -32.71 -6.11 -7.64
C LEU E 107 -31.53 -7.08 -7.76
N ASN E 108 -31.70 -8.33 -7.32
CA ASN E 108 -30.65 -9.35 -7.44
C ASN E 108 -30.19 -9.61 -8.90
N LEU E 109 -31.17 -9.68 -9.82
CA LEU E 109 -30.87 -9.87 -11.25
C LEU E 109 -30.18 -8.62 -11.82
N VAL E 110 -30.77 -7.42 -11.63
CA VAL E 110 -30.19 -6.22 -12.19
C VAL E 110 -28.81 -5.88 -11.63
N GLY E 111 -28.62 -6.13 -10.34
CA GLY E 111 -27.36 -5.84 -9.72
C GLY E 111 -26.31 -6.80 -10.22
N HIS E 112 -26.68 -8.06 -10.41
CA HIS E 112 -25.73 -9.06 -10.88
C HIS E 112 -25.35 -8.77 -12.31
N LEU E 113 -26.32 -8.60 -13.18
CA LEU E 113 -26.00 -8.32 -14.58
C LEU E 113 -25.27 -6.97 -14.75
N SER E 114 -25.52 -6.00 -13.88
CA SER E 114 -24.83 -4.71 -13.98
C SER E 114 -23.41 -4.86 -13.47
N GLY E 115 -23.21 -5.69 -12.48
CA GLY E 115 -21.87 -5.88 -11.96
C GLY E 115 -20.98 -6.45 -13.06
N ILE E 116 -21.50 -7.39 -13.85
CA ILE E 116 -20.76 -8.03 -14.94
C ILE E 116 -20.46 -7.01 -16.03
N ALA E 117 -21.48 -6.27 -16.46
CA ALA E 117 -21.26 -5.27 -17.49
C ALA E 117 -20.29 -4.20 -16.98
N THR E 118 -20.34 -3.88 -15.69
CA THR E 118 -19.41 -2.88 -15.13
C THR E 118 -17.97 -3.37 -15.15
N ALA E 119 -17.76 -4.63 -14.80
CA ALA E 119 -16.43 -5.24 -14.83
C ALA E 119 -15.93 -5.37 -16.26
N THR E 120 -16.78 -5.81 -17.16
CA THR E 120 -16.40 -5.97 -18.55
C THR E 120 -15.86 -4.65 -19.08
N ALA E 121 -16.56 -3.58 -18.82
CA ALA E 121 -16.14 -2.27 -19.29
C ALA E 121 -14.77 -1.85 -18.75
N ALA E 122 -14.43 -2.28 -17.53
CA ALA E 122 -13.15 -1.93 -16.93
C ALA E 122 -12.03 -2.56 -17.76
N TRP E 123 -12.24 -3.81 -18.11
CA TRP E 123 -11.33 -4.59 -18.91
C TRP E 123 -11.23 -4.02 -20.31
N VAL E 124 -12.35 -3.61 -20.86
CA VAL E 124 -12.36 -3.06 -22.21
C VAL E 124 -11.55 -1.76 -22.22
N ASP E 125 -11.66 -0.95 -21.19
CA ASP E 125 -10.89 0.31 -21.17
C ASP E 125 -9.44 0.03 -20.98
N ALA E 126 -9.15 -1.00 -20.18
CA ALA E 126 -7.77 -1.38 -19.88
C ALA E 126 -6.97 -1.73 -21.15
N VAL E 127 -7.62 -2.29 -22.16
CA VAL E 127 -6.91 -2.70 -23.36
C VAL E 127 -7.16 -1.79 -24.51
N ARG E 128 -7.66 -0.60 -24.21
CA ARG E 128 -7.96 0.43 -25.21
C ARG E 128 -6.64 0.80 -25.92
N GLY E 129 -6.73 1.18 -27.19
CA GLY E 129 -5.50 1.55 -27.88
C GLY E 129 -4.65 0.36 -28.32
N THR E 130 -5.25 -0.81 -28.14
CA THR E 130 -4.71 -2.13 -28.46
C THR E 130 -5.77 -2.75 -29.39
N LYS E 131 -5.46 -3.83 -30.07
CA LYS E 131 -6.46 -4.46 -30.94
C LYS E 131 -7.20 -5.60 -30.23
N ALA E 132 -6.81 -5.93 -29.01
CA ALA E 132 -7.43 -7.02 -28.26
C ALA E 132 -8.87 -6.78 -27.87
N LYS E 133 -9.65 -7.85 -27.93
CA LYS E 133 -11.06 -7.84 -27.55
C LYS E 133 -11.18 -8.71 -26.33
N ILE E 134 -12.05 -8.32 -25.40
CA ILE E 134 -12.26 -9.04 -24.16
C ILE E 134 -13.35 -10.02 -24.46
N ARG E 135 -13.14 -11.29 -24.10
CA ARG E 135 -14.12 -12.34 -24.34
C ARG E 135 -14.42 -13.06 -23.07
N ASP E 136 -15.55 -13.77 -23.05
CA ASP E 136 -15.94 -14.54 -21.90
C ASP E 136 -15.61 -16.05 -22.09
N THR E 137 -16.10 -16.88 -21.16
CA THR E 137 -15.87 -18.29 -21.15
C THR E 137 -17.17 -19.04 -20.78
N ARG E 138 -17.04 -20.33 -20.53
CA ARG E 138 -18.19 -21.15 -20.17
C ARG E 138 -18.28 -21.25 -18.66
N LYS E 139 -17.51 -20.42 -17.98
CA LYS E 139 -17.51 -20.40 -16.52
C LYS E 139 -18.62 -19.46 -16.08
N THR E 140 -19.84 -19.88 -16.38
CA THR E 140 -21.05 -19.13 -16.07
C THR E 140 -21.86 -19.84 -14.99
N LEU E 141 -22.82 -19.17 -14.38
CA LEU E 141 -23.60 -19.83 -13.34
C LEU E 141 -24.77 -20.57 -14.02
N PRO E 142 -25.09 -21.79 -13.55
CA PRO E 142 -26.18 -22.57 -14.14
C PRO E 142 -27.55 -21.88 -14.16
N GLY E 143 -28.08 -21.69 -15.35
CA GLY E 143 -29.37 -21.05 -15.45
C GLY E 143 -29.28 -19.60 -15.79
N LEU E 144 -28.06 -19.04 -15.75
CA LEU E 144 -27.88 -17.62 -16.06
C LEU E 144 -26.93 -17.32 -17.21
N ARG E 145 -26.43 -18.34 -17.90
CA ARG E 145 -25.50 -18.15 -19.00
C ARG E 145 -25.96 -17.15 -20.05
N ALA E 146 -27.19 -17.27 -20.54
CA ALA E 146 -27.67 -16.33 -21.57
C ALA E 146 -27.63 -14.90 -21.10
N LEU E 147 -28.01 -14.69 -19.84
CA LEU E 147 -28.03 -13.37 -19.25
C LEU E 147 -26.62 -12.86 -18.94
N GLN E 148 -25.77 -13.70 -18.33
CA GLN E 148 -24.40 -13.28 -18.03
C GLN E 148 -23.68 -12.94 -19.30
N LYS E 149 -23.95 -13.72 -20.34
CA LYS E 149 -23.35 -13.55 -21.64
C LYS E 149 -23.87 -12.23 -22.26
N TYR E 150 -25.16 -11.94 -22.04
CA TYR E 150 -25.76 -10.70 -22.54
C TYR E 150 -25.10 -9.48 -21.86
N ALA E 151 -24.87 -9.59 -20.56
CA ALA E 151 -24.25 -8.51 -19.79
C ALA E 151 -22.81 -8.20 -20.19
N VAL E 152 -22.02 -9.20 -20.55
CA VAL E 152 -20.66 -8.88 -20.97
C VAL E 152 -20.70 -8.14 -22.29
N ARG E 153 -21.60 -8.52 -23.18
CA ARG E 153 -21.74 -7.81 -24.46
C ARG E 153 -22.10 -6.34 -24.20
N THR E 154 -23.01 -6.09 -23.25
CA THR E 154 -23.45 -4.72 -22.88
C THR E 154 -22.27 -3.88 -22.33
N GLY E 155 -21.31 -4.53 -21.65
CA GLY E 155 -20.15 -3.83 -21.15
C GLY E 155 -19.09 -3.62 -22.23
N GLY E 156 -19.29 -4.18 -23.42
CA GLY E 156 -18.31 -4.02 -24.49
C GLY E 156 -17.48 -5.24 -24.87
N GLY E 157 -17.68 -6.37 -24.19
CA GLY E 157 -16.91 -7.56 -24.50
C GLY E 157 -17.56 -8.31 -25.63
N VAL E 158 -16.97 -9.44 -26.02
CA VAL E 158 -17.50 -10.25 -27.10
C VAL E 158 -17.66 -11.70 -26.64
N ASN E 159 -18.81 -12.29 -26.90
CA ASN E 159 -19.05 -13.62 -26.39
C ASN E 159 -18.19 -14.63 -27.06
N HIS E 160 -17.76 -15.65 -26.31
CA HIS E 160 -16.99 -16.75 -26.88
C HIS E 160 -18.11 -17.76 -27.25
N ARG E 161 -17.83 -19.05 -27.24
CA ARG E 161 -18.87 -20.01 -27.59
C ARG E 161 -19.87 -20.07 -26.45
N LEU E 162 -21.13 -20.35 -26.77
CA LEU E 162 -22.24 -20.44 -25.82
C LEU E 162 -22.44 -21.84 -25.25
N GLY E 163 -21.93 -22.83 -25.97
CA GLY E 163 -22.07 -24.17 -25.51
C GLY E 163 -20.95 -25.04 -26.01
N LEU E 164 -21.11 -26.35 -25.87
CA LEU E 164 -20.15 -27.36 -26.27
C LEU E 164 -20.18 -27.71 -27.78
N GLY E 165 -21.35 -27.61 -28.43
CA GLY E 165 -21.47 -27.97 -29.85
C GLY E 165 -21.37 -26.81 -30.81
N ASP E 166 -21.28 -25.66 -30.19
CA ASP E 166 -21.19 -24.38 -30.81
C ASP E 166 -19.91 -24.16 -31.66
N ALA E 167 -18.78 -24.58 -31.09
CA ALA E 167 -17.46 -24.45 -31.69
C ALA E 167 -16.66 -25.51 -30.96
N ALA E 168 -15.57 -25.97 -31.57
CA ALA E 168 -14.73 -26.97 -30.93
C ALA E 168 -13.66 -26.25 -30.11
N LEU E 169 -13.23 -26.83 -28.99
CA LEU E 169 -12.18 -26.22 -28.22
C LEU E 169 -11.46 -27.36 -27.61
N ILE E 170 -10.27 -27.66 -28.12
CA ILE E 170 -9.46 -28.78 -27.62
C ILE E 170 -8.71 -28.39 -26.36
N LYS E 171 -9.05 -29.05 -25.26
CA LYS E 171 -8.50 -28.78 -23.94
C LYS E 171 -7.47 -29.78 -23.50
N ASP E 172 -6.85 -29.51 -22.37
CA ASP E 172 -5.84 -30.40 -21.83
C ASP E 172 -6.28 -31.86 -21.65
N ASN E 173 -7.49 -32.08 -21.16
CA ASN E 173 -8.04 -33.41 -20.93
C ASN E 173 -8.31 -34.19 -22.23
N HIS E 174 -8.51 -33.49 -23.34
CA HIS E 174 -8.73 -34.12 -24.65
C HIS E 174 -7.40 -34.52 -25.19
N VAL E 175 -6.43 -33.62 -25.05
CA VAL E 175 -5.07 -33.85 -25.49
C VAL E 175 -4.57 -35.10 -24.75
N ALA E 176 -4.86 -35.17 -23.45
CA ALA E 176 -4.48 -36.29 -22.60
C ALA E 176 -5.06 -37.56 -23.20
N ALA E 177 -6.37 -37.55 -23.45
CA ALA E 177 -7.08 -38.70 -24.05
C ALA E 177 -6.62 -39.04 -25.48
N ALA E 178 -6.44 -38.04 -26.34
CA ALA E 178 -6.01 -38.24 -27.71
C ALA E 178 -4.51 -38.52 -27.81
N GLY E 179 -3.81 -38.35 -26.70
CA GLY E 179 -2.38 -38.60 -26.67
C GLY E 179 -1.47 -37.53 -27.24
N SER E 180 -2.02 -36.48 -27.85
CA SER E 180 -1.16 -35.44 -28.41
C SER E 180 -2.00 -34.31 -28.96
N VAL E 181 -1.52 -33.07 -28.90
CA VAL E 181 -2.29 -31.95 -29.43
C VAL E 181 -2.56 -32.08 -30.91
N VAL E 182 -1.57 -32.55 -31.66
CA VAL E 182 -1.71 -32.72 -33.11
C VAL E 182 -2.67 -33.86 -33.42
N ASP E 183 -2.65 -34.91 -32.61
CA ASP E 183 -3.55 -36.04 -32.80
C ASP E 183 -4.98 -35.55 -32.59
N ALA E 184 -5.23 -34.94 -31.45
CA ALA E 184 -6.54 -34.38 -31.10
C ALA E 184 -7.05 -33.42 -32.19
N LEU E 185 -6.16 -32.53 -32.66
CA LEU E 185 -6.50 -31.56 -33.71
C LEU E 185 -6.96 -32.30 -34.97
N ARG E 186 -6.18 -33.27 -35.40
CA ARG E 186 -6.52 -34.03 -36.59
C ARG E 186 -7.87 -34.70 -36.39
N ALA E 187 -8.07 -35.27 -35.21
CA ALA E 187 -9.32 -35.95 -34.88
C ALA E 187 -10.52 -35.04 -35.05
N VAL E 188 -10.47 -33.88 -34.41
CA VAL E 188 -11.57 -32.91 -34.50
C VAL E 188 -11.77 -32.45 -35.97
N ARG E 189 -10.68 -32.22 -36.68
CA ARG E 189 -10.76 -31.78 -38.07
C ARG E 189 -11.48 -32.79 -38.93
N ASN E 190 -11.16 -34.07 -38.75
CA ASN E 190 -11.77 -35.13 -39.53
C ASN E 190 -13.22 -35.37 -39.19
N ALA E 191 -13.56 -35.19 -37.93
CA ALA E 191 -14.93 -35.38 -37.48
C ALA E 191 -15.87 -34.19 -37.74
N ALA E 192 -15.38 -32.97 -37.64
CA ALA E 192 -16.22 -31.81 -37.88
C ALA E 192 -15.42 -30.75 -38.60
N PRO E 193 -15.16 -30.97 -39.89
CA PRO E 193 -14.40 -30.07 -40.76
C PRO E 193 -15.02 -28.70 -41.01
N ASP E 194 -16.31 -28.59 -40.76
CA ASP E 194 -17.02 -27.33 -40.99
C ASP E 194 -17.13 -26.47 -39.72
N LEU E 195 -16.69 -27.04 -38.61
CA LEU E 195 -16.78 -26.36 -37.32
C LEU E 195 -15.50 -25.60 -36.98
N PRO E 196 -15.64 -24.39 -36.40
CA PRO E 196 -14.50 -23.55 -36.00
C PRO E 196 -13.77 -24.35 -34.95
N CYS E 197 -12.45 -24.38 -35.07
CA CYS E 197 -11.61 -25.13 -34.16
C CYS E 197 -10.61 -24.26 -33.39
N GLU E 198 -10.62 -24.43 -32.07
CA GLU E 198 -9.74 -23.67 -31.20
C GLU E 198 -9.00 -24.74 -30.42
N VAL E 199 -7.69 -24.58 -30.33
CA VAL E 199 -6.89 -25.54 -29.61
C VAL E 199 -6.13 -24.83 -28.49
N GLU E 200 -6.13 -25.46 -27.33
CA GLU E 200 -5.48 -24.96 -26.15
C GLU E 200 -4.03 -25.48 -25.97
N VAL E 201 -3.04 -24.61 -25.89
CA VAL E 201 -1.65 -25.07 -25.69
C VAL E 201 -1.18 -24.54 -24.37
N ASP E 202 -0.34 -25.32 -23.70
CA ASP E 202 0.22 -24.99 -22.41
C ASP E 202 1.69 -24.58 -22.49
N SER E 203 2.29 -24.67 -23.66
CA SER E 203 3.69 -24.33 -23.80
C SER E 203 4.05 -23.91 -25.20
N LEU E 204 5.21 -23.28 -25.34
CA LEU E 204 5.69 -22.83 -26.63
C LEU E 204 5.94 -24.00 -27.55
N GLU E 205 6.21 -25.16 -26.94
CA GLU E 205 6.46 -26.43 -27.66
C GLU E 205 5.18 -26.88 -28.36
N GLN E 206 4.08 -26.95 -27.61
CA GLN E 206 2.79 -27.32 -28.21
C GLN E 206 2.43 -26.29 -29.25
N LEU E 207 2.73 -25.04 -28.96
CA LEU E 207 2.42 -23.98 -29.89
C LEU E 207 3.06 -24.26 -31.23
N ASP E 208 4.33 -24.62 -31.22
CA ASP E 208 5.03 -24.88 -32.47
C ASP E 208 4.41 -26.08 -33.19
N ALA E 209 3.99 -27.08 -32.41
CA ALA E 209 3.40 -28.28 -32.95
C ALA E 209 2.05 -28.05 -33.61
N VAL E 210 1.29 -27.08 -33.13
CA VAL E 210 0.00 -26.84 -33.76
C VAL E 210 -0.06 -25.71 -34.80
N LEU E 211 0.86 -24.75 -34.73
CA LEU E 211 0.89 -23.65 -35.69
C LEU E 211 0.83 -24.11 -37.16
N PRO E 212 1.66 -25.10 -37.54
CA PRO E 212 1.63 -25.55 -38.93
C PRO E 212 0.29 -26.22 -39.33
N GLU E 213 -0.46 -26.71 -38.35
CA GLU E 213 -1.75 -27.32 -38.66
C GLU E 213 -2.76 -26.23 -38.99
N LYS E 214 -2.41 -25.00 -38.62
CA LYS E 214 -3.24 -23.83 -38.84
C LYS E 214 -4.67 -23.88 -38.32
N PRO E 215 -4.85 -23.95 -36.98
CA PRO E 215 -6.20 -23.98 -36.44
C PRO E 215 -6.76 -22.54 -36.47
N GLU E 216 -8.05 -22.37 -36.31
CA GLU E 216 -8.64 -21.03 -36.35
C GLU E 216 -8.10 -20.17 -35.22
N LEU E 217 -8.06 -20.74 -34.03
CA LEU E 217 -7.66 -20.02 -32.85
C LEU E 217 -6.83 -20.91 -31.96
N ILE E 218 -5.87 -20.30 -31.26
CA ILE E 218 -5.03 -21.01 -30.30
C ILE E 218 -5.20 -20.26 -28.98
N LEU E 219 -5.50 -21.02 -27.93
CA LEU E 219 -5.67 -20.46 -26.59
C LEU E 219 -4.40 -20.74 -25.81
N LEU E 220 -3.68 -19.66 -25.48
CA LEU E 220 -2.42 -19.69 -24.77
C LEU E 220 -2.76 -19.78 -23.34
N ASP E 221 -2.65 -20.98 -22.79
CA ASP E 221 -3.02 -21.23 -21.42
C ASP E 221 -1.93 -21.01 -20.37
N ASN E 222 -2.16 -19.99 -19.55
CA ASN E 222 -1.26 -19.60 -18.46
C ASN E 222 0.16 -19.27 -18.90
N PHE E 223 0.27 -18.45 -19.95
CA PHE E 223 1.56 -18.03 -20.48
C PHE E 223 2.00 -16.74 -19.77
N ALA E 224 3.31 -16.66 -19.49
CA ALA E 224 3.86 -15.45 -18.92
C ALA E 224 3.80 -14.42 -20.05
N VAL E 225 3.92 -13.13 -19.73
CA VAL E 225 3.86 -12.11 -20.79
C VAL E 225 4.95 -12.32 -21.81
N TRP E 226 6.13 -12.73 -21.37
CA TRP E 226 7.25 -12.92 -22.32
C TRP E 226 6.95 -14.06 -23.26
N GLN E 227 6.22 -15.07 -22.77
CA GLN E 227 5.85 -16.22 -23.61
C GLN E 227 4.78 -15.83 -24.58
N THR E 228 3.91 -14.92 -24.14
CA THR E 228 2.83 -14.45 -24.97
C THR E 228 3.44 -13.69 -26.14
N GLN E 229 4.42 -12.85 -25.85
CA GLN E 229 5.12 -12.07 -26.85
C GLN E 229 5.80 -12.96 -27.90
N THR E 230 6.45 -14.04 -27.46
CA THR E 230 7.14 -14.99 -28.34
C THR E 230 6.09 -15.63 -29.23
N ALA E 231 5.02 -16.10 -28.59
CA ALA E 231 3.91 -16.73 -29.31
C ALA E 231 3.41 -15.82 -30.42
N VAL E 232 3.15 -14.56 -30.14
CA VAL E 232 2.68 -13.66 -31.18
C VAL E 232 3.70 -13.54 -32.30
N GLN E 233 5.00 -13.50 -31.95
CA GLN E 233 6.05 -13.38 -32.95
C GLN E 233 6.10 -14.64 -33.81
N ARG E 234 5.97 -15.81 -33.20
CA ARG E 234 5.94 -17.04 -33.98
C ARG E 234 4.73 -17.12 -34.90
N ARG E 235 3.56 -16.84 -34.37
CA ARG E 235 2.32 -16.86 -35.15
C ARG E 235 2.48 -15.94 -36.35
N ASP E 236 2.92 -14.72 -36.10
CA ASP E 236 3.07 -13.71 -37.13
C ASP E 236 3.96 -14.10 -38.30
N SER E 237 4.99 -14.88 -38.01
CA SER E 237 5.92 -15.29 -39.03
C SER E 237 5.57 -16.62 -39.68
N ARG E 238 4.93 -17.51 -38.94
CA ARG E 238 4.60 -18.83 -39.47
C ARG E 238 3.15 -19.12 -39.86
N ALA E 239 2.17 -18.45 -39.26
CA ALA E 239 0.76 -18.71 -39.55
C ALA E 239 0.00 -17.45 -39.23
N PRO E 240 0.18 -16.42 -40.04
CA PRO E 240 -0.46 -15.12 -39.89
C PRO E 240 -1.96 -15.15 -39.71
N THR E 241 -2.58 -16.24 -40.16
CA THR E 241 -4.03 -16.35 -40.09
C THR E 241 -4.55 -16.92 -38.80
N VAL E 242 -3.67 -17.49 -37.98
CA VAL E 242 -4.09 -18.09 -36.72
C VAL E 242 -4.29 -17.03 -35.65
N MET E 243 -5.46 -17.02 -35.03
CA MET E 243 -5.71 -16.05 -34.00
C MET E 243 -5.24 -16.56 -32.65
N LEU E 244 -4.82 -15.63 -31.78
CA LEU E 244 -4.30 -15.99 -30.49
C LEU E 244 -5.15 -15.42 -29.39
N GLU E 245 -5.36 -16.19 -28.35
CA GLU E 245 -6.20 -15.76 -27.26
C GLU E 245 -5.56 -16.10 -25.93
N SER E 246 -5.36 -15.12 -25.05
CA SER E 246 -4.76 -15.42 -23.77
C SER E 246 -5.82 -15.83 -22.76
N SER E 247 -5.50 -16.82 -21.95
CA SER E 247 -6.44 -17.22 -20.93
C SER E 247 -5.63 -17.82 -19.83
N GLY E 248 -6.04 -17.61 -18.59
CA GLY E 248 -5.30 -18.20 -17.50
C GLY E 248 -4.90 -17.23 -16.42
N GLY E 249 -3.66 -16.74 -16.48
CA GLY E 249 -3.17 -15.84 -15.44
C GLY E 249 -3.54 -14.38 -15.60
N LEU E 250 -4.83 -14.14 -15.85
CA LEU E 250 -5.31 -12.78 -16.11
C LEU E 250 -5.95 -11.98 -14.99
N SER E 251 -5.35 -10.81 -14.71
CA SER E 251 -5.84 -9.88 -13.70
C SER E 251 -6.01 -8.55 -14.39
N LEU E 252 -6.93 -7.75 -13.89
CA LEU E 252 -7.19 -6.45 -14.49
C LEU E 252 -5.94 -5.57 -14.44
N GLN E 253 -5.03 -5.86 -13.52
CA GLN E 253 -3.78 -5.09 -13.40
C GLN E 253 -2.83 -5.40 -14.57
N THR E 254 -2.86 -6.64 -15.04
CA THR E 254 -2.01 -7.09 -16.12
C THR E 254 -2.64 -7.10 -17.49
N ALA E 255 -3.94 -6.89 -17.57
CA ALA E 255 -4.61 -6.91 -18.86
C ALA E 255 -3.91 -6.18 -20.01
N ALA E 256 -3.54 -4.93 -19.81
CA ALA E 256 -2.91 -4.18 -20.90
C ALA E 256 -1.56 -4.73 -21.29
N THR E 257 -0.82 -5.22 -20.31
CA THR E 257 0.52 -5.77 -20.53
C THR E 257 0.43 -6.93 -21.50
N TYR E 258 -0.55 -7.78 -21.30
CA TYR E 258 -0.78 -8.90 -22.19
C TYR E 258 -1.28 -8.36 -23.52
N ALA E 259 -2.23 -7.42 -23.51
CA ALA E 259 -2.80 -6.88 -24.73
C ALA E 259 -1.78 -6.26 -25.66
N GLU E 260 -0.81 -5.60 -25.06
CA GLU E 260 0.24 -4.96 -25.81
C GLU E 260 1.12 -5.94 -26.61
N THR E 261 1.08 -7.22 -26.25
CA THR E 261 1.88 -8.21 -26.96
C THR E 261 1.34 -8.46 -28.37
N GLY E 262 0.12 -7.99 -28.63
CA GLY E 262 -0.48 -8.17 -29.95
C GLY E 262 -1.50 -9.31 -30.10
N VAL E 263 -1.84 -9.99 -29.01
CA VAL E 263 -2.84 -11.05 -29.07
C VAL E 263 -4.18 -10.44 -29.49
N ASP E 264 -5.03 -11.27 -30.08
CA ASP E 264 -6.32 -10.83 -30.56
C ASP E 264 -7.39 -10.80 -29.50
N TYR E 265 -7.30 -11.67 -28.51
CA TYR E 265 -8.30 -11.74 -27.48
C TYR E 265 -7.70 -12.06 -26.13
N LEU E 266 -8.47 -11.77 -25.09
CA LEU E 266 -8.14 -12.08 -23.72
C LEU E 266 -9.45 -12.69 -23.27
N ALA E 267 -9.39 -13.95 -22.84
CA ALA E 267 -10.58 -14.68 -22.37
C ALA E 267 -10.60 -14.60 -20.85
N VAL E 268 -11.58 -13.88 -20.29
CA VAL E 268 -11.64 -13.68 -18.88
C VAL E 268 -12.77 -14.38 -18.14
N GLY E 269 -12.40 -15.41 -17.39
CA GLY E 269 -13.40 -16.13 -16.64
C GLY E 269 -14.01 -15.32 -15.54
N ALA E 270 -13.22 -14.46 -14.90
CA ALA E 270 -13.63 -13.62 -13.77
C ALA E 270 -14.84 -12.79 -14.07
N LEU E 271 -14.99 -12.44 -15.33
CA LEU E 271 -16.13 -11.66 -15.81
C LEU E 271 -17.48 -12.32 -15.43
N THR E 272 -17.53 -13.64 -15.35
CA THR E 272 -18.79 -14.32 -15.01
C THR E 272 -18.78 -15.18 -13.72
N HIS E 273 -17.60 -15.59 -13.25
CA HIS E 273 -17.53 -16.41 -12.02
C HIS E 273 -17.15 -15.70 -10.70
N SER E 274 -16.72 -14.44 -10.78
CA SER E 274 -16.35 -13.70 -9.59
C SER E 274 -16.91 -12.29 -9.80
N VAL E 275 -18.24 -12.17 -9.82
CA VAL E 275 -18.84 -10.86 -10.05
C VAL E 275 -19.21 -10.13 -8.76
N ARG E 276 -18.88 -8.84 -8.72
CA ARG E 276 -19.19 -8.00 -7.58
C ARG E 276 -20.45 -7.25 -8.01
N VAL E 277 -21.48 -7.38 -7.21
CA VAL E 277 -22.74 -6.75 -7.51
C VAL E 277 -22.66 -5.23 -7.62
N LEU E 278 -23.46 -4.65 -8.49
CA LEU E 278 -23.57 -3.19 -8.57
C LEU E 278 -24.69 -2.94 -7.56
N ASP E 279 -24.38 -2.18 -6.52
CA ASP E 279 -25.35 -1.89 -5.47
C ASP E 279 -26.44 -0.95 -5.91
N ILE E 280 -27.67 -1.45 -5.97
CA ILE E 280 -28.83 -0.68 -6.42
C ILE E 280 -29.94 -0.87 -5.40
N GLY E 281 -30.74 0.19 -5.21
CA GLY E 281 -31.84 0.12 -4.25
C GLY E 281 -33.15 0.58 -4.85
N LEU E 282 -34.25 0.13 -4.23
CA LEU E 282 -35.59 0.52 -4.68
C LEU E 282 -36.00 1.53 -3.64
N ASP E 283 -36.11 2.79 -4.05
CA ASP E 283 -36.46 3.84 -3.16
C ASP E 283 -37.85 4.33 -3.40
N MET E 284 -38.61 4.35 -2.31
CA MET E 284 -40.00 4.81 -2.29
C MET E 284 -40.06 6.04 -1.40
N GLY F 1 -25.17 -34.93 3.18
CA GLY F 1 -24.68 -33.52 3.26
C GLY F 1 -25.81 -32.58 2.91
N LEU F 2 -26.28 -32.65 1.67
CA LEU F 2 -27.38 -31.82 1.22
C LEU F 2 -28.68 -32.41 1.74
N SER F 3 -29.63 -31.54 2.08
CA SER F 3 -30.92 -31.97 2.58
C SER F 3 -31.76 -32.25 1.37
N ASP F 4 -33.03 -32.56 1.59
CA ASP F 4 -33.97 -32.88 0.51
C ASP F 4 -34.23 -31.72 -0.43
N TRP F 5 -34.59 -30.55 0.13
CA TRP F 5 -34.85 -29.42 -0.74
C TRP F 5 -33.57 -28.88 -1.43
N GLU F 6 -32.42 -29.04 -0.76
CA GLU F 6 -31.16 -28.59 -1.33
C GLU F 6 -30.83 -29.50 -2.50
N LEU F 7 -31.02 -30.79 -2.29
CA LEU F 7 -30.75 -31.83 -3.28
C LEU F 7 -31.61 -31.62 -4.49
N ALA F 8 -32.86 -31.26 -4.25
CA ALA F 8 -33.79 -31.02 -5.35
C ALA F 8 -33.42 -29.74 -6.10
N ALA F 9 -32.85 -28.79 -5.37
CA ALA F 9 -32.43 -27.52 -5.93
C ALA F 9 -31.23 -27.77 -6.79
N ALA F 10 -30.38 -28.66 -6.32
CA ALA F 10 -29.19 -29.01 -7.05
C ALA F 10 -29.51 -29.66 -8.38
N ARG F 11 -30.43 -30.65 -8.37
CA ARG F 11 -30.79 -31.33 -9.61
C ARG F 11 -31.32 -30.41 -10.69
N ALA F 12 -32.13 -29.43 -10.30
CA ALA F 12 -32.69 -28.49 -11.27
C ALA F 12 -31.61 -27.61 -11.84
N ALA F 13 -30.68 -27.18 -11.00
CA ALA F 13 -29.60 -26.34 -11.46
C ALA F 13 -28.71 -27.12 -12.42
N ILE F 14 -28.24 -28.30 -12.00
CA ILE F 14 -27.37 -29.04 -12.88
C ILE F 14 -28.03 -29.29 -14.22
N ALA F 15 -29.33 -29.54 -14.19
CA ALA F 15 -30.07 -29.78 -15.42
C ALA F 15 -30.12 -28.55 -16.31
N ARG F 16 -30.21 -27.36 -15.72
CA ARG F 16 -30.23 -26.12 -16.52
C ARG F 16 -28.82 -25.90 -17.05
N GLY F 17 -27.87 -26.25 -16.20
CA GLY F 17 -26.49 -26.13 -16.58
C GLY F 17 -26.21 -26.93 -17.83
N LEU F 18 -26.47 -28.24 -17.78
CA LEU F 18 -26.22 -29.13 -18.91
C LEU F 18 -27.01 -28.73 -20.12
N ASP F 19 -28.20 -28.21 -19.93
CA ASP F 19 -28.97 -27.77 -21.09
C ASP F 19 -28.30 -26.59 -21.78
N GLU F 20 -27.67 -25.72 -21.01
CA GLU F 20 -26.96 -24.61 -21.62
C GLU F 20 -25.76 -25.07 -22.47
N ASP F 21 -25.11 -26.15 -22.04
CA ASP F 21 -23.95 -26.67 -22.76
C ASP F 21 -24.29 -27.45 -24.00
N LEU F 22 -25.33 -28.24 -23.89
CA LEU F 22 -25.76 -29.13 -24.96
C LEU F 22 -26.81 -28.66 -25.94
N ARG F 23 -27.39 -27.49 -25.73
CA ARG F 23 -28.43 -27.04 -26.64
C ARG F 23 -28.01 -26.70 -28.06
N TYR F 24 -26.72 -26.56 -28.31
CA TYR F 24 -26.29 -26.23 -29.67
C TYR F 24 -25.81 -27.46 -30.41
N GLY F 25 -25.92 -28.62 -29.78
CA GLY F 25 -25.44 -29.83 -30.41
C GLY F 25 -24.63 -30.59 -29.37
N PRO F 26 -24.15 -31.79 -29.69
CA PRO F 26 -23.39 -32.53 -28.70
C PRO F 26 -21.97 -32.06 -28.60
N ASP F 27 -21.28 -32.60 -27.60
CA ASP F 27 -19.89 -32.27 -27.37
C ASP F 27 -19.03 -32.81 -28.52
N VAL F 28 -19.05 -32.10 -29.64
CA VAL F 28 -18.30 -32.52 -30.80
C VAL F 28 -16.81 -32.80 -30.57
N THR F 29 -16.14 -31.96 -29.79
CA THR F 29 -14.72 -32.19 -29.62
C THR F 29 -14.36 -33.45 -28.82
N THR F 30 -15.16 -33.83 -27.82
CA THR F 30 -14.92 -35.02 -26.98
C THR F 30 -15.22 -36.24 -27.79
N LEU F 31 -16.35 -36.19 -28.49
CA LEU F 31 -16.79 -37.29 -29.33
C LEU F 31 -15.71 -37.69 -30.33
N ALA F 32 -15.01 -36.70 -30.85
CA ALA F 32 -14.00 -36.96 -31.85
C ALA F 32 -12.70 -37.49 -31.31
N THR F 33 -12.32 -37.06 -30.10
CA THR F 33 -11.04 -37.47 -29.54
C THR F 33 -11.09 -38.70 -28.61
N VAL F 34 -12.22 -38.95 -27.99
CA VAL F 34 -12.29 -40.09 -27.09
C VAL F 34 -13.42 -41.10 -27.42
N PRO F 35 -13.08 -42.39 -27.53
CA PRO F 35 -14.05 -43.44 -27.84
C PRO F 35 -15.03 -43.64 -26.69
N ALA F 36 -16.24 -44.09 -27.03
CA ALA F 36 -17.31 -44.35 -26.07
C ALA F 36 -16.97 -45.35 -24.95
N SER F 37 -16.08 -46.29 -25.22
CA SER F 37 -15.69 -47.27 -24.22
C SER F 37 -14.57 -46.83 -23.28
N ALA F 38 -13.99 -45.65 -23.51
CA ALA F 38 -12.90 -45.13 -22.67
C ALA F 38 -13.34 -44.89 -21.24
N THR F 39 -12.46 -45.18 -20.31
CA THR F 39 -12.73 -45.01 -18.91
C THR F 39 -11.45 -44.45 -18.29
N THR F 40 -11.57 -43.43 -17.44
CA THR F 40 -10.42 -42.83 -16.73
C THR F 40 -10.72 -42.67 -15.27
N THR F 41 -9.69 -42.24 -14.58
CA THR F 41 -9.74 -41.91 -13.18
C THR F 41 -9.42 -40.42 -13.26
N ALA F 42 -10.18 -39.60 -12.56
CA ALA F 42 -9.95 -38.18 -12.59
C ALA F 42 -10.12 -37.65 -11.18
N SER F 43 -9.58 -36.48 -10.90
CA SER F 43 -9.70 -35.89 -9.61
C SER F 43 -10.08 -34.45 -9.75
N LEU F 44 -10.85 -33.95 -8.78
CA LEU F 44 -11.19 -32.54 -8.77
C LEU F 44 -10.13 -32.06 -7.82
N VAL F 45 -9.16 -31.26 -8.29
CA VAL F 45 -8.12 -30.74 -7.40
C VAL F 45 -8.08 -29.22 -7.34
N THR F 46 -7.81 -28.68 -6.17
CA THR F 46 -7.80 -27.23 -6.02
C THR F 46 -6.53 -26.58 -6.52
N ARG F 47 -6.69 -25.46 -7.18
CA ARG F 47 -5.55 -24.71 -7.61
C ARG F 47 -5.21 -23.71 -6.47
N GLU F 48 -6.09 -23.59 -5.47
CA GLU F 48 -5.87 -22.69 -4.35
C GLU F 48 -6.46 -23.18 -3.08
N ALA F 49 -6.10 -22.54 -1.97
CA ALA F 49 -6.58 -22.96 -0.64
C ALA F 49 -7.93 -22.39 -0.30
N GLY F 50 -8.65 -23.07 0.57
CA GLY F 50 -9.96 -22.58 0.95
C GLY F 50 -10.72 -23.66 1.66
N VAL F 51 -12.03 -23.50 1.78
CA VAL F 51 -12.90 -24.45 2.43
C VAL F 51 -13.70 -25.02 1.29
N VAL F 52 -13.94 -26.32 1.31
CA VAL F 52 -14.65 -26.94 0.22
C VAL F 52 -16.13 -27.10 0.54
N ALA F 53 -16.98 -26.92 -0.48
CA ALA F 53 -18.42 -27.06 -0.34
C ALA F 53 -19.04 -27.49 -1.66
N GLY F 54 -20.09 -28.28 -1.59
CA GLY F 54 -20.75 -28.69 -2.81
C GLY F 54 -20.29 -29.95 -3.48
N LEU F 55 -19.47 -30.78 -2.82
CA LEU F 55 -19.00 -32.02 -3.45
C LEU F 55 -20.14 -32.96 -3.93
N ASP F 56 -21.22 -33.03 -3.15
CA ASP F 56 -22.36 -33.85 -3.53
C ASP F 56 -22.91 -33.37 -4.85
N VAL F 57 -22.83 -32.06 -5.11
CA VAL F 57 -23.31 -31.49 -6.37
C VAL F 57 -22.50 -32.06 -7.54
N ALA F 58 -21.24 -32.40 -7.28
CA ALA F 58 -20.40 -32.96 -8.32
C ALA F 58 -20.98 -34.33 -8.62
N LEU F 59 -21.31 -35.06 -7.56
CA LEU F 59 -21.92 -36.36 -7.71
C LEU F 59 -23.30 -36.31 -8.44
N LEU F 60 -24.18 -35.35 -8.13
CA LEU F 60 -25.47 -35.23 -8.86
C LEU F 60 -25.33 -34.90 -10.36
N THR F 61 -24.23 -34.25 -10.75
CA THR F 61 -24.00 -33.92 -12.16
C THR F 61 -23.67 -35.20 -12.92
N LEU F 62 -22.87 -36.07 -12.33
CA LEU F 62 -22.55 -37.35 -12.94
C LEU F 62 -23.82 -38.22 -13.01
N ASN F 63 -24.61 -38.27 -11.94
CA ASN F 63 -25.86 -39.05 -11.98
C ASN F 63 -26.69 -38.65 -13.16
N GLU F 64 -26.71 -37.37 -13.45
CA GLU F 64 -27.48 -36.89 -14.55
C GLU F 64 -26.87 -37.24 -15.92
N VAL F 65 -25.55 -37.23 -16.04
CA VAL F 65 -24.89 -37.53 -17.31
C VAL F 65 -24.56 -39.02 -17.52
N LEU F 66 -24.07 -39.67 -16.47
CA LEU F 66 -23.69 -41.09 -16.48
C LEU F 66 -24.66 -42.03 -15.79
N GLY F 67 -25.55 -41.51 -14.97
CA GLY F 67 -26.46 -42.36 -14.24
C GLY F 67 -25.74 -42.90 -13.04
N THR F 68 -26.50 -43.22 -12.00
CA THR F 68 -25.95 -43.72 -10.73
C THR F 68 -24.87 -44.78 -10.81
N ASN F 69 -25.08 -45.76 -11.67
CA ASN F 69 -24.14 -46.86 -11.83
C ASN F 69 -23.17 -46.59 -12.99
N GLY F 70 -22.85 -45.33 -13.26
CA GLY F 70 -21.95 -45.00 -14.36
C GLY F 70 -20.57 -44.54 -13.93
N TYR F 71 -20.35 -44.48 -12.61
CA TYR F 71 -19.07 -44.02 -12.08
C TYR F 71 -18.79 -44.57 -10.70
N ARG F 72 -17.56 -44.46 -10.25
CA ARG F 72 -17.16 -44.96 -8.96
C ARG F 72 -16.28 -43.93 -8.32
N VAL F 73 -16.59 -43.62 -7.06
CA VAL F 73 -15.82 -42.64 -6.29
C VAL F 73 -14.77 -43.44 -5.56
N LEU F 74 -13.51 -43.28 -5.92
CA LEU F 74 -12.45 -43.98 -5.25
C LEU F 74 -12.13 -43.27 -3.93
N ASP F 75 -12.33 -41.95 -3.90
CA ASP F 75 -12.02 -41.17 -2.71
C ASP F 75 -12.66 -39.79 -2.73
N ARG F 76 -12.88 -39.22 -1.56
CA ARG F 76 -13.46 -37.89 -1.45
C ARG F 76 -13.19 -37.22 -0.13
N VAL F 77 -13.22 -35.91 -0.14
CA VAL F 77 -12.98 -35.12 1.06
C VAL F 77 -14.38 -34.72 1.55
N GLU F 78 -14.48 -34.33 2.81
CA GLU F 78 -15.77 -33.92 3.34
C GLU F 78 -16.02 -32.42 3.11
N ASP F 79 -17.29 -32.06 2.93
CA ASP F 79 -17.68 -30.68 2.75
C ASP F 79 -17.34 -29.96 4.05
N GLY F 80 -16.69 -28.81 3.94
CA GLY F 80 -16.33 -28.05 5.12
C GLY F 80 -14.86 -28.22 5.47
N ALA F 81 -14.19 -29.03 4.68
CA ALA F 81 -12.78 -29.28 4.91
C ALA F 81 -11.95 -28.11 4.44
N ARG F 82 -11.04 -27.67 5.30
CA ARG F 82 -10.12 -26.58 5.00
C ARG F 82 -9.07 -27.33 4.18
N VAL F 83 -8.80 -26.81 3.01
CA VAL F 83 -7.95 -27.50 2.07
C VAL F 83 -6.89 -26.59 1.45
N PRO F 84 -5.68 -27.13 1.22
CA PRO F 84 -4.54 -26.43 0.63
C PRO F 84 -4.49 -26.54 -0.89
N PRO F 85 -3.62 -25.75 -1.54
CA PRO F 85 -3.51 -25.82 -3.00
C PRO F 85 -3.04 -27.21 -3.40
N GLY F 86 -3.59 -27.76 -4.46
CA GLY F 86 -3.19 -29.08 -4.94
C GLY F 86 -3.80 -30.30 -4.25
N GLU F 87 -4.76 -30.06 -3.36
CA GLU F 87 -5.40 -31.13 -2.64
C GLU F 87 -6.42 -31.83 -3.54
N ALA F 88 -6.52 -33.15 -3.48
CA ALA F 88 -7.49 -33.86 -4.30
C ALA F 88 -8.76 -34.02 -3.51
N LEU F 89 -9.77 -33.27 -3.91
CA LEU F 89 -11.07 -33.30 -3.23
C LEU F 89 -11.87 -34.57 -3.44
N MET F 90 -11.75 -35.14 -4.63
CA MET F 90 -12.48 -36.34 -4.98
C MET F 90 -11.80 -37.04 -6.12
N THR F 91 -11.66 -38.36 -6.01
CA THR F 91 -11.08 -39.14 -7.09
C THR F 91 -12.17 -40.08 -7.60
N LEU F 92 -12.43 -40.01 -8.90
CA LEU F 92 -13.47 -40.82 -9.53
C LEU F 92 -12.92 -41.73 -10.61
N GLU F 93 -13.76 -42.66 -11.05
CA GLU F 93 -13.43 -43.57 -12.12
C GLU F 93 -14.71 -43.53 -12.93
N ALA F 94 -14.64 -43.19 -14.21
CA ALA F 94 -15.85 -43.10 -14.98
C ALA F 94 -15.59 -43.06 -16.46
N GLN F 95 -16.67 -43.19 -17.24
CA GLN F 95 -16.57 -43.12 -18.68
C GLN F 95 -16.00 -41.75 -18.99
N THR F 96 -14.96 -41.75 -19.80
CA THR F 96 -14.28 -40.51 -20.16
C THR F 96 -15.18 -39.50 -20.84
N ARG F 97 -15.97 -39.92 -21.81
CA ARG F 97 -16.82 -38.95 -22.48
C ARG F 97 -17.79 -38.27 -21.52
N GLY F 98 -18.26 -39.00 -20.52
CA GLY F 98 -19.21 -38.45 -19.60
C GLY F 98 -18.58 -37.41 -18.72
N LEU F 99 -17.32 -37.64 -18.33
CA LEU F 99 -16.58 -36.71 -17.50
C LEU F 99 -16.27 -35.39 -18.23
N LEU F 100 -15.83 -35.48 -19.47
CA LEU F 100 -15.49 -34.28 -20.22
C LEU F 100 -16.67 -33.38 -20.49
N THR F 101 -17.84 -33.99 -20.65
CA THR F 101 -19.08 -33.25 -20.89
C THR F 101 -19.59 -32.63 -19.58
N ALA F 102 -19.58 -33.39 -18.48
CA ALA F 102 -20.02 -32.92 -17.16
C ALA F 102 -19.05 -31.91 -16.52
N GLU F 103 -17.77 -32.02 -16.82
CA GLU F 103 -16.71 -31.20 -16.25
C GLU F 103 -16.97 -29.74 -15.93
N ARG F 104 -17.37 -28.93 -16.89
CA ARG F 104 -17.61 -27.51 -16.62
C ARG F 104 -18.80 -27.21 -15.70
N THR F 105 -19.92 -27.89 -15.89
CA THR F 105 -21.09 -27.70 -15.06
C THR F 105 -20.81 -28.02 -13.60
N MET F 106 -20.08 -29.12 -13.37
CA MET F 106 -19.81 -29.56 -12.03
C MET F 106 -18.76 -28.69 -11.35
N LEU F 107 -17.76 -28.27 -12.12
CA LEU F 107 -16.68 -27.39 -11.65
C LEU F 107 -17.20 -26.01 -11.31
N ASN F 108 -18.10 -25.48 -12.14
CA ASN F 108 -18.72 -24.17 -11.91
C ASN F 108 -19.55 -24.16 -10.60
N LEU F 109 -20.23 -25.27 -10.27
CA LEU F 109 -21.04 -25.34 -9.04
C LEU F 109 -20.14 -25.46 -7.81
N VAL F 110 -19.24 -26.43 -7.84
CA VAL F 110 -18.34 -26.63 -6.72
C VAL F 110 -17.48 -25.38 -6.48
N GLY F 111 -17.06 -24.73 -7.56
CA GLY F 111 -16.21 -23.57 -7.39
C GLY F 111 -16.99 -22.45 -6.76
N HIS F 112 -18.20 -22.23 -7.25
CA HIS F 112 -19.06 -21.18 -6.70
C HIS F 112 -19.32 -21.47 -5.22
N LEU F 113 -19.91 -22.63 -4.93
CA LEU F 113 -20.19 -22.97 -3.56
C LEU F 113 -18.98 -22.94 -2.63
N SER F 114 -17.79 -23.34 -3.11
CA SER F 114 -16.61 -23.34 -2.26
C SER F 114 -16.16 -21.91 -2.04
N GLY F 115 -16.34 -21.08 -3.07
CA GLY F 115 -15.98 -19.68 -2.97
C GLY F 115 -16.77 -19.02 -1.83
N ILE F 116 -18.04 -19.39 -1.69
CA ILE F 116 -18.93 -18.85 -0.64
C ILE F 116 -18.48 -19.38 0.72
N ALA F 117 -18.27 -20.68 0.84
CA ALA F 117 -17.83 -21.27 2.09
C ALA F 117 -16.47 -20.68 2.53
N THR F 118 -15.61 -20.39 1.55
CA THR F 118 -14.29 -19.83 1.82
C THR F 118 -14.36 -18.41 2.38
N ALA F 119 -15.19 -17.58 1.76
CA ALA F 119 -15.42 -16.23 2.21
C ALA F 119 -16.10 -16.27 3.57
N THR F 120 -17.13 -17.08 3.71
CA THR F 120 -17.84 -17.15 4.97
C THR F 120 -16.89 -17.41 6.09
N ALA F 121 -15.91 -18.27 5.84
CA ALA F 121 -14.95 -18.62 6.87
C ALA F 121 -14.01 -17.48 7.23
N ALA F 122 -13.72 -16.62 6.28
CA ALA F 122 -12.84 -15.49 6.54
C ALA F 122 -13.55 -14.61 7.57
N TRP F 123 -14.84 -14.37 7.35
CA TRP F 123 -15.68 -13.56 8.25
C TRP F 123 -15.83 -14.23 9.59
N VAL F 124 -15.98 -15.55 9.60
CA VAL F 124 -16.11 -16.25 10.86
C VAL F 124 -14.80 -16.14 11.65
N ASP F 125 -13.67 -16.19 10.96
CA ASP F 125 -12.40 -16.07 11.68
C ASP F 125 -12.19 -14.67 12.18
N ALA F 126 -12.68 -13.69 11.43
CA ALA F 126 -12.54 -12.28 11.77
C ALA F 126 -13.22 -11.87 13.07
N VAL F 127 -14.35 -12.47 13.38
CA VAL F 127 -15.08 -12.14 14.59
C VAL F 127 -14.86 -13.17 15.66
N ARG F 128 -13.82 -13.96 15.52
CA ARG F 128 -13.50 -14.99 16.48
C ARG F 128 -13.23 -14.34 17.86
N GLY F 129 -13.49 -15.08 18.94
CA GLY F 129 -13.25 -14.56 20.28
C GLY F 129 -14.25 -13.49 20.65
N THR F 130 -15.37 -13.56 19.96
CA THR F 130 -16.47 -12.64 20.07
C THR F 130 -17.67 -13.58 20.08
N LYS F 131 -18.87 -13.08 20.40
CA LYS F 131 -20.05 -13.95 20.43
C LYS F 131 -20.86 -13.83 19.15
N ALA F 132 -20.44 -12.97 18.25
CA ALA F 132 -21.17 -12.73 17.02
C ALA F 132 -21.12 -13.90 16.07
N LYS F 133 -22.24 -14.09 15.37
CA LYS F 133 -22.44 -15.14 14.36
C LYS F 133 -22.62 -14.43 13.01
N ILE F 134 -22.10 -15.04 11.96
CA ILE F 134 -22.15 -14.43 10.65
C ILE F 134 -23.38 -14.97 10.02
N ARG F 135 -24.20 -14.10 9.46
CA ARG F 135 -25.43 -14.52 8.84
C ARG F 135 -25.52 -14.02 7.43
N ASP F 136 -26.38 -14.64 6.65
CA ASP F 136 -26.57 -14.26 5.25
C ASP F 136 -27.82 -13.45 5.05
N THR F 137 -28.16 -13.23 3.79
CA THR F 137 -29.31 -12.42 3.44
C THR F 137 -30.11 -13.05 2.30
N ARG F 138 -31.09 -12.32 1.78
CA ARG F 138 -31.89 -12.81 0.68
C ARG F 138 -31.27 -12.29 -0.63
N LYS F 139 -30.08 -11.70 -0.55
CA LYS F 139 -29.41 -11.21 -1.73
C LYS F 139 -28.66 -12.41 -2.32
N THR F 140 -29.41 -13.37 -2.86
CA THR F 140 -28.92 -14.61 -3.44
C THR F 140 -29.22 -14.63 -4.94
N LEU F 141 -28.63 -15.56 -5.70
CA LEU F 141 -28.92 -15.60 -7.14
C LEU F 141 -30.14 -16.49 -7.37
N PRO F 142 -31.03 -16.08 -8.27
CA PRO F 142 -32.24 -16.86 -8.58
C PRO F 142 -31.97 -18.28 -9.01
N GLY F 143 -32.53 -19.22 -8.28
CA GLY F 143 -32.33 -20.62 -8.61
C GLY F 143 -31.25 -21.24 -7.75
N LEU F 144 -30.46 -20.42 -7.06
CA LEU F 144 -29.39 -20.96 -6.25
C LEU F 144 -29.48 -20.67 -4.77
N ARG F 145 -30.58 -20.10 -4.30
CA ARG F 145 -30.66 -19.83 -2.88
C ARG F 145 -30.38 -21.00 -1.94
N ALA F 146 -31.01 -22.13 -2.15
CA ALA F 146 -30.81 -23.25 -1.24
C ALA F 146 -29.37 -23.69 -1.19
N LEU F 147 -28.69 -23.63 -2.33
CA LEU F 147 -27.30 -24.04 -2.40
C LEU F 147 -26.36 -23.01 -1.80
N GLN F 148 -26.56 -21.73 -2.11
CA GLN F 148 -25.75 -20.65 -1.57
C GLN F 148 -25.90 -20.56 -0.08
N LYS F 149 -27.11 -20.82 0.40
CA LYS F 149 -27.45 -20.80 1.82
C LYS F 149 -26.74 -21.96 2.51
N TYR F 150 -26.70 -23.09 1.82
CA TYR F 150 -26.04 -24.28 2.29
C TYR F 150 -24.53 -24.00 2.44
N ALA F 151 -23.95 -23.32 1.45
CA ALA F 151 -22.51 -23.02 1.47
C ALA F 151 -22.05 -22.13 2.59
N VAL F 152 -22.88 -21.17 3.00
CA VAL F 152 -22.45 -20.31 4.12
C VAL F 152 -22.43 -21.11 5.43
N ARG F 153 -23.34 -22.06 5.52
CA ARG F 153 -23.41 -22.92 6.69
C ARG F 153 -22.16 -23.77 6.76
N THR F 154 -21.76 -24.35 5.63
CA THR F 154 -20.55 -25.15 5.53
C THR F 154 -19.32 -24.32 5.95
N GLY F 155 -19.33 -23.02 5.67
CA GLY F 155 -18.22 -22.17 6.07
C GLY F 155 -18.25 -21.80 7.56
N GLY F 156 -19.38 -22.05 8.22
CA GLY F 156 -19.45 -21.73 9.62
C GLY F 156 -20.42 -20.60 9.95
N GLY F 157 -21.05 -20.02 8.94
CA GLY F 157 -22.02 -18.96 9.20
C GLY F 157 -23.36 -19.56 9.59
N VAL F 158 -24.36 -18.71 9.85
CA VAL F 158 -25.68 -19.19 10.23
C VAL F 158 -26.68 -18.48 9.33
N ASN F 159 -27.54 -19.27 8.71
CA ASN F 159 -28.53 -18.76 7.79
C ASN F 159 -29.52 -17.81 8.41
N HIS F 160 -29.99 -16.87 7.61
CA HIS F 160 -31.01 -15.93 8.05
C HIS F 160 -32.26 -16.59 7.44
N ARG F 161 -33.33 -15.85 7.21
CA ARG F 161 -34.52 -16.45 6.65
C ARG F 161 -34.30 -16.86 5.20
N LEU F 162 -35.04 -17.89 4.77
CA LEU F 162 -34.97 -18.43 3.42
C LEU F 162 -35.92 -17.75 2.46
N GLY F 163 -36.92 -17.08 3.00
CA GLY F 163 -37.85 -16.40 2.14
C GLY F 163 -38.65 -15.35 2.88
N LEU F 164 -39.72 -14.89 2.24
CA LEU F 164 -40.59 -13.84 2.74
C LEU F 164 -41.60 -14.24 3.86
N GLY F 165 -42.10 -15.46 3.84
CA GLY F 165 -43.05 -15.89 4.85
C GLY F 165 -42.42 -16.74 5.93
N ASP F 166 -41.13 -16.83 5.82
CA ASP F 166 -40.32 -17.61 6.72
C ASP F 166 -40.27 -17.00 8.11
N ALA F 167 -40.07 -15.69 8.16
CA ALA F 167 -39.93 -14.94 9.40
C ALA F 167 -40.22 -13.56 8.94
N ALA F 168 -40.61 -12.70 9.87
CA ALA F 168 -40.96 -11.34 9.51
C ALA F 168 -39.75 -10.44 9.62
N LEU F 169 -39.65 -9.46 8.73
CA LEU F 169 -38.55 -8.55 8.80
C LEU F 169 -39.09 -7.21 8.38
N ILE F 170 -39.23 -6.36 9.39
CA ILE F 170 -39.77 -5.07 9.12
C ILE F 170 -38.68 -4.14 8.63
N LYS F 171 -38.81 -3.74 7.37
CA LYS F 171 -37.84 -2.89 6.66
C LYS F 171 -38.28 -1.45 6.56
N ASP F 172 -37.38 -0.61 6.12
CA ASP F 172 -37.66 0.82 5.96
C ASP F 172 -38.92 1.14 5.16
N ASN F 173 -39.19 0.34 4.12
CA ASN F 173 -40.36 0.57 3.26
C ASN F 173 -41.68 0.22 3.89
N HIS F 174 -41.64 -0.66 4.87
CA HIS F 174 -42.84 -1.08 5.60
C HIS F 174 -43.14 -0.03 6.63
N VAL F 175 -42.09 0.40 7.34
CA VAL F 175 -42.18 1.43 8.37
C VAL F 175 -42.76 2.68 7.73
N ALA F 176 -42.30 2.98 6.52
CA ALA F 176 -42.77 4.11 5.75
C ALA F 176 -44.29 3.96 5.61
N ALA F 177 -44.70 2.84 5.03
CA ALA F 177 -46.10 2.55 4.81
C ALA F 177 -46.91 2.48 6.10
N ALA F 178 -46.38 1.85 7.14
CA ALA F 178 -47.10 1.74 8.41
C ALA F 178 -47.01 3.03 9.23
N GLY F 179 -46.15 3.94 8.73
CA GLY F 179 -45.94 5.23 9.37
C GLY F 179 -45.08 5.27 10.61
N SER F 180 -44.87 4.14 11.27
CA SER F 180 -44.07 4.13 12.49
C SER F 180 -43.55 2.73 12.78
N VAL F 181 -42.32 2.66 13.26
CA VAL F 181 -41.73 1.36 13.58
C VAL F 181 -42.55 0.64 14.58
N VAL F 182 -43.09 1.37 15.57
CA VAL F 182 -43.89 0.70 16.60
C VAL F 182 -45.23 0.25 16.01
N ASP F 183 -45.79 1.07 15.11
CA ASP F 183 -47.06 0.71 14.48
C ASP F 183 -46.90 -0.57 13.68
N ALA F 184 -45.90 -0.57 12.79
CA ALA F 184 -45.56 -1.71 11.95
C ALA F 184 -45.30 -2.96 12.81
N LEU F 185 -44.53 -2.82 13.89
CA LEU F 185 -44.21 -3.96 14.77
C LEU F 185 -45.49 -4.53 15.36
N ARG F 186 -46.36 -3.65 15.84
CA ARG F 186 -47.61 -4.12 16.40
C ARG F 186 -48.38 -4.90 15.29
N ALA F 187 -48.54 -4.26 14.13
CA ALA F 187 -49.24 -4.89 13.02
C ALA F 187 -48.76 -6.32 12.74
N VAL F 188 -47.45 -6.47 12.57
CA VAL F 188 -46.90 -7.79 12.29
C VAL F 188 -47.17 -8.73 13.46
N ARG F 189 -47.08 -8.22 14.68
CA ARG F 189 -47.32 -9.04 15.87
C ARG F 189 -48.74 -9.62 15.88
N ASN F 190 -49.67 -8.80 15.37
CA ASN F 190 -51.08 -9.16 15.30
C ASN F 190 -51.38 -10.14 14.19
N ALA F 191 -50.76 -9.92 13.05
CA ALA F 191 -50.98 -10.78 11.91
C ALA F 191 -50.26 -12.14 12.01
N ALA F 192 -49.03 -12.15 12.48
CA ALA F 192 -48.26 -13.39 12.55
C ALA F 192 -47.57 -13.51 13.88
N PRO F 193 -48.35 -13.67 14.95
CA PRO F 193 -47.84 -13.79 16.31
C PRO F 193 -46.92 -14.97 16.58
N ASP F 194 -46.96 -15.97 15.73
CA ASP F 194 -46.12 -17.17 15.93
C ASP F 194 -44.80 -17.11 15.14
N LEU F 195 -44.68 -16.06 14.32
CA LEU F 195 -43.53 -15.89 13.46
C LEU F 195 -42.45 -15.02 14.07
N PRO F 196 -41.18 -15.41 13.86
CA PRO F 196 -40.07 -14.62 14.41
C PRO F 196 -40.13 -13.22 13.79
N CYS F 197 -39.85 -12.20 14.61
CA CYS F 197 -39.89 -10.85 14.11
C CYS F 197 -38.57 -10.13 14.33
N GLU F 198 -38.14 -9.44 13.29
CA GLU F 198 -36.89 -8.72 13.30
C GLU F 198 -37.32 -7.41 12.75
N VAL F 199 -36.86 -6.32 13.38
CA VAL F 199 -37.21 -4.99 12.91
C VAL F 199 -35.96 -4.26 12.57
N GLU F 200 -36.00 -3.55 11.45
CA GLU F 200 -34.89 -2.78 10.98
C GLU F 200 -34.99 -1.29 11.38
N VAL F 201 -33.97 -0.74 12.07
CA VAL F 201 -33.96 0.69 12.46
C VAL F 201 -32.85 1.41 11.74
N ASP F 202 -33.11 2.65 11.38
CA ASP F 202 -32.16 3.48 10.66
C ASP F 202 -31.52 4.54 11.55
N SER F 203 -31.99 4.69 12.79
CA SER F 203 -31.47 5.72 13.68
C SER F 203 -31.57 5.31 15.14
N LEU F 204 -30.86 6.05 15.99
CA LEU F 204 -30.87 5.77 17.42
C LEU F 204 -32.24 6.12 18.01
N GLU F 205 -32.94 7.05 17.36
CA GLU F 205 -34.28 7.46 17.76
C GLU F 205 -35.21 6.27 17.59
N GLN F 206 -35.21 5.66 16.39
CA GLN F 206 -36.05 4.48 16.12
C GLN F 206 -35.68 3.37 17.07
N LEU F 207 -34.39 3.21 17.34
CA LEU F 207 -33.96 2.18 18.26
C LEU F 207 -34.62 2.37 19.63
N ASP F 208 -34.65 3.61 20.12
CA ASP F 208 -35.26 3.91 21.44
C ASP F 208 -36.74 3.59 21.42
N ALA F 209 -37.38 3.89 20.30
CA ALA F 209 -38.80 3.63 20.11
C ALA F 209 -39.17 2.15 20.07
N VAL F 210 -38.25 1.29 19.61
CA VAL F 210 -38.60 -0.13 19.53
C VAL F 210 -38.08 -1.02 20.63
N LEU F 211 -37.06 -0.58 21.35
CA LEU F 211 -36.50 -1.41 22.44
C LEU F 211 -37.52 -1.81 23.49
N PRO F 212 -38.39 -0.87 23.89
CA PRO F 212 -39.40 -1.22 24.88
C PRO F 212 -40.42 -2.24 24.34
N GLU F 213 -40.70 -2.21 23.03
CA GLU F 213 -41.64 -3.15 22.41
C GLU F 213 -41.10 -4.58 22.47
N LYS F 214 -39.81 -4.69 22.74
CA LYS F 214 -39.12 -5.98 22.83
C LYS F 214 -39.27 -6.96 21.64
N PRO F 215 -38.81 -6.54 20.44
CA PRO F 215 -38.92 -7.44 19.29
C PRO F 215 -37.85 -8.52 19.50
N GLU F 216 -37.92 -9.62 18.75
CA GLU F 216 -36.94 -10.71 18.89
C GLU F 216 -35.53 -10.25 18.52
N LEU F 217 -35.45 -9.51 17.42
CA LEU F 217 -34.17 -9.06 16.92
C LEU F 217 -34.32 -7.68 16.35
N ILE F 218 -33.24 -6.92 16.41
CA ILE F 218 -33.21 -5.59 15.84
C ILE F 218 -31.98 -5.54 14.92
N LEU F 219 -32.23 -5.12 13.68
CA LEU F 219 -31.22 -5.01 12.66
C LEU F 219 -30.81 -3.55 12.59
N LEU F 220 -29.56 -3.26 12.98
CA LEU F 220 -29.02 -1.91 12.95
C LEU F 220 -28.54 -1.67 11.54
N ASP F 221 -29.31 -0.92 10.77
CA ASP F 221 -28.97 -0.67 9.40
C ASP F 221 -28.05 0.49 9.16
N ASN F 222 -26.86 0.17 8.69
CA ASN F 222 -25.89 1.19 8.37
C ASN F 222 -25.50 2.08 9.53
N PHE F 223 -25.26 1.49 10.69
CA PHE F 223 -24.83 2.22 11.88
C PHE F 223 -23.30 2.36 11.91
N ALA F 224 -22.81 3.52 12.34
CA ALA F 224 -21.37 3.73 12.48
C ALA F 224 -21.01 2.89 13.68
N VAL F 225 -19.74 2.51 13.84
CA VAL F 225 -19.37 1.69 15.00
C VAL F 225 -19.75 2.33 16.31
N TRP F 226 -19.67 3.66 16.41
CA TRP F 226 -20.00 4.34 17.67
C TRP F 226 -21.47 4.21 17.98
N GLN F 227 -22.31 4.22 16.95
CA GLN F 227 -23.74 4.06 17.17
C GLN F 227 -24.06 2.63 17.53
N THR F 228 -23.27 1.71 16.99
CA THR F 228 -23.49 0.31 17.26
C THR F 228 -23.21 0.08 18.74
N GLN F 229 -22.13 0.68 19.23
CA GLN F 229 -21.73 0.57 20.63
C GLN F 229 -22.81 1.11 21.56
N THR F 230 -23.36 2.28 21.23
CA THR F 230 -24.43 2.92 22.01
C THR F 230 -25.61 1.96 22.02
N ALA F 231 -25.97 1.47 20.83
CA ALA F 231 -27.05 0.52 20.64
C ALA F 231 -26.90 -0.66 21.59
N VAL F 232 -25.73 -1.26 21.64
CA VAL F 232 -25.53 -2.40 22.52
C VAL F 232 -25.70 -1.99 23.97
N GLN F 233 -25.26 -0.78 24.31
CA GLN F 233 -25.36 -0.27 25.68
C GLN F 233 -26.82 -0.03 26.06
N ARG F 234 -27.59 0.54 25.15
CA ARG F 234 -28.98 0.77 25.45
C ARG F 234 -29.72 -0.56 25.60
N ARG F 235 -29.52 -1.50 24.67
CA ARG F 235 -30.17 -2.81 24.71
C ARG F 235 -29.87 -3.49 26.02
N ASP F 236 -28.59 -3.56 26.37
CA ASP F 236 -28.20 -4.20 27.61
C ASP F 236 -28.88 -3.65 28.85
N SER F 237 -29.21 -2.36 28.83
CA SER F 237 -29.83 -1.76 29.99
C SER F 237 -31.33 -1.79 29.98
N ARG F 238 -31.93 -1.66 28.80
CA ARG F 238 -33.39 -1.61 28.69
C ARG F 238 -34.11 -2.86 28.23
N ALA F 239 -33.45 -3.71 27.46
CA ALA F 239 -34.10 -4.90 26.95
C ALA F 239 -33.07 -5.99 26.70
N PRO F 240 -32.48 -6.52 27.77
CA PRO F 240 -31.46 -7.57 27.67
C PRO F 240 -31.80 -8.76 26.79
N THR F 241 -33.07 -8.96 26.49
CA THR F 241 -33.46 -10.10 25.66
C THR F 241 -33.50 -9.81 24.16
N VAL F 242 -33.46 -8.54 23.78
CA VAL F 242 -33.53 -8.18 22.37
C VAL F 242 -32.18 -8.41 21.73
N MET F 243 -32.18 -9.14 20.62
CA MET F 243 -30.94 -9.42 19.95
C MET F 243 -30.72 -8.36 18.93
N LEU F 244 -29.44 -8.06 18.73
CA LEU F 244 -28.98 -7.01 17.83
C LEU F 244 -28.17 -7.59 16.68
N GLU F 245 -28.45 -7.13 15.46
CA GLU F 245 -27.79 -7.63 14.28
C GLU F 245 -27.32 -6.48 13.42
N SER F 246 -26.04 -6.45 13.06
CA SER F 246 -25.52 -5.36 12.24
C SER F 246 -25.63 -5.74 10.78
N SER F 247 -26.03 -4.78 9.96
CA SER F 247 -26.13 -4.98 8.53
C SER F 247 -26.02 -3.64 7.83
N GLY F 248 -25.35 -3.63 6.69
CA GLY F 248 -25.20 -2.39 5.94
C GLY F 248 -23.78 -2.10 5.48
N GLY F 249 -23.07 -1.24 6.23
CA GLY F 249 -21.71 -0.87 5.83
C GLY F 249 -20.67 -1.88 6.29
N LEU F 250 -20.84 -3.16 5.89
CA LEU F 250 -19.96 -4.23 6.34
C LEU F 250 -18.90 -4.75 5.37
N SER F 251 -17.64 -4.59 5.79
CA SER F 251 -16.53 -5.05 4.99
C SER F 251 -15.79 -6.00 5.87
N LEU F 252 -15.01 -6.84 5.23
CA LEU F 252 -14.26 -7.80 5.99
C LEU F 252 -13.22 -7.04 6.84
N GLN F 253 -12.85 -5.82 6.44
CA GLN F 253 -11.85 -5.05 7.20
C GLN F 253 -12.38 -4.50 8.53
N THR F 254 -13.70 -4.26 8.56
CA THR F 254 -14.38 -3.73 9.73
C THR F 254 -15.18 -4.76 10.52
N ALA F 255 -15.31 -5.99 10.05
CA ALA F 255 -16.05 -7.04 10.77
C ALA F 255 -15.78 -7.12 12.28
N ALA F 256 -14.53 -7.26 12.68
CA ALA F 256 -14.19 -7.37 14.08
C ALA F 256 -14.55 -6.12 14.89
N THR F 257 -14.35 -4.96 14.28
CA THR F 257 -14.63 -3.69 14.92
C THR F 257 -16.10 -3.62 15.31
N TYR F 258 -16.98 -4.08 14.42
CA TYR F 258 -18.41 -4.12 14.71
C TYR F 258 -18.72 -5.23 15.69
N ALA F 259 -18.07 -6.37 15.53
CA ALA F 259 -18.30 -7.49 16.41
C ALA F 259 -17.92 -7.18 17.83
N GLU F 260 -16.83 -6.43 18.02
CA GLU F 260 -16.35 -6.07 19.35
C GLU F 260 -17.34 -5.25 20.16
N THR F 261 -18.24 -4.55 19.50
CA THR F 261 -19.26 -3.74 20.17
C THR F 261 -20.24 -4.63 20.95
N GLY F 262 -20.23 -5.93 20.64
CA GLY F 262 -21.09 -6.86 21.34
C GLY F 262 -22.39 -7.25 20.64
N VAL F 263 -22.53 -6.94 19.35
CA VAL F 263 -23.73 -7.32 18.64
C VAL F 263 -23.73 -8.81 18.51
N ASP F 264 -24.90 -9.37 18.30
CA ASP F 264 -25.04 -10.80 18.23
C ASP F 264 -24.74 -11.39 16.85
N TYR F 265 -25.06 -10.63 15.82
CA TYR F 265 -24.87 -11.10 14.47
C TYR F 265 -24.44 -10.00 13.55
N LEU F 266 -23.84 -10.40 12.43
CA LEU F 266 -23.44 -9.49 11.35
C LEU F 266 -24.09 -10.17 10.18
N ALA F 267 -24.94 -9.43 9.48
CA ALA F 267 -25.63 -9.96 8.32
C ALA F 267 -24.91 -9.45 7.09
N VAL F 268 -24.25 -10.36 6.36
CA VAL F 268 -23.42 -10.02 5.19
C VAL F 268 -23.92 -10.48 3.80
N GLY F 269 -24.42 -9.52 3.04
CA GLY F 269 -24.88 -9.82 1.71
C GLY F 269 -23.77 -10.21 0.76
N ALA F 270 -22.55 -9.69 0.96
CA ALA F 270 -21.40 -9.99 0.09
C ALA F 270 -21.13 -11.45 0.01
N LEU F 271 -21.48 -12.15 1.09
CA LEU F 271 -21.27 -13.58 1.21
C LEU F 271 -21.92 -14.34 0.04
N THR F 272 -22.98 -13.77 -0.52
CA THR F 272 -23.71 -14.44 -1.57
C THR F 272 -23.86 -13.68 -2.86
N HIS F 273 -23.62 -12.38 -2.85
CA HIS F 273 -23.79 -11.60 -4.08
C HIS F 273 -22.49 -11.13 -4.73
N SER F 274 -21.37 -11.33 -4.06
CA SER F 274 -20.09 -10.90 -4.62
C SER F 274 -19.13 -12.01 -4.34
N VAL F 275 -19.41 -13.21 -4.83
CA VAL F 275 -18.54 -14.35 -4.55
C VAL F 275 -17.41 -14.52 -5.57
N ARG F 276 -16.21 -14.83 -5.05
CA ARG F 276 -15.06 -15.08 -5.85
C ARG F 276 -14.98 -16.59 -5.88
N VAL F 277 -14.85 -17.16 -7.05
CA VAL F 277 -14.81 -18.61 -7.19
C VAL F 277 -13.57 -19.23 -6.59
N LEU F 278 -13.70 -20.45 -6.07
CA LEU F 278 -12.53 -21.18 -5.57
C LEU F 278 -12.07 -21.92 -6.84
N ASP F 279 -10.83 -21.72 -7.24
CA ASP F 279 -10.35 -22.35 -8.46
C ASP F 279 -10.04 -23.84 -8.32
N ILE F 280 -10.84 -24.65 -9.01
CA ILE F 280 -10.76 -26.10 -8.98
C ILE F 280 -10.73 -26.64 -10.41
N GLY F 281 -9.93 -27.67 -10.64
CA GLY F 281 -9.86 -28.26 -11.96
C GLY F 281 -10.07 -29.78 -11.89
N LEU F 282 -10.45 -30.37 -13.01
CA LEU F 282 -10.65 -31.81 -13.10
C LEU F 282 -9.37 -32.24 -13.78
N ASP F 283 -8.60 -33.06 -13.09
CA ASP F 283 -7.33 -33.56 -13.62
C ASP F 283 -7.36 -35.03 -13.90
N MET F 284 -7.00 -35.39 -15.13
CA MET F 284 -6.95 -36.76 -15.58
C MET F 284 -5.49 -37.05 -15.88
#